data_6KSE
#
_entry.id   6KSE
#
_cell.length_a   62.451
_cell.length_b   147.597
_cell.length_c   66.224
_cell.angle_alpha   90.000
_cell.angle_beta   93.090
_cell.angle_gamma   90.000
#
_symmetry.space_group_name_H-M   'P 1 21 1'
#
loop_
_entity.id
_entity.type
_entity.pdbx_description
1 polymer 'Acyl-CoA dehydrogenase FadE5'
2 non-polymer 'FLAVIN-ADENINE DINUCLEOTIDE'
3 non-polymer 'STEAROYL-COENZYME A'
4 water water
#
_entity_poly.entity_id   1
_entity_poly.type   'polypeptide(L)'
_entity_poly.pdbx_seq_one_letter_code
;MSHYRSNVRDQVFNLFEVLGVDKALGHGEFSDVDVDTARDMLAEVSRLAEGPVAESFVEGDRNPPVFDPKTHSVMLPESF
KKSVNAMLEAGWDKVGIDEALGGMPMPKAVVWALHEHILGANPAVWMYAGGAGFAQILYHLGTEEQKKWAVLAAERGWGS
TMVLTEPDAGSDVGAARTKAVQQADGSWHIDGVKRFITSGDSGDLFENIFHLVLARPEGAGPGTKGLSLYFVPKFLFDVE
TGEPGERNGVFVTNVEHKMGLKVSATCELAFGQHGVPAKGWLVGEVHNGIAQMFEVIEQARMMVGTKAIATLSTGYLNAL
QYAKSRVQGADLTQMTDKTAPRVTITHHPDVRRSLMTQKAYAEGLRALYLYTATFQDAAVAEVVHGVDAKLAVKVNDLML
PVVKGVGSEQAYAKLTESLQTLGGSGFLQDYPIEQYIRDAKIDSLYAGTTAIQAQDFFFRKIVRDKGVALAHVSGQIQEF
VDSGAGNGRLKTERALLAKALTDVQGMAAALTGYLMAAQQDVTSLYKVGLGSVRFLMSVGDLIIGWLLQRQAAVAVAALD
AGATGDERSFYEGKVAVASFFAKNFLPLLTSTREVIETLDNDIMELDEAAF
;
_entity_poly.pdbx_strand_id   A,B
#
loop_
_chem_comp.id
_chem_comp.type
_chem_comp.name
_chem_comp.formula
FAD non-polymer 'FLAVIN-ADENINE DINUCLEOTIDE' 'C27 H33 N9 O15 P2'
ST9 non-polymer 'STEAROYL-COENZYME A' 'C39 H70 N7 O17 P3 S'
#
# COMPACT_ATOMS: atom_id res chain seq x y z
N MET A 1 -6.47 20.39 17.78
CA MET A 1 -5.03 20.03 17.72
C MET A 1 -4.65 19.56 16.31
N SER A 2 -3.56 18.80 16.20
CA SER A 2 -2.92 18.56 14.91
C SER A 2 -3.27 17.19 14.36
N HIS A 3 -2.57 16.80 13.28
CA HIS A 3 -2.74 15.47 12.72
C HIS A 3 -2.21 14.37 13.65
N TYR A 4 -1.19 14.68 14.44
CA TYR A 4 -0.46 13.65 15.17
C TYR A 4 -1.21 13.27 16.45
N ARG A 5 -1.48 11.97 16.60
CA ARG A 5 -2.17 11.42 17.74
C ARG A 5 -1.23 10.46 18.45
N SER A 6 -0.93 10.75 19.72
CA SER A 6 0.07 10.00 20.48
C SER A 6 -0.59 8.96 21.38
N ASN A 7 0.25 8.07 21.92
CA ASN A 7 -0.20 7.07 22.88
C ASN A 7 0.89 6.89 23.95
N VAL A 8 1.05 7.92 24.78
CA VAL A 8 1.99 7.82 25.90
C VAL A 8 1.61 6.66 26.81
N ARG A 9 0.31 6.50 27.07
CA ARG A 9 -0.14 5.47 28.00
C ARG A 9 0.40 4.10 27.60
N ASP A 10 0.41 3.79 26.29
CA ASP A 10 0.87 2.49 25.85
C ASP A 10 2.38 2.37 25.99
N GLN A 11 3.11 3.47 25.72
CA GLN A 11 4.56 3.45 25.92
C GLN A 11 4.88 3.16 27.38
N VAL A 12 4.22 3.86 28.30
CA VAL A 12 4.42 3.64 29.73
C VAL A 12 4.12 2.19 30.08
N PHE A 13 2.97 1.69 29.62
CA PHE A 13 2.58 0.30 29.83
C PHE A 13 3.71 -0.65 29.45
N ASN A 14 4.21 -0.54 28.21
CA ASN A 14 5.28 -1.42 27.77
C ASN A 14 6.52 -1.25 28.65
N LEU A 15 6.96 -0.02 28.84
CA LEU A 15 8.25 0.21 29.50
C LEU A 15 8.21 -0.22 30.98
N PHE A 16 7.12 0.11 31.67
CA PHE A 16 7.13 0.09 33.13
C PHE A 16 6.12 -0.87 33.74
N GLU A 17 5.37 -1.63 32.94
CA GLU A 17 4.53 -2.70 33.47
C GLU A 17 4.83 -4.05 32.85
N VAL A 18 5.39 -4.11 31.65
CA VAL A 18 5.61 -5.36 30.94
C VAL A 18 7.09 -5.67 30.78
N LEU A 19 7.87 -4.73 30.26
CA LEU A 19 9.24 -5.02 29.87
C LEU A 19 10.24 -4.88 31.00
N GLY A 20 9.90 -4.23 32.10
CA GLY A 20 10.77 -4.17 33.25
C GLY A 20 11.81 -3.09 33.21
N VAL A 21 11.70 -2.10 32.32
CA VAL A 21 12.66 -1.01 32.28
C VAL A 21 12.68 -0.25 33.60
N ASP A 22 11.59 -0.32 34.37
CA ASP A 22 11.56 0.33 35.67
C ASP A 22 12.64 -0.20 36.60
N LYS A 23 13.03 -1.48 36.45
CA LYS A 23 14.05 -2.05 37.31
C LYS A 23 15.42 -1.43 37.08
N ALA A 24 15.67 -0.89 35.89
CA ALA A 24 16.94 -0.25 35.60
C ALA A 24 16.96 1.22 36.00
N LEU A 25 15.79 1.85 36.14
CA LEU A 25 15.73 3.25 36.50
C LEU A 25 15.96 3.45 37.99
N GLY A 26 16.68 4.51 38.33
CA GLY A 26 17.09 4.77 39.69
C GLY A 26 18.42 4.13 40.06
N HIS A 27 19.08 3.47 39.12
CA HIS A 27 20.30 2.74 39.39
C HIS A 27 21.29 2.97 38.27
N GLY A 28 22.56 2.63 38.53
CA GLY A 28 23.59 2.81 37.52
C GLY A 28 23.63 4.22 36.98
N GLU A 29 23.73 4.33 35.64
CA GLU A 29 23.79 5.63 34.99
C GLU A 29 22.49 6.42 35.12
N PHE A 30 21.39 5.76 35.48
CA PHE A 30 20.06 6.36 35.49
C PHE A 30 19.63 6.76 36.89
N SER A 31 20.62 7.07 37.74
CA SER A 31 20.37 7.66 39.05
C SER A 31 19.24 8.68 39.02
N ASP A 32 19.29 9.61 38.07
CA ASP A 32 18.46 10.81 38.09
C ASP A 32 17.15 10.65 37.35
N VAL A 33 16.80 9.44 36.93
CA VAL A 33 15.54 9.20 36.23
C VAL A 33 14.82 8.08 36.94
N ASP A 34 13.60 8.35 37.38
CA ASP A 34 12.71 7.33 37.90
C ASP A 34 11.49 7.25 36.99
N VAL A 35 10.61 6.29 37.30
CA VAL A 35 9.43 6.06 36.47
C VAL A 35 8.68 7.37 36.24
N ASP A 36 8.48 8.15 37.31
CA ASP A 36 7.70 9.38 37.17
C ASP A 36 8.40 10.40 36.27
N THR A 37 9.70 10.57 36.42
CA THR A 37 10.43 11.51 35.58
C THR A 37 10.31 11.12 34.10
N ALA A 38 10.28 9.81 33.82
CA ALA A 38 10.19 9.38 32.42
C ALA A 38 8.78 9.59 31.88
N ARG A 39 7.76 9.30 32.69
CA ARG A 39 6.39 9.52 32.25
C ARG A 39 6.17 11.00 31.92
N ASP A 40 6.71 11.90 32.75
CA ASP A 40 6.57 13.33 32.48
C ASP A 40 7.32 13.71 31.21
N MET A 41 8.50 13.15 31.00
CA MET A 41 9.25 13.46 29.79
C MET A 41 8.51 12.94 28.55
N LEU A 42 7.96 11.73 28.63
CA LEU A 42 7.17 11.23 27.51
C LEU A 42 5.98 12.13 27.24
N ALA A 43 5.32 12.61 28.30
CA ALA A 43 4.20 13.52 28.12
C ALA A 43 4.66 14.86 27.57
N GLU A 44 5.83 15.33 27.97
CA GLU A 44 6.31 16.63 27.51
C GLU A 44 6.67 16.59 26.03
N VAL A 45 7.41 15.56 25.60
CA VAL A 45 7.70 15.45 24.17
C VAL A 45 6.41 15.15 23.40
N SER A 46 5.44 14.53 24.06
CA SER A 46 4.10 14.25 23.50
C SER A 46 3.52 15.54 22.97
N ARG A 47 3.62 16.59 23.76
CA ARG A 47 2.96 17.84 23.52
C ARG A 47 3.75 18.63 22.50
N LEU A 48 5.08 18.58 22.59
CA LEU A 48 5.90 19.24 21.58
C LEU A 48 5.69 18.60 20.21
N ALA A 49 5.59 17.28 20.16
CA ALA A 49 5.31 16.60 18.90
C ALA A 49 3.97 17.04 18.33
N GLU A 50 2.94 17.11 19.19
CA GLU A 50 1.61 17.40 18.71
C GLU A 50 1.47 18.84 18.24
N GLY A 51 2.27 19.76 18.77
CA GLY A 51 2.14 21.17 18.48
C GLY A 51 3.22 21.68 17.54
N PRO A 52 4.30 22.23 18.11
CA PRO A 52 5.30 22.88 17.25
C PRO A 52 5.89 21.97 16.19
N VAL A 53 6.01 20.67 16.45
CA VAL A 53 6.63 19.78 15.49
C VAL A 53 5.63 19.36 14.41
N ALA A 54 4.42 18.93 14.81
CA ALA A 54 3.41 18.58 13.84
C ALA A 54 2.95 19.78 13.03
N GLU A 55 3.22 20.99 13.52
CA GLU A 55 2.74 22.20 12.87
C GLU A 55 3.13 22.25 11.40
N SER A 56 4.36 21.85 11.08
CA SER A 56 4.88 21.98 9.73
C SER A 56 4.76 20.69 8.91
N PHE A 57 4.05 19.69 9.42
CA PHE A 57 3.97 18.40 8.74
C PHE A 57 3.33 18.54 7.37
N VAL A 58 2.22 19.25 7.29
CA VAL A 58 1.48 19.38 6.03
C VAL A 58 2.21 20.30 5.05
N GLU A 59 2.70 21.44 5.54
CA GLU A 59 3.40 22.37 4.65
C GLU A 59 4.66 21.74 4.06
N GLY A 60 5.38 20.94 4.84
CA GLY A 60 6.58 20.31 4.34
C GLY A 60 6.33 19.44 3.13
N ASP A 61 5.12 18.86 3.05
CA ASP A 61 4.77 18.00 1.93
C ASP A 61 4.19 18.79 0.76
N ARG A 62 3.32 19.75 1.04
CA ARG A 62 2.64 20.49 -0.03
C ARG A 62 3.45 21.66 -0.56
N ASN A 63 4.47 22.11 0.16
CA ASN A 63 5.40 23.14 -0.31
C ASN A 63 6.82 22.64 -0.03
N PRO A 64 7.36 21.76 -0.87
CA PRO A 64 8.62 21.08 -0.54
C PRO A 64 9.81 22.02 -0.67
N PRO A 65 10.99 21.59 -0.20
CA PRO A 65 12.16 22.47 -0.22
C PRO A 65 12.60 22.85 -1.61
N VAL A 66 13.16 24.05 -1.73
CA VAL A 66 13.57 24.62 -3.01
C VAL A 66 15.07 24.46 -3.14
N PHE A 67 15.51 23.92 -4.27
CA PHE A 67 16.92 23.69 -4.55
C PHE A 67 17.43 24.79 -5.48
N ASP A 68 18.52 25.45 -5.06
CA ASP A 68 19.16 26.47 -5.88
C ASP A 68 20.45 25.90 -6.46
N PRO A 69 20.51 25.59 -7.75
CA PRO A 69 21.69 24.88 -8.26
C PRO A 69 22.96 25.74 -8.29
N LYS A 70 22.84 27.06 -8.42
CA LYS A 70 24.04 27.88 -8.56
C LYS A 70 24.77 28.03 -7.24
N THR A 71 24.04 28.04 -6.12
CA THR A 71 24.64 28.09 -4.79
C THR A 71 24.63 26.73 -4.10
N HIS A 72 24.21 25.68 -4.80
CA HIS A 72 24.23 24.32 -4.26
C HIS A 72 23.57 24.26 -2.88
N SER A 73 22.44 24.94 -2.75
CA SER A 73 21.80 25.09 -1.46
C SER A 73 20.33 24.71 -1.52
N VAL A 74 19.84 24.17 -0.41
CA VAL A 74 18.44 23.81 -0.24
C VAL A 74 17.81 24.83 0.70
N MET A 75 16.63 25.35 0.34
CA MET A 75 15.87 26.23 1.21
C MET A 75 14.66 25.47 1.73
N LEU A 76 14.60 25.29 3.08
CA LEU A 76 13.50 24.60 3.76
C LEU A 76 12.42 25.60 4.18
N PRO A 77 11.16 25.17 4.22
CA PRO A 77 10.09 26.07 4.69
C PRO A 77 10.40 26.62 6.07
N GLU A 78 10.07 27.90 6.27
CA GLU A 78 10.35 28.55 7.55
C GLU A 78 9.63 27.85 8.70
N SER A 79 8.37 27.46 8.50
CA SER A 79 7.65 26.77 9.55
C SER A 79 8.33 25.44 9.91
N PHE A 80 8.95 24.79 8.94
CA PHE A 80 9.65 23.55 9.22
C PHE A 80 10.93 23.82 10.01
N LYS A 81 11.71 24.82 9.61
CA LYS A 81 12.89 25.22 10.38
C LYS A 81 12.51 25.52 11.83
N LYS A 82 11.34 26.16 12.03
CA LYS A 82 10.85 26.38 13.38
C LYS A 82 10.66 25.07 14.13
N SER A 83 10.12 24.06 13.44
CA SER A 83 9.89 22.76 14.08
C SER A 83 11.20 22.12 14.50
N VAL A 84 12.20 22.12 13.62
CA VAL A 84 13.50 21.54 13.96
C VAL A 84 14.10 22.27 15.16
N ASN A 85 14.08 23.62 15.13
CA ASN A 85 14.70 24.37 16.21
C ASN A 85 13.94 24.20 17.51
N ALA A 86 12.64 23.96 17.46
CA ALA A 86 11.89 23.69 18.68
C ALA A 86 12.36 22.39 19.33
N MET A 87 12.65 21.38 18.50
CA MET A 87 13.19 20.13 19.02
C MET A 87 14.55 20.35 19.67
N LEU A 88 15.44 21.07 18.98
CA LEU A 88 16.80 21.24 19.45
C LEU A 88 16.86 22.08 20.71
N GLU A 89 16.01 23.11 20.81
CA GLU A 89 16.06 23.99 21.97
C GLU A 89 15.57 23.28 23.23
N ALA A 90 14.69 22.30 23.08
CA ALA A 90 14.25 21.49 24.21
C ALA A 90 15.21 20.35 24.54
N GLY A 91 16.24 20.13 23.72
CA GLY A 91 17.26 19.14 24.03
C GLY A 91 16.88 17.71 23.78
N TRP A 92 15.81 17.45 23.03
CA TRP A 92 15.36 16.08 22.81
C TRP A 92 16.33 15.26 21.97
N ASP A 93 17.20 15.93 21.20
CA ASP A 93 18.19 15.24 20.39
C ASP A 93 19.38 14.74 21.21
N LYS A 94 19.54 15.19 22.44
CA LYS A 94 20.70 14.88 23.26
C LYS A 94 20.38 13.93 24.40
N VAL A 95 19.15 13.40 24.42
CA VAL A 95 18.75 12.46 25.48
C VAL A 95 19.47 11.14 25.25
N GLY A 96 20.17 10.67 26.28
CA GLY A 96 20.95 9.46 26.20
C GLY A 96 22.32 9.64 25.60
N ILE A 97 22.71 10.84 25.26
CA ILE A 97 23.99 11.16 24.66
C ILE A 97 25.03 11.36 25.77
N ASP A 98 26.28 10.99 25.47
CA ASP A 98 27.37 11.24 26.39
C ASP A 98 27.31 12.67 26.94
N GLU A 99 27.61 12.82 28.23
CA GLU A 99 27.56 14.15 28.84
C GLU A 99 28.57 15.09 28.17
N ALA A 100 29.71 14.57 27.71
CA ALA A 100 30.69 15.39 27.03
C ALA A 100 30.08 16.17 25.88
N LEU A 101 28.98 15.67 25.30
CA LEU A 101 28.36 16.28 24.13
C LEU A 101 27.06 16.99 24.48
N GLY A 102 26.77 17.20 25.77
CA GLY A 102 25.61 17.93 26.19
C GLY A 102 24.41 17.10 26.54
N GLY A 103 24.54 15.78 26.58
CA GLY A 103 23.44 14.90 26.90
C GLY A 103 23.49 14.43 28.35
N MET A 104 22.48 13.66 28.71
CA MET A 104 22.40 13.06 30.03
C MET A 104 21.86 11.66 29.91
N PRO A 105 22.23 10.76 30.84
CA PRO A 105 21.94 9.34 30.65
C PRO A 105 20.46 9.04 30.56
N MET A 106 20.11 8.11 29.67
CA MET A 106 18.73 7.65 29.52
C MET A 106 18.76 6.29 28.84
N PRO A 107 18.02 5.29 29.32
CA PRO A 107 18.00 3.99 28.64
C PRO A 107 17.49 4.14 27.22
N LYS A 108 18.07 3.36 26.30
CA LYS A 108 17.68 3.46 24.89
C LYS A 108 16.19 3.19 24.72
N ALA A 109 15.61 2.30 25.53
CA ALA A 109 14.19 2.02 25.41
C ALA A 109 13.38 3.29 25.60
N VAL A 110 13.77 4.13 26.57
CA VAL A 110 13.05 5.37 26.80
C VAL A 110 13.41 6.39 25.72
N VAL A 111 14.65 6.39 25.22
CA VAL A 111 15.02 7.35 24.19
C VAL A 111 14.20 7.12 22.92
N TRP A 112 14.06 5.86 22.51
CA TRP A 112 13.27 5.56 21.31
C TRP A 112 11.79 5.84 21.54
N ALA A 113 11.30 5.61 22.76
CA ALA A 113 9.93 5.99 23.07
C ALA A 113 9.75 7.51 22.99
N LEU A 114 10.74 8.26 23.46
CA LEU A 114 10.68 9.72 23.32
C LEU A 114 10.62 10.11 21.85
N HIS A 115 11.55 9.57 21.05
CA HIS A 115 11.65 9.94 19.65
C HIS A 115 10.48 9.43 18.81
N GLU A 116 9.73 8.44 19.31
CA GLU A 116 8.56 7.96 18.59
C GLU A 116 7.62 9.12 18.26
N HIS A 117 7.51 10.10 19.15
CA HIS A 117 6.56 11.19 18.95
C HIS A 117 7.04 12.15 17.86
N ILE A 118 8.34 12.42 17.80
CA ILE A 118 8.86 13.23 16.72
C ILE A 118 8.71 12.51 15.39
N LEU A 119 8.98 11.21 15.38
CA LEU A 119 8.92 10.43 14.14
C LEU A 119 7.49 10.29 13.64
N GLY A 120 6.51 10.27 14.54
CA GLY A 120 5.12 10.20 14.14
C GLY A 120 4.56 11.54 13.71
N ALA A 121 5.06 12.63 14.28
CA ALA A 121 4.49 13.95 14.00
C ALA A 121 5.15 14.63 12.81
N ASN A 122 6.40 14.33 12.53
CA ASN A 122 7.15 14.97 11.45
C ASN A 122 8.51 14.29 11.35
N PRO A 123 8.60 13.10 10.77
CA PRO A 123 9.84 12.31 10.89
C PRO A 123 11.07 13.01 10.35
N ALA A 124 10.94 13.89 9.36
CA ALA A 124 12.11 14.57 8.82
C ALA A 124 12.77 15.45 9.86
N VAL A 125 12.01 15.95 10.83
CA VAL A 125 12.61 16.73 11.92
C VAL A 125 13.70 15.92 12.59
N TRP A 126 13.37 14.68 12.98
CA TRP A 126 14.35 13.81 13.60
C TRP A 126 15.59 13.65 12.74
N MET A 127 15.39 13.42 11.44
CA MET A 127 16.52 13.22 10.53
C MET A 127 17.42 14.45 10.48
N TYR A 128 16.83 15.62 10.22
CA TYR A 128 17.64 16.83 10.14
C TYR A 128 18.37 17.09 11.46
N ALA A 129 17.71 16.81 12.58
CA ALA A 129 18.25 17.11 13.90
C ALA A 129 19.15 16.03 14.45
N GLY A 130 19.47 15.00 13.67
CA GLY A 130 20.23 13.88 14.17
C GLY A 130 21.71 14.14 14.37
N GLY A 131 22.14 15.39 14.22
CA GLY A 131 23.56 15.68 14.25
C GLY A 131 24.25 15.25 15.53
N ALA A 132 23.57 15.43 16.66
CA ALA A 132 24.18 15.08 17.94
C ALA A 132 24.35 13.58 18.09
N GLY A 133 23.42 12.80 17.56
CA GLY A 133 23.58 11.35 17.57
C GLY A 133 24.70 10.88 16.67
N PHE A 134 24.90 11.58 15.54
CA PHE A 134 26.06 11.30 14.71
C PHE A 134 27.36 11.62 15.46
N ALA A 135 27.39 12.74 16.18
CA ALA A 135 28.58 13.12 16.92
C ALA A 135 28.94 12.08 17.96
N GLN A 136 27.95 11.53 18.64
CA GLN A 136 28.20 10.47 19.61
C GLN A 136 28.96 9.33 18.96
N ILE A 137 28.58 8.94 17.74
CA ILE A 137 29.31 7.87 17.05
C ILE A 137 30.72 8.35 16.68
N LEU A 138 30.83 9.57 16.14
CA LEU A 138 32.14 10.15 15.89
C LEU A 138 32.99 10.17 17.16
N TYR A 139 32.36 10.47 18.29
CA TYR A 139 33.06 10.53 19.56
C TYR A 139 33.56 9.14 19.97
N HIS A 140 32.75 8.11 19.71
CA HIS A 140 33.17 6.75 20.06
C HIS A 140 34.32 6.28 19.19
N LEU A 141 34.30 6.64 17.91
CA LEU A 141 35.23 6.08 16.94
C LEU A 141 36.45 6.94 16.67
N GLY A 142 36.44 8.20 17.08
CA GLY A 142 37.45 9.11 16.62
C GLY A 142 38.74 9.03 17.43
N THR A 143 39.81 9.52 16.80
CA THR A 143 41.02 9.89 17.53
C THR A 143 40.67 10.91 18.60
N GLU A 144 41.64 11.17 19.49
CA GLU A 144 41.43 12.20 20.50
C GLU A 144 41.16 13.56 19.84
N GLU A 145 41.87 13.86 18.74
CA GLU A 145 41.62 15.11 18.03
C GLU A 145 40.19 15.14 17.49
N GLN A 146 39.74 14.04 16.88
CA GLN A 146 38.42 14.01 16.29
C GLN A 146 37.31 14.01 17.33
N LYS A 147 37.59 13.53 18.55
CA LYS A 147 36.60 13.60 19.61
C LYS A 147 36.34 15.04 20.05
N LYS A 148 37.37 15.90 19.96
CA LYS A 148 37.16 17.32 20.17
C LYS A 148 36.30 17.91 19.06
N TRP A 149 36.56 17.51 17.82
CA TRP A 149 35.70 17.93 16.71
C TRP A 149 34.25 17.48 16.96
N ALA A 150 34.08 16.25 17.46
CA ALA A 150 32.75 15.76 17.77
C ALA A 150 32.09 16.60 18.85
N VAL A 151 32.85 17.01 19.86
CA VAL A 151 32.31 17.87 20.91
C VAL A 151 31.83 19.19 20.31
N LEU A 152 32.66 19.82 19.48
CA LEU A 152 32.28 21.08 18.87
C LEU A 152 31.06 20.91 17.96
N ALA A 153 31.01 19.79 17.23
CA ALA A 153 29.84 19.53 16.39
C ALA A 153 28.58 19.45 17.24
N ALA A 154 28.66 18.82 18.41
CA ALA A 154 27.51 18.75 19.29
C ALA A 154 27.17 20.11 19.89
N GLU A 155 28.21 20.89 20.24
CA GLU A 155 27.97 22.17 20.91
C GLU A 155 27.49 23.24 19.93
N ARG A 156 28.04 23.26 18.71
CA ARG A 156 27.64 24.27 17.74
C ARG A 156 26.37 23.89 16.99
N GLY A 157 25.80 22.71 17.25
CA GLY A 157 24.53 22.33 16.65
C GLY A 157 24.59 21.96 15.19
N TRP A 158 25.68 21.35 14.75
CA TRP A 158 25.85 21.03 13.34
C TRP A 158 24.93 19.88 12.93
N GLY A 159 24.54 19.92 11.65
CA GLY A 159 23.88 18.78 11.06
C GLY A 159 24.87 17.74 10.59
N SER A 160 24.33 16.58 10.21
CA SER A 160 25.18 15.47 9.80
C SER A 160 24.44 14.61 8.78
N THR A 161 25.23 13.85 8.03
CA THR A 161 24.71 12.96 7.01
C THR A 161 25.49 11.65 7.05
N MET A 162 24.90 10.60 6.50
CA MET A 162 25.59 9.34 6.26
C MET A 162 25.64 9.12 4.76
N VAL A 163 26.83 8.96 4.21
CA VAL A 163 27.07 9.09 2.78
C VAL A 163 27.72 7.81 2.28
N LEU A 164 26.89 6.90 1.75
CA LEU A 164 27.37 5.67 1.15
C LEU A 164 26.99 5.55 -0.32
N THR A 165 25.73 5.80 -0.65
CA THR A 165 25.15 5.33 -1.89
C THR A 165 25.68 6.09 -3.10
N GLU A 166 25.87 5.35 -4.18
CA GLU A 166 26.15 5.89 -5.51
C GLU A 166 25.16 5.29 -6.49
N PRO A 167 25.05 5.86 -7.69
CA PRO A 167 24.12 5.29 -8.67
C PRO A 167 24.30 3.80 -8.90
N ASP A 168 25.52 3.29 -8.85
CA ASP A 168 25.79 1.88 -9.07
C ASP A 168 26.05 1.11 -7.78
N ALA A 169 25.83 1.74 -6.62
CA ALA A 169 26.13 1.11 -5.33
C ALA A 169 25.06 1.54 -4.33
N GLY A 170 23.94 0.82 -4.34
CA GLY A 170 22.89 1.03 -3.36
C GLY A 170 22.87 -0.08 -2.33
N SER A 171 22.22 -1.20 -2.65
CA SER A 171 22.33 -2.37 -1.79
C SER A 171 23.75 -2.89 -1.76
N ASP A 172 24.45 -2.81 -2.88
CA ASP A 172 25.83 -3.29 -3.01
C ASP A 172 26.78 -2.11 -2.74
N VAL A 173 26.89 -1.78 -1.46
CA VAL A 173 27.72 -0.65 -1.02
C VAL A 173 29.17 -0.84 -1.47
N GLY A 174 29.61 -2.08 -1.59
CA GLY A 174 31.00 -2.35 -1.93
C GLY A 174 31.39 -2.01 -3.35
N ALA A 175 30.42 -1.72 -4.21
CA ALA A 175 30.71 -1.30 -5.58
C ALA A 175 30.96 0.20 -5.70
N ALA A 176 30.95 0.93 -4.59
CA ALA A 176 31.17 2.37 -4.62
C ALA A 176 32.57 2.68 -5.16
N ARG A 177 32.68 3.82 -5.84
CA ARG A 177 33.91 4.20 -6.52
C ARG A 177 34.43 5.57 -6.13
N THR A 178 33.74 6.29 -5.25
CA THR A 178 34.29 7.51 -4.68
C THR A 178 35.68 7.22 -4.12
N LYS A 179 36.66 8.03 -4.52
CA LYS A 179 38.05 7.81 -4.17
C LYS A 179 38.50 8.72 -3.03
N ALA A 180 39.59 8.33 -2.37
CA ALA A 180 40.19 9.13 -1.32
C ALA A 180 41.70 9.12 -1.52
N VAL A 181 42.31 10.30 -1.57
CA VAL A 181 43.73 10.47 -1.83
C VAL A 181 44.35 11.17 -0.64
N GLN A 182 45.33 10.53 0.00
CA GLN A 182 45.97 11.11 1.16
C GLN A 182 46.86 12.29 0.76
N GLN A 183 46.81 13.34 1.56
CA GLN A 183 47.64 14.53 1.37
C GLN A 183 48.79 14.54 2.36
N ALA A 184 49.81 15.33 2.05
CA ALA A 184 50.97 15.45 2.92
C ALA A 184 50.57 15.94 4.30
N ASP A 185 49.56 16.81 4.40
CA ASP A 185 49.16 17.37 5.68
C ASP A 185 48.35 16.40 6.52
N GLY A 186 48.10 15.19 6.05
CA GLY A 186 47.37 14.20 6.79
C GLY A 186 45.90 14.11 6.45
N SER A 187 45.35 15.12 5.79
CA SER A 187 43.98 15.03 5.34
C SER A 187 43.92 14.21 4.04
N TRP A 188 42.70 13.97 3.58
CA TRP A 188 42.48 13.28 2.32
C TRP A 188 41.59 14.14 1.44
N HIS A 189 41.70 13.92 0.14
CA HIS A 189 40.84 14.57 -0.85
C HIS A 189 39.86 13.54 -1.39
N ILE A 190 38.58 13.78 -1.16
CA ILE A 190 37.53 12.87 -1.59
C ILE A 190 37.06 13.29 -2.98
N ASP A 191 36.93 12.32 -3.88
CA ASP A 191 36.56 12.61 -5.26
C ASP A 191 35.53 11.59 -5.73
N GLY A 192 34.33 12.06 -6.02
CA GLY A 192 33.28 11.18 -6.48
C GLY A 192 31.93 11.85 -6.34
N VAL A 193 30.90 11.11 -6.73
CA VAL A 193 29.52 11.60 -6.66
C VAL A 193 28.68 10.57 -5.91
N LYS A 194 27.92 11.04 -4.93
CA LYS A 194 27.06 10.21 -4.11
C LYS A 194 25.60 10.55 -4.42
N ARG A 195 24.73 9.58 -4.26
CA ARG A 195 23.33 9.75 -4.61
C ARG A 195 22.43 9.43 -3.43
N PHE A 196 21.29 10.12 -3.37
CA PHE A 196 20.22 9.85 -2.44
C PHE A 196 20.59 10.24 -1.01
N ILE A 197 21.38 11.29 -0.80
CA ILE A 197 21.88 11.60 0.53
C ILE A 197 20.85 12.43 1.28
N THR A 198 20.30 11.86 2.35
CA THR A 198 19.33 12.54 3.18
C THR A 198 19.97 13.72 3.90
N SER A 199 19.33 14.87 3.83
CA SER A 199 19.81 16.09 4.46
C SER A 199 21.11 16.58 3.84
N GLY A 200 21.37 16.22 2.59
CA GLY A 200 22.64 16.58 1.96
C GLY A 200 22.94 18.05 2.09
N ASP A 201 21.92 18.90 2.03
CA ASP A 201 22.06 20.30 2.42
C ASP A 201 20.77 20.73 3.10
N SER A 202 20.88 21.79 3.91
CA SER A 202 19.72 22.31 4.64
C SER A 202 19.71 23.83 4.72
N GLY A 203 20.39 24.51 3.80
CA GLY A 203 20.36 25.97 3.80
C GLY A 203 20.97 26.54 5.07
N ASP A 204 20.30 27.55 5.62
CA ASP A 204 20.79 28.23 6.81
C ASP A 204 20.29 27.61 8.11
N LEU A 205 19.72 26.41 8.04
CA LEU A 205 19.21 25.77 9.25
C LEU A 205 20.32 25.55 10.27
N PHE A 206 21.51 25.18 9.81
CA PHE A 206 22.64 24.90 10.67
C PHE A 206 23.84 25.72 10.23
N GLU A 207 24.77 25.92 11.16
CA GLU A 207 26.01 26.63 10.86
C GLU A 207 26.96 25.76 10.03
N ASN A 208 26.94 24.45 10.25
CA ASN A 208 27.81 23.55 9.52
C ASN A 208 27.10 22.21 9.38
N ILE A 209 27.65 21.37 8.51
CA ILE A 209 27.25 19.98 8.36
C ILE A 209 28.53 19.17 8.27
N PHE A 210 28.61 18.09 9.04
CA PHE A 210 29.75 17.16 8.92
C PHE A 210 29.23 15.88 8.29
N HIS A 211 29.71 15.60 7.07
CA HIS A 211 29.34 14.40 6.33
C HIS A 211 30.23 13.24 6.76
N LEU A 212 29.62 12.09 7.02
CA LEU A 212 30.35 10.84 7.26
C LEU A 212 30.30 10.05 5.97
N VAL A 213 31.46 9.85 5.35
CA VAL A 213 31.54 9.50 3.94
C VAL A 213 32.37 8.23 3.78
N LEU A 214 31.81 7.25 3.07
CA LEU A 214 32.54 6.06 2.67
C LEU A 214 33.22 6.33 1.33
N ALA A 215 34.52 6.04 1.27
CA ALA A 215 35.30 6.26 0.07
C ALA A 215 36.41 5.22 0.03
N ARG A 216 36.98 5.05 -1.16
CA ARG A 216 37.94 3.99 -1.43
C ARG A 216 39.34 4.58 -1.48
N PRO A 217 40.18 4.37 -0.46
CA PRO A 217 41.54 4.91 -0.52
C PRO A 217 42.28 4.36 -1.72
N GLU A 218 43.15 5.18 -2.29
CA GLU A 218 43.99 4.75 -3.41
C GLU A 218 44.74 3.47 -3.03
N GLY A 219 44.60 2.45 -3.87
CA GLY A 219 45.27 1.18 -3.65
C GLY A 219 44.58 0.22 -2.72
N ALA A 220 43.42 0.59 -2.18
CA ALA A 220 42.66 -0.33 -1.34
C ALA A 220 42.04 -1.42 -2.22
N GLY A 221 41.71 -2.54 -1.57
CA GLY A 221 41.11 -3.71 -2.22
C GLY A 221 39.63 -3.50 -2.53
N PRO A 222 38.98 -4.44 -3.19
CA PRO A 222 37.60 -4.27 -3.56
C PRO A 222 36.60 -4.61 -2.46
N GLY A 223 35.33 -4.28 -2.73
CA GLY A 223 34.13 -4.53 -1.92
C GLY A 223 33.97 -3.67 -0.68
N THR A 224 33.14 -4.00 0.24
CA THR A 224 32.96 -3.15 1.43
C THR A 224 34.23 -3.15 2.27
N LYS A 225 35.08 -4.16 2.18
CA LYS A 225 36.23 -4.24 3.08
C LYS A 225 37.33 -3.25 2.69
N GLY A 226 37.31 -2.75 1.47
CA GLY A 226 38.27 -1.76 1.02
C GLY A 226 37.86 -0.33 1.24
N LEU A 227 36.71 -0.11 1.87
CA LEU A 227 36.20 1.24 2.09
C LEU A 227 36.65 1.78 3.44
N SER A 228 36.88 3.09 3.49
CA SER A 228 37.20 3.78 4.73
C SER A 228 36.18 4.89 4.98
N LEU A 229 36.03 5.25 6.25
CA LEU A 229 35.08 6.27 6.67
C LEU A 229 35.81 7.59 6.87
N TYR A 230 35.31 8.65 6.24
CA TYR A 230 35.93 9.97 6.32
C TYR A 230 34.99 11.01 6.89
N PHE A 231 35.55 11.92 7.68
CA PHE A 231 34.85 13.08 8.22
C PHE A 231 35.04 14.23 7.25
N VAL A 232 33.96 14.65 6.59
CA VAL A 232 34.04 15.68 5.55
C VAL A 232 33.08 16.82 5.89
N PRO A 233 33.58 17.96 6.32
CA PRO A 233 32.70 19.07 6.69
C PRO A 233 32.31 19.94 5.50
N LYS A 234 31.10 20.51 5.60
CA LYS A 234 30.65 21.47 4.59
C LYS A 234 31.53 22.71 4.61
N PHE A 235 31.73 23.29 5.80
CA PHE A 235 32.70 24.34 6.02
C PHE A 235 33.88 23.77 6.78
N LEU A 236 35.09 23.97 6.28
CA LEU A 236 36.26 23.83 7.13
C LEU A 236 36.09 24.75 8.34
N PHE A 237 36.75 24.41 9.44
CA PHE A 237 36.52 25.15 10.67
C PHE A 237 37.78 25.19 11.52
N ASP A 238 37.79 26.15 12.44
CA ASP A 238 38.85 26.26 13.43
C ASP A 238 38.76 25.07 14.38
N VAL A 239 39.83 24.26 14.42
CA VAL A 239 39.79 23.01 15.17
C VAL A 239 39.75 23.20 16.68
N GLU A 240 39.96 24.43 17.16
CA GLU A 240 39.89 24.73 18.58
C GLU A 240 38.55 25.32 19.00
N THR A 241 38.03 26.27 18.22
CA THR A 241 36.78 26.94 18.55
C THR A 241 35.59 26.42 17.75
N GLY A 242 35.81 25.86 16.57
CA GLY A 242 34.74 25.41 15.71
C GLY A 242 34.18 26.47 14.79
N GLU A 243 34.74 27.67 14.80
CA GLU A 243 34.26 28.75 13.94
C GLU A 243 34.30 28.32 12.47
N PRO A 244 33.18 28.36 11.75
CA PRO A 244 33.23 27.98 10.33
C PRO A 244 34.13 28.91 9.54
N GLY A 245 34.75 28.35 8.51
CA GLY A 245 35.64 29.11 7.66
C GLY A 245 35.40 28.88 6.18
N GLU A 246 36.45 28.50 5.47
CA GLU A 246 36.36 28.33 4.02
C GLU A 246 35.41 27.19 3.66
N ARG A 247 34.70 27.36 2.55
CA ARG A 247 33.76 26.34 2.10
C ARG A 247 34.52 25.14 1.58
N ASN A 248 34.27 23.98 2.17
CA ASN A 248 34.84 22.72 1.69
C ASN A 248 34.18 22.32 0.38
N GLY A 249 34.88 21.47 -0.38
CA GLY A 249 34.52 21.18 -1.74
C GLY A 249 33.50 20.08 -1.92
N VAL A 250 32.40 20.14 -1.17
CA VAL A 250 31.33 19.15 -1.25
C VAL A 250 30.03 19.91 -1.47
N PHE A 251 29.37 19.66 -2.59
CA PHE A 251 28.24 20.47 -3.03
C PHE A 251 27.08 19.60 -3.48
N VAL A 252 25.88 19.99 -3.10
CA VAL A 252 24.67 19.33 -3.62
C VAL A 252 24.43 19.79 -5.05
N THR A 253 24.22 18.84 -5.94
CA THR A 253 23.98 19.13 -7.35
C THR A 253 22.58 18.78 -7.83
N ASN A 254 21.77 18.14 -6.98
CA ASN A 254 20.40 17.83 -7.35
C ASN A 254 19.63 17.39 -6.11
N VAL A 255 18.32 17.62 -6.13
CA VAL A 255 17.43 17.16 -5.07
C VAL A 255 16.32 16.35 -5.74
N GLU A 256 16.04 15.17 -5.19
CA GLU A 256 15.09 14.25 -5.82
C GLU A 256 13.66 14.71 -5.59
N HIS A 257 12.78 14.32 -6.51
CA HIS A 257 11.33 14.54 -6.39
C HIS A 257 10.69 13.20 -6.05
N LYS A 258 10.06 13.13 -4.89
CA LYS A 258 9.72 11.87 -4.26
C LYS A 258 8.22 11.71 -4.08
N MET A 259 7.83 10.46 -3.78
CA MET A 259 6.44 10.15 -3.45
C MET A 259 6.01 10.87 -2.18
N GLY A 260 6.85 10.83 -1.16
CA GLY A 260 6.55 11.39 0.14
C GLY A 260 7.85 11.74 0.82
N LEU A 261 7.77 11.98 2.12
CA LEU A 261 8.91 12.48 2.88
C LEU A 261 9.57 13.62 2.10
N LYS A 262 8.73 14.49 1.54
CA LYS A 262 9.20 15.49 0.58
C LYS A 262 10.05 16.55 1.24
N VAL A 263 9.81 16.87 2.51
CA VAL A 263 10.58 17.91 3.19
C VAL A 263 11.97 17.45 3.58
N SER A 264 12.28 16.17 3.43
CA SER A 264 13.64 15.67 3.60
C SER A 264 14.35 15.79 2.26
N ALA A 265 15.34 16.68 2.18
CA ALA A 265 16.06 16.89 0.94
C ALA A 265 16.94 15.67 0.66
N THR A 266 16.64 14.98 -0.45
CA THR A 266 17.36 13.78 -0.86
C THR A 266 18.28 14.17 -2.01
N CYS A 267 19.58 14.24 -1.73
CA CYS A 267 20.49 15.04 -2.53
C CYS A 267 21.51 14.21 -3.28
N GLU A 268 21.83 14.69 -4.49
CA GLU A 268 23.04 14.27 -5.19
C GLU A 268 24.18 15.11 -4.66
N LEU A 269 25.23 14.46 -4.14
CA LEU A 269 26.29 15.12 -3.38
C LEU A 269 27.63 14.86 -4.05
N ALA A 270 28.26 15.93 -4.52
CA ALA A 270 29.47 15.84 -5.32
C ALA A 270 30.68 16.30 -4.51
N PHE A 271 31.76 15.53 -4.56
CA PHE A 271 32.98 15.80 -3.82
C PHE A 271 34.11 16.11 -4.79
N GLY A 272 34.73 17.28 -4.64
CA GLY A 272 35.89 17.63 -5.42
C GLY A 272 35.64 17.72 -6.91
N GLN A 273 34.43 18.10 -7.32
CA GLN A 273 34.09 18.18 -8.72
C GLN A 273 33.80 19.61 -9.18
N HIS A 274 33.87 20.59 -8.33
CA HIS A 274 33.47 21.96 -8.71
C HIS A 274 34.66 22.88 -8.52
N GLY A 275 35.83 22.35 -8.85
CA GLY A 275 37.11 23.01 -8.69
C GLY A 275 37.56 23.12 -7.25
N VAL A 276 36.91 22.54 -6.21
CA VAL A 276 37.47 22.79 -4.89
C VAL A 276 37.63 21.44 -4.22
N PRO A 277 38.83 21.09 -3.73
CA PRO A 277 39.00 19.78 -3.08
C PRO A 277 38.03 19.59 -1.91
N ALA A 278 37.53 18.37 -1.77
CA ALA A 278 36.72 17.97 -0.62
C ALA A 278 37.67 17.37 0.42
N LYS A 279 38.03 18.18 1.40
CA LYS A 279 38.91 17.73 2.46
C LYS A 279 38.18 16.80 3.42
N GLY A 280 38.81 15.68 3.77
CA GLY A 280 38.24 14.78 4.74
C GLY A 280 39.33 14.14 5.59
N TRP A 281 38.91 13.58 6.73
CA TRP A 281 39.83 12.97 7.68
C TRP A 281 39.37 11.57 8.02
N LEU A 282 40.32 10.63 7.99
CA LEU A 282 40.03 9.24 8.26
C LEU A 282 39.56 9.06 9.70
N VAL A 283 38.35 8.56 9.87
CA VAL A 283 37.77 8.41 11.20
C VAL A 283 38.59 7.40 11.99
N GLY A 284 39.09 7.82 13.14
CA GLY A 284 39.94 6.97 13.95
C GLY A 284 41.29 6.68 13.36
N GLU A 285 41.62 7.32 12.24
CA GLU A 285 42.88 7.05 11.53
C GLU A 285 43.11 5.56 11.36
N VAL A 286 42.03 4.84 11.05
CA VAL A 286 42.09 3.41 10.75
C VAL A 286 41.15 3.16 9.59
N HIS A 287 41.38 2.06 8.89
CA HIS A 287 40.68 1.75 7.65
C HIS A 287 39.60 0.70 7.87
N ASN A 288 38.72 1.02 8.81
CA ASN A 288 37.66 0.15 9.29
C ASN A 288 36.29 0.64 8.81
N GLY A 289 36.21 1.03 7.54
CA GLY A 289 35.11 1.88 7.10
C GLY A 289 33.75 1.22 7.24
N ILE A 290 33.59 0.03 6.66
CA ILE A 290 32.26 -0.57 6.64
C ILE A 290 31.80 -0.91 8.05
N ALA A 291 32.72 -1.37 8.91
CA ALA A 291 32.33 -1.66 10.29
C ALA A 291 31.99 -0.39 11.05
N GLN A 292 32.77 0.68 10.83
CA GLN A 292 32.46 1.96 11.47
C GLN A 292 31.09 2.48 11.01
N MET A 293 30.86 2.49 9.70
CA MET A 293 29.62 3.05 9.17
C MET A 293 28.42 2.23 9.62
N PHE A 294 28.61 0.95 9.92
CA PHE A 294 27.48 0.14 10.35
C PHE A 294 27.02 0.47 11.77
N GLU A 295 27.85 1.14 12.57
CA GLU A 295 27.35 1.71 13.81
C GLU A 295 26.27 2.76 13.51
N VAL A 296 26.46 3.53 12.45
CA VAL A 296 25.43 4.47 12.02
C VAL A 296 24.24 3.73 11.43
N ILE A 297 24.50 2.73 10.59
CA ILE A 297 23.43 2.00 9.92
C ILE A 297 22.51 1.33 10.93
N GLU A 298 23.09 0.79 12.01
CA GLU A 298 22.26 0.12 13.01
C GLU A 298 21.26 1.08 13.63
N GLN A 299 21.70 2.30 13.95
CA GLN A 299 20.76 3.29 14.49
C GLN A 299 19.74 3.68 13.42
N ALA A 300 20.18 3.83 12.17
CA ALA A 300 19.24 4.20 11.10
C ALA A 300 18.19 3.12 10.89
N ARG A 301 18.58 1.85 10.98
CA ARG A 301 17.61 0.77 10.79
C ARG A 301 16.62 0.71 11.95
N MET A 302 17.08 0.96 13.18
CA MET A 302 16.16 1.07 14.30
C MET A 302 15.19 2.24 14.11
N MET A 303 15.72 3.38 13.68
CA MET A 303 14.87 4.55 13.49
C MET A 303 13.81 4.31 12.43
N VAL A 304 14.22 3.73 11.29
CA VAL A 304 13.26 3.53 10.19
C VAL A 304 12.12 2.64 10.63
N GLY A 305 12.44 1.54 11.30
CA GLY A 305 11.39 0.68 11.83
C GLY A 305 10.53 1.42 12.84
N THR A 306 11.15 2.20 13.72
CA THR A 306 10.40 2.96 14.71
C THR A 306 9.56 4.06 14.04
N LYS A 307 10.12 4.73 13.03
CA LYS A 307 9.35 5.71 12.28
C LYS A 307 8.10 5.07 11.66
N ALA A 308 8.28 3.96 10.94
CA ALA A 308 7.15 3.29 10.33
C ALA A 308 6.10 2.93 11.36
N ILE A 309 6.53 2.46 12.54
CA ILE A 309 5.59 2.08 13.59
C ILE A 309 4.92 3.32 14.17
N ALA A 310 5.69 4.38 14.41
CA ALA A 310 5.11 5.63 14.87
C ALA A 310 4.01 6.12 13.93
N THR A 311 4.21 5.91 12.63
CA THR A 311 3.27 6.40 11.62
C THR A 311 2.01 5.55 11.58
N LEU A 312 2.15 4.22 11.65
CA LEU A 312 0.97 3.38 11.77
C LEU A 312 0.15 3.74 13.01
N SER A 313 0.82 4.05 14.12
CA SER A 313 0.11 4.36 15.35
C SER A 313 -0.82 5.55 15.17
N THR A 314 -0.26 6.69 14.72
CA THR A 314 -1.10 7.87 14.54
C THR A 314 -2.09 7.68 13.40
N GLY A 315 -1.78 6.82 12.43
CA GLY A 315 -2.78 6.48 11.42
C GLY A 315 -3.95 5.74 12.03
N TYR A 316 -3.66 4.76 12.89
CA TYR A 316 -4.73 4.02 13.54
C TYR A 316 -5.56 4.94 14.42
N LEU A 317 -4.89 5.77 15.23
CA LEU A 317 -5.62 6.63 16.16
C LEU A 317 -6.48 7.64 15.41
N ASN A 318 -6.01 8.13 14.26
CA ASN A 318 -6.84 9.04 13.46
C ASN A 318 -8.05 8.31 12.88
N ALA A 319 -7.85 7.09 12.37
CA ALA A 319 -8.98 6.32 11.86
C ALA A 319 -9.96 5.98 12.97
N LEU A 320 -9.45 5.68 14.16
CA LEU A 320 -10.34 5.33 15.27
C LEU A 320 -11.19 6.53 15.69
N GLN A 321 -10.55 7.68 15.89
CA GLN A 321 -11.30 8.89 16.21
C GLN A 321 -12.34 9.18 15.13
N TYR A 322 -11.98 8.94 13.87
CA TYR A 322 -12.94 9.17 12.79
C TYR A 322 -14.07 8.16 12.84
N ALA A 323 -13.76 6.90 13.11
CA ALA A 323 -14.80 5.87 13.11
C ALA A 323 -15.85 6.14 14.18
N LYS A 324 -15.42 6.65 15.34
CA LYS A 324 -16.34 6.82 16.45
C LYS A 324 -17.39 7.88 16.17
N SER A 325 -17.09 8.83 15.28
CA SER A 325 -18.02 9.92 15.00
C SER A 325 -18.72 9.80 13.65
N ARG A 326 -18.32 8.87 12.80
CA ARG A 326 -18.87 8.77 11.46
C ARG A 326 -20.13 7.91 11.48
N VAL A 327 -21.27 8.54 11.20
CA VAL A 327 -22.56 7.85 11.15
C VAL A 327 -22.80 7.40 9.72
N GLN A 328 -23.01 6.09 9.53
CA GLN A 328 -23.28 5.56 8.20
C GLN A 328 -23.88 4.17 8.33
N GLY A 329 -25.06 3.96 7.77
CA GLY A 329 -25.70 2.67 7.78
C GLY A 329 -26.26 2.31 9.16
N ALA A 330 -26.83 1.12 9.22
CA ALA A 330 -27.47 0.61 10.44
C ALA A 330 -26.80 -0.69 10.87
N ASP A 331 -27.08 -1.09 12.10
CA ASP A 331 -26.52 -2.33 12.62
C ASP A 331 -26.86 -3.50 11.70
N LEU A 332 -25.90 -4.39 11.52
CA LEU A 332 -26.09 -5.53 10.64
C LEU A 332 -27.26 -6.39 11.10
N THR A 333 -27.55 -6.44 12.40
CA THR A 333 -28.66 -7.25 12.87
C THR A 333 -30.00 -6.75 12.36
N GLN A 334 -30.07 -5.52 11.84
CA GLN A 334 -31.30 -4.94 11.34
C GLN A 334 -31.26 -4.71 9.83
N MET A 335 -30.45 -5.51 9.12
CA MET A 335 -30.22 -5.25 7.71
C MET A 335 -31.51 -5.28 6.90
N THR A 336 -32.50 -6.08 7.29
CA THR A 336 -33.76 -6.14 6.56
C THR A 336 -34.66 -4.94 6.83
N ASP A 337 -34.45 -4.24 7.94
CA ASP A 337 -35.30 -3.12 8.34
C ASP A 337 -34.64 -1.84 7.84
N LYS A 338 -35.19 -1.28 6.77
CA LYS A 338 -34.60 -0.12 6.12
C LYS A 338 -34.91 1.19 6.84
N THR A 339 -35.71 1.16 7.90
CA THR A 339 -35.95 2.33 8.72
C THR A 339 -35.13 2.32 10.02
N ALA A 340 -34.24 1.34 10.18
CA ALA A 340 -33.53 1.18 11.44
C ALA A 340 -32.70 2.42 11.75
N PRO A 341 -32.42 2.65 13.03
CA PRO A 341 -31.58 3.80 13.38
C PRO A 341 -30.20 3.68 12.74
N ARG A 342 -29.68 4.82 12.28
CA ARG A 342 -28.32 4.87 11.78
C ARG A 342 -27.34 4.80 12.93
N VAL A 343 -26.17 4.19 12.68
CA VAL A 343 -25.18 3.96 13.72
C VAL A 343 -23.83 4.48 13.25
N THR A 344 -22.95 4.75 14.21
CA THR A 344 -21.57 5.06 13.90
C THR A 344 -20.87 3.79 13.40
N ILE A 345 -19.88 3.98 12.54
CA ILE A 345 -19.32 2.83 11.83
C ILE A 345 -18.55 1.89 12.73
N THR A 346 -18.20 2.30 13.95
CA THR A 346 -17.60 1.36 14.89
C THR A 346 -18.51 0.18 15.19
N HIS A 347 -19.81 0.30 14.88
CA HIS A 347 -20.75 -0.79 15.09
C HIS A 347 -20.67 -1.86 14.01
N HIS A 348 -19.95 -1.63 12.92
CA HIS A 348 -19.94 -2.59 11.81
C HIS A 348 -18.82 -3.60 11.98
N PRO A 349 -19.08 -4.89 11.78
CA PRO A 349 -18.02 -5.89 12.02
C PRO A 349 -16.72 -5.63 11.25
N ASP A 350 -16.80 -5.35 9.94
CA ASP A 350 -15.56 -5.19 9.19
C ASP A 350 -14.74 -4.00 9.68
N VAL A 351 -15.39 -2.96 10.18
CA VAL A 351 -14.65 -1.81 10.71
C VAL A 351 -13.94 -2.19 11.99
N ARG A 352 -14.60 -2.97 12.86
CA ARG A 352 -13.94 -3.42 14.08
C ARG A 352 -12.79 -4.38 13.78
N ARG A 353 -12.99 -5.30 12.84
CA ARG A 353 -11.89 -6.13 12.37
C ARG A 353 -10.73 -5.26 11.90
N SER A 354 -11.04 -4.28 11.03
CA SER A 354 -10.03 -3.35 10.56
C SER A 354 -9.33 -2.65 11.72
N LEU A 355 -10.11 -2.05 12.61
CA LEU A 355 -9.53 -1.30 13.71
C LEU A 355 -8.70 -2.21 14.61
N MET A 356 -9.23 -3.39 14.93
CA MET A 356 -8.48 -4.32 15.77
C MET A 356 -7.22 -4.81 15.07
N THR A 357 -7.24 -4.90 13.73
CA THR A 357 -6.02 -5.27 13.01
C THR A 357 -4.99 -4.15 13.07
N GLN A 358 -5.41 -2.91 12.84
CA GLN A 358 -4.51 -1.78 13.00
C GLN A 358 -3.97 -1.71 14.43
N LYS A 359 -4.86 -1.86 15.42
CA LYS A 359 -4.45 -1.82 16.81
C LYS A 359 -3.39 -2.87 17.11
N ALA A 360 -3.60 -4.10 16.65
CA ALA A 360 -2.70 -5.20 17.00
C ALA A 360 -1.31 -4.99 16.43
N TYR A 361 -1.21 -4.37 15.25
CA TYR A 361 0.10 -4.15 14.64
C TYR A 361 0.73 -2.85 15.11
N ALA A 362 -0.07 -1.82 15.37
CA ALA A 362 0.48 -0.62 16.00
C ALA A 362 1.06 -0.94 17.37
N GLU A 363 0.28 -1.58 18.23
CA GLU A 363 0.73 -1.87 19.58
C GLU A 363 1.70 -3.04 19.61
N GLY A 364 1.46 -4.07 18.79
CA GLY A 364 2.40 -5.16 18.73
C GLY A 364 3.78 -4.74 18.29
N LEU A 365 3.84 -3.83 17.30
CA LEU A 365 5.13 -3.37 16.80
C LEU A 365 5.78 -2.37 17.74
N ARG A 366 5.00 -1.59 18.47
CA ARG A 366 5.56 -0.75 19.53
C ARG A 366 6.26 -1.62 20.56
N ALA A 367 5.60 -2.69 21.00
CA ALA A 367 6.23 -3.63 21.92
C ALA A 367 7.51 -4.20 21.33
N LEU A 368 7.50 -4.50 20.03
CA LEU A 368 8.65 -5.11 19.38
C LEU A 368 9.87 -4.20 19.44
N TYR A 369 9.70 -2.92 19.09
CA TYR A 369 10.87 -2.03 19.08
C TYR A 369 11.31 -1.65 20.49
N LEU A 370 10.38 -1.60 21.44
CA LEU A 370 10.76 -1.34 22.82
C LEU A 370 11.48 -2.53 23.43
N TYR A 371 10.92 -3.73 23.23
CA TYR A 371 11.63 -4.96 23.58
C TYR A 371 13.03 -4.97 22.99
N THR A 372 13.14 -4.68 21.69
CA THR A 372 14.45 -4.64 21.05
C THR A 372 15.38 -3.65 21.76
N ALA A 373 14.85 -2.47 22.12
CA ALA A 373 15.68 -1.44 22.73
C ALA A 373 16.19 -1.82 24.12
N THR A 374 15.55 -2.77 24.80
CA THR A 374 16.04 -3.19 26.10
C THR A 374 17.36 -3.96 26.00
N PHE A 375 17.80 -4.30 24.79
CA PHE A 375 19.07 -4.96 24.57
C PHE A 375 20.15 -4.01 24.08
N GLN A 376 19.84 -2.72 23.96
CA GLN A 376 20.79 -1.74 23.43
C GLN A 376 21.55 -1.00 24.54
N ASP A 377 21.31 -1.35 25.80
CA ASP A 377 22.15 -0.92 26.91
C ASP A 377 22.54 -2.17 27.69
N ALA A 378 23.85 -2.39 27.86
CA ALA A 378 24.30 -3.57 28.59
C ALA A 378 23.70 -3.62 29.99
N ALA A 379 23.69 -2.49 30.68
CA ALA A 379 23.13 -2.45 32.04
C ALA A 379 21.66 -2.80 32.05
N VAL A 380 20.90 -2.30 31.07
CA VAL A 380 19.48 -2.60 30.99
C VAL A 380 19.25 -4.06 30.69
N ALA A 381 20.03 -4.62 29.76
CA ALA A 381 19.84 -6.02 29.38
C ALA A 381 20.13 -6.95 30.55
N GLU A 382 21.12 -6.61 31.38
CA GLU A 382 21.46 -7.42 32.55
C GLU A 382 20.34 -7.38 33.57
N VAL A 383 19.83 -6.19 33.86
CA VAL A 383 18.79 -6.02 34.87
C VAL A 383 17.48 -6.67 34.42
N VAL A 384 17.12 -6.49 33.16
CA VAL A 384 15.81 -6.94 32.67
C VAL A 384 15.83 -8.41 32.26
N HIS A 385 16.84 -8.81 31.48
CA HIS A 385 16.86 -10.15 30.89
C HIS A 385 17.90 -11.08 31.50
N GLY A 386 18.84 -10.55 32.28
CA GLY A 386 19.87 -11.39 32.85
C GLY A 386 20.86 -11.96 31.85
N VAL A 387 21.07 -11.26 30.73
CA VAL A 387 22.03 -11.67 29.72
C VAL A 387 23.24 -10.74 29.81
N ASP A 388 24.42 -11.29 29.52
CA ASP A 388 25.64 -10.50 29.57
C ASP A 388 25.69 -9.54 28.37
N ALA A 389 26.72 -8.70 28.35
CA ALA A 389 26.78 -7.63 27.37
C ALA A 389 26.91 -8.18 25.95
N LYS A 390 27.74 -9.21 25.76
CA LYS A 390 27.99 -9.71 24.42
C LYS A 390 26.76 -10.41 23.85
N LEU A 391 25.99 -11.09 24.70
CA LEU A 391 24.76 -11.72 24.24
C LEU A 391 23.70 -10.67 23.92
N ALA A 392 23.65 -9.59 24.70
CA ALA A 392 22.72 -8.50 24.41
C ALA A 392 23.00 -7.90 23.04
N VAL A 393 24.27 -7.76 22.68
CA VAL A 393 24.61 -7.27 21.35
C VAL A 393 24.08 -8.21 20.27
N LYS A 394 24.19 -9.51 20.50
CA LYS A 394 23.74 -10.48 19.50
C LYS A 394 22.23 -10.46 19.36
N VAL A 395 21.51 -10.33 20.47
CA VAL A 395 20.05 -10.28 20.40
C VAL A 395 19.60 -9.02 19.68
N ASN A 396 20.13 -7.86 20.08
CA ASN A 396 19.82 -6.63 19.37
C ASN A 396 20.06 -6.80 17.89
N ASP A 397 21.23 -7.35 17.52
CA ASP A 397 21.54 -7.58 16.12
C ASP A 397 20.49 -8.47 15.46
N LEU A 398 20.03 -9.50 16.18
CA LEU A 398 18.98 -10.36 15.64
C LEU A 398 17.72 -9.55 15.36
N MET A 399 17.39 -8.61 16.24
CA MET A 399 16.10 -7.92 16.19
C MET A 399 16.09 -6.73 15.25
N LEU A 400 17.24 -6.14 14.95
CA LEU A 400 17.24 -4.97 14.08
C LEU A 400 16.62 -5.28 12.72
N PRO A 401 16.92 -6.41 12.06
CA PRO A 401 16.21 -6.72 10.82
C PRO A 401 14.71 -6.91 11.02
N VAL A 402 14.29 -7.46 12.17
CA VAL A 402 12.87 -7.61 12.43
C VAL A 402 12.20 -6.25 12.54
N VAL A 403 12.76 -5.36 13.37
CA VAL A 403 12.16 -4.06 13.59
C VAL A 403 12.09 -3.28 12.28
N LYS A 404 13.19 -3.25 11.52
CA LYS A 404 13.20 -2.46 10.29
C LYS A 404 12.36 -3.13 9.21
N GLY A 405 12.60 -4.41 8.94
CA GLY A 405 11.91 -5.08 7.85
C GLY A 405 10.44 -5.27 8.12
N VAL A 406 10.10 -5.84 9.29
CA VAL A 406 8.70 -6.12 9.59
C VAL A 406 7.96 -4.83 9.89
N GLY A 407 8.58 -3.94 10.66
CA GLY A 407 7.94 -2.66 10.95
C GLY A 407 7.60 -1.88 9.70
N SER A 408 8.57 -1.76 8.79
CA SER A 408 8.36 -0.99 7.57
C SER A 408 7.25 -1.60 6.72
N GLU A 409 7.27 -2.91 6.52
CA GLU A 409 6.31 -3.53 5.60
C GLU A 409 4.93 -3.63 6.21
N GLN A 410 4.84 -4.02 7.49
CA GLN A 410 3.53 -4.18 8.12
C GLN A 410 2.88 -2.84 8.44
N ALA A 411 3.67 -1.82 8.74
CA ALA A 411 3.08 -0.51 8.99
C ALA A 411 2.44 0.04 7.72
N TYR A 412 3.15 -0.05 6.60
CA TYR A 412 2.58 0.42 5.33
C TYR A 412 1.35 -0.40 4.95
N ALA A 413 1.41 -1.72 5.10
CA ALA A 413 0.30 -2.57 4.70
C ALA A 413 -0.94 -2.28 5.53
N LYS A 414 -0.76 -2.03 6.83
CA LYS A 414 -1.92 -1.81 7.71
C LYS A 414 -2.42 -0.38 7.65
N LEU A 415 -1.61 0.57 7.19
CA LEU A 415 -2.11 1.91 6.94
C LEU A 415 -3.19 1.91 5.88
N THR A 416 -3.15 0.93 4.97
CA THR A 416 -4.24 0.73 4.03
C THR A 416 -5.56 0.55 4.77
N GLU A 417 -5.55 -0.21 5.87
CA GLU A 417 -6.76 -0.37 6.66
C GLU A 417 -7.18 0.94 7.31
N SER A 418 -6.21 1.71 7.81
CA SER A 418 -6.51 3.01 8.40
C SER A 418 -7.22 3.91 7.39
N LEU A 419 -6.64 4.04 6.19
CA LEU A 419 -7.27 4.86 5.16
C LEU A 419 -8.64 4.32 4.78
N GLN A 420 -8.76 2.99 4.68
CA GLN A 420 -10.04 2.38 4.35
C GLN A 420 -11.13 2.73 5.36
N THR A 421 -10.75 2.90 6.63
CA THR A 421 -11.73 3.22 7.65
C THR A 421 -12.39 4.56 7.38
N LEU A 422 -11.68 5.48 6.73
CA LEU A 422 -12.24 6.78 6.41
C LEU A 422 -13.17 6.75 5.22
N GLY A 423 -13.27 5.64 4.51
CA GLY A 423 -14.06 5.61 3.29
C GLY A 423 -13.46 6.53 2.25
N GLY A 424 -14.33 7.21 1.50
CA GLY A 424 -13.85 8.10 0.45
C GLY A 424 -12.97 9.22 0.96
N SER A 425 -13.22 9.68 2.19
CA SER A 425 -12.45 10.79 2.73
C SER A 425 -10.99 10.42 3.00
N GLY A 426 -10.68 9.13 3.12
CA GLY A 426 -9.30 8.74 3.32
C GLY A 426 -8.42 9.07 2.13
N PHE A 427 -9.01 9.15 0.94
CA PHE A 427 -8.28 9.53 -0.28
C PHE A 427 -8.04 11.03 -0.38
N LEU A 428 -8.53 11.80 0.60
CA LEU A 428 -8.39 13.25 0.59
C LEU A 428 -7.15 13.68 1.35
N GLN A 429 -6.51 14.74 0.86
CA GLN A 429 -5.42 15.37 1.59
C GLN A 429 -5.92 16.13 2.81
N ASP A 430 -7.23 16.38 2.90
CA ASP A 430 -7.79 16.98 4.12
C ASP A 430 -7.46 16.16 5.35
N TYR A 431 -7.26 14.85 5.19
CA TYR A 431 -6.88 13.96 6.27
C TYR A 431 -5.44 13.47 6.07
N PRO A 432 -4.74 13.14 7.16
CA PRO A 432 -3.29 12.88 7.05
C PRO A 432 -2.91 11.47 6.65
N ILE A 433 -3.84 10.52 6.60
CA ILE A 433 -3.46 9.13 6.34
C ILE A 433 -2.87 8.99 4.94
N GLU A 434 -3.44 9.70 3.97
CA GLU A 434 -2.88 9.76 2.62
C GLU A 434 -1.38 10.08 2.67
N GLN A 435 -1.00 11.07 3.48
CA GLN A 435 0.41 11.44 3.58
C GLN A 435 1.21 10.40 4.35
N TYR A 436 0.62 9.83 5.41
CA TYR A 436 1.28 8.75 6.13
C TYR A 436 1.75 7.66 5.16
N ILE A 437 0.85 7.21 4.28
CA ILE A 437 1.16 6.11 3.37
C ILE A 437 2.33 6.51 2.46
N ARG A 438 2.28 7.72 1.90
CA ARG A 438 3.35 8.16 1.02
C ARG A 438 4.67 8.30 1.79
N ASP A 439 4.62 8.87 2.98
CA ASP A 439 5.83 9.01 3.78
C ASP A 439 6.34 7.67 4.26
N ALA A 440 5.47 6.68 4.41
CA ALA A 440 5.89 5.41 4.98
C ALA A 440 6.46 4.45 3.95
N LYS A 441 6.09 4.57 2.67
CA LYS A 441 6.51 3.58 1.70
C LYS A 441 8.03 3.49 1.60
N ILE A 442 8.73 4.61 1.83
CA ILE A 442 10.18 4.59 1.74
C ILE A 442 10.79 3.71 2.81
N ASP A 443 10.06 3.44 3.89
CA ASP A 443 10.61 2.69 5.00
C ASP A 443 11.09 1.30 4.59
N SER A 444 10.50 0.73 3.54
CA SER A 444 10.89 -0.60 3.09
C SER A 444 12.09 -0.57 2.15
N LEU A 445 12.64 0.60 1.86
CA LEU A 445 13.67 0.72 0.84
C LEU A 445 14.99 1.25 1.40
N TYR A 446 15.02 2.43 2.00
CA TYR A 446 16.30 2.95 2.45
C TYR A 446 16.72 2.29 3.76
N ALA A 447 18.01 2.45 4.08
CA ALA A 447 18.63 1.72 5.18
C ALA A 447 18.59 0.21 4.92
N GLY A 448 18.53 -0.18 3.66
CA GLY A 448 18.52 -1.58 3.30
C GLY A 448 17.15 -2.12 3.01
N THR A 449 16.92 -2.55 1.76
CA THR A 449 15.61 -3.06 1.36
C THR A 449 15.22 -4.26 2.21
N THR A 450 13.94 -4.60 2.18
CA THR A 450 13.44 -5.73 2.96
C THR A 450 14.20 -7.01 2.64
N ALA A 451 14.56 -7.20 1.37
CA ALA A 451 15.32 -8.38 1.00
C ALA A 451 16.70 -8.38 1.64
N ILE A 452 17.35 -7.21 1.71
CA ILE A 452 18.61 -7.10 2.42
C ILE A 452 18.42 -7.45 3.89
N GLN A 453 17.32 -6.97 4.50
CA GLN A 453 17.09 -7.27 5.91
C GLN A 453 16.88 -8.76 6.13
N ALA A 454 16.11 -9.40 5.24
CA ALA A 454 15.84 -10.83 5.40
C ALA A 454 17.09 -11.66 5.17
N GLN A 455 17.94 -11.23 4.24
CA GLN A 455 19.23 -11.89 4.01
C GLN A 455 20.15 -11.72 5.20
N ASP A 456 20.26 -10.49 5.71
CA ASP A 456 21.03 -10.25 6.93
C ASP A 456 20.51 -11.09 8.08
N PHE A 457 19.20 -11.08 8.29
CA PHE A 457 18.60 -11.80 9.41
C PHE A 457 18.99 -13.28 9.39
N PHE A 458 18.88 -13.92 8.23
CA PHE A 458 19.15 -15.35 8.20
C PHE A 458 20.66 -15.67 8.18
N PHE A 459 21.38 -15.14 7.19
CA PHE A 459 22.76 -15.58 6.97
C PHE A 459 23.70 -15.06 8.05
N ARG A 460 23.47 -13.84 8.52
CA ARG A 460 24.37 -13.23 9.49
C ARG A 460 23.88 -13.32 10.93
N LYS A 461 22.59 -13.14 11.14
CA LYS A 461 22.04 -13.08 12.50
C LYS A 461 21.59 -14.43 13.02
N ILE A 462 21.49 -15.45 12.16
CA ILE A 462 21.18 -16.81 12.58
C ILE A 462 22.30 -17.78 12.20
N VAL A 463 22.76 -17.74 10.94
CA VAL A 463 23.74 -18.72 10.49
C VAL A 463 25.14 -18.34 10.94
N ARG A 464 25.58 -17.09 10.78
CA ARG A 464 26.93 -16.66 11.20
C ARG A 464 27.00 -16.66 12.73
N ASP A 465 25.88 -16.36 13.39
CA ASP A 465 25.71 -16.30 14.86
C ASP A 465 25.58 -17.69 15.49
N LYS A 466 25.46 -18.77 14.74
CA LYS A 466 25.33 -20.16 15.25
C LYS A 466 24.11 -20.33 16.16
N GLY A 467 23.03 -19.63 15.86
CA GLY A 467 21.73 -19.76 16.46
C GLY A 467 21.64 -19.28 17.88
N VAL A 468 22.65 -18.58 18.37
CA VAL A 468 22.70 -18.24 19.80
C VAL A 468 21.58 -17.27 20.15
N ALA A 469 21.58 -16.09 19.51
CA ALA A 469 20.56 -15.09 19.79
C ALA A 469 19.16 -15.66 19.54
N LEU A 470 18.95 -16.26 18.37
CA LEU A 470 17.64 -16.85 18.08
C LEU A 470 17.26 -17.87 19.14
N ALA A 471 18.21 -18.72 19.54
CA ALA A 471 17.93 -19.71 20.57
C ALA A 471 17.51 -19.04 21.88
N HIS A 472 18.12 -17.90 22.20
CA HIS A 472 17.76 -17.23 23.44
C HIS A 472 16.33 -16.70 23.40
N VAL A 473 15.96 -16.01 22.31
CA VAL A 473 14.62 -15.44 22.24
C VAL A 473 13.58 -16.55 22.18
N SER A 474 13.81 -17.58 21.35
CA SER A 474 12.90 -18.71 21.29
C SER A 474 12.77 -19.40 22.65
N GLY A 475 13.86 -19.40 23.42
CA GLY A 475 13.80 -19.96 24.76
C GLY A 475 12.84 -19.21 25.65
N GLN A 476 12.79 -17.88 25.51
CA GLN A 476 11.87 -17.08 26.32
C GLN A 476 10.43 -17.33 25.91
N ILE A 477 10.17 -17.49 24.60
CA ILE A 477 8.83 -17.82 24.14
C ILE A 477 8.46 -19.23 24.57
N GLN A 478 9.39 -20.18 24.45
CA GLN A 478 9.15 -21.54 24.92
C GLN A 478 8.76 -21.54 26.39
N GLU A 479 9.51 -20.79 27.22
CA GLU A 479 9.16 -20.66 28.63
C GLU A 479 7.75 -20.12 28.78
N PHE A 480 7.41 -19.07 28.03
CA PHE A 480 6.12 -18.41 28.22
C PHE A 480 4.96 -19.36 27.95
N VAL A 481 4.99 -20.07 26.81
CA VAL A 481 3.84 -20.90 26.47
C VAL A 481 3.71 -22.12 27.38
N ASP A 482 4.75 -22.41 28.16
CA ASP A 482 4.68 -23.51 29.13
C ASP A 482 4.24 -23.05 30.51
N SER A 483 3.95 -21.77 30.69
CA SER A 483 3.42 -21.26 31.95
C SER A 483 1.90 -21.44 31.99
N GLY A 488 -5.56 -19.56 32.51
CA GLY A 488 -6.99 -19.75 32.46
C GLY A 488 -7.64 -19.05 31.27
N ARG A 489 -7.75 -17.72 31.34
CA ARG A 489 -8.31 -16.95 30.25
C ARG A 489 -7.35 -16.79 29.09
N LEU A 490 -6.06 -17.02 29.31
CA LEU A 490 -5.06 -16.91 28.26
C LEU A 490 -4.58 -18.27 27.77
N LYS A 491 -5.30 -19.34 28.14
CA LYS A 491 -4.83 -20.69 27.83
C LYS A 491 -4.92 -20.97 26.33
N THR A 492 -6.10 -20.75 25.75
CA THR A 492 -6.27 -20.94 24.31
C THR A 492 -5.22 -20.15 23.54
N GLU A 493 -5.04 -18.88 23.89
CA GLU A 493 -4.05 -18.04 23.22
C GLU A 493 -2.65 -18.61 23.39
N ARG A 494 -2.33 -19.10 24.59
CA ARG A 494 -1.01 -19.67 24.83
C ARG A 494 -0.74 -20.84 23.90
N ALA A 495 -1.75 -21.68 23.66
CA ALA A 495 -1.54 -22.85 22.80
C ALA A 495 -1.36 -22.44 21.34
N LEU A 496 -2.09 -21.41 20.90
CA LEU A 496 -1.89 -20.90 19.55
C LEU A 496 -0.47 -20.34 19.38
N LEU A 497 0.08 -19.74 20.43
CA LEU A 497 1.45 -19.26 20.38
C LEU A 497 2.44 -20.42 20.31
N ALA A 498 2.19 -21.49 21.07
CA ALA A 498 3.03 -22.68 20.98
C ALA A 498 3.06 -23.21 19.55
N LYS A 499 1.88 -23.33 18.93
CA LYS A 499 1.82 -23.80 17.55
C LYS A 499 2.59 -22.86 16.64
N ALA A 500 2.52 -21.55 16.88
CA ALA A 500 3.26 -20.60 16.08
C ALA A 500 4.78 -20.77 16.26
N LEU A 501 5.22 -20.99 17.50
CA LEU A 501 6.64 -21.25 17.73
C LEU A 501 7.09 -22.48 16.97
N THR A 502 6.33 -23.57 17.06
CA THR A 502 6.67 -24.77 16.31
C THR A 502 6.69 -24.49 14.80
N ASP A 503 5.77 -23.64 14.32
CA ASP A 503 5.72 -23.35 12.90
C ASP A 503 6.95 -22.58 12.45
N VAL A 504 7.31 -21.53 13.18
CA VAL A 504 8.50 -20.76 12.83
C VAL A 504 9.75 -21.62 12.92
N GLN A 505 9.83 -22.47 13.96
CA GLN A 505 10.98 -23.35 14.10
C GLN A 505 11.07 -24.34 12.95
N GLY A 506 9.92 -24.75 12.40
CA GLY A 506 9.93 -25.58 11.21
C GLY A 506 10.37 -24.82 9.98
N MET A 507 10.04 -23.53 9.90
CA MET A 507 10.56 -22.70 8.81
C MET A 507 12.08 -22.63 8.87
N ALA A 508 12.62 -22.36 10.07
CA ALA A 508 14.07 -22.28 10.23
C ALA A 508 14.73 -23.59 9.85
N ALA A 509 14.17 -24.71 10.28
CA ALA A 509 14.74 -26.01 9.94
C ALA A 509 14.78 -26.20 8.42
N ALA A 510 13.68 -25.88 7.75
CA ALA A 510 13.63 -26.03 6.29
C ALA A 510 14.69 -25.17 5.63
N LEU A 511 14.84 -23.92 6.06
CA LEU A 511 15.81 -23.03 5.46
C LEU A 511 17.24 -23.51 5.74
N THR A 512 17.52 -23.92 6.98
CA THR A 512 18.82 -24.50 7.28
C THR A 512 19.06 -25.76 6.46
N GLY A 513 18.00 -26.55 6.23
CA GLY A 513 18.13 -27.70 5.35
C GLY A 513 18.52 -27.31 3.95
N TYR A 514 17.89 -26.28 3.40
CA TYR A 514 18.27 -25.80 2.08
C TYR A 514 19.71 -25.32 2.05
N LEU A 515 20.14 -24.68 3.14
CA LEU A 515 21.51 -24.19 3.21
C LEU A 515 22.50 -25.34 3.18
N MET A 516 22.28 -26.38 4.00
CA MET A 516 23.17 -27.53 4.01
C MET A 516 23.22 -28.19 2.63
N ALA A 517 22.07 -28.34 1.98
CA ALA A 517 22.03 -28.99 0.67
C ALA A 517 22.82 -28.22 -0.37
N ALA A 518 23.13 -26.94 -0.10
CA ALA A 518 23.93 -26.16 -1.03
C ALA A 518 25.38 -26.63 -1.11
N GLN A 519 25.82 -27.48 -0.18
CA GLN A 519 27.15 -28.07 -0.30
C GLN A 519 27.26 -28.93 -1.56
N GLN A 520 26.22 -29.70 -1.86
CA GLN A 520 26.20 -30.55 -3.04
C GLN A 520 25.71 -29.79 -4.27
N ASP A 521 24.55 -29.15 -4.18
CA ASP A 521 23.96 -28.40 -5.28
C ASP A 521 23.79 -26.96 -4.81
N VAL A 522 24.73 -26.09 -5.18
CA VAL A 522 24.77 -24.74 -4.67
C VAL A 522 23.52 -23.94 -5.03
N THR A 523 22.79 -24.35 -6.09
CA THR A 523 21.55 -23.67 -6.42
C THR A 523 20.51 -23.82 -5.31
N SER A 524 20.66 -24.80 -4.43
CA SER A 524 19.75 -24.95 -3.30
C SER A 524 19.68 -23.67 -2.48
N LEU A 525 20.75 -22.88 -2.47
CA LEU A 525 20.73 -21.60 -1.78
C LEU A 525 19.55 -20.74 -2.22
N TYR A 526 19.22 -20.78 -3.51
CA TYR A 526 18.15 -19.93 -4.04
C TYR A 526 16.85 -20.13 -3.26
N LYS A 527 16.61 -21.34 -2.76
CA LYS A 527 15.43 -21.58 -1.94
C LYS A 527 15.48 -20.76 -0.67
N VAL A 528 16.66 -20.62 -0.06
CA VAL A 528 16.81 -19.75 1.11
C VAL A 528 16.38 -18.34 0.75
N GLY A 529 16.85 -17.83 -0.40
CA GLY A 529 16.44 -16.50 -0.84
C GLY A 529 14.95 -16.39 -1.06
N LEU A 530 14.34 -17.43 -1.63
CA LEU A 530 12.92 -17.36 -1.95
C LEU A 530 12.07 -17.25 -0.69
N GLY A 531 12.45 -17.97 0.37
CA GLY A 531 11.69 -17.95 1.60
C GLY A 531 12.13 -16.91 2.64
N SER A 532 13.20 -16.17 2.32
CA SER A 532 13.84 -15.32 3.32
C SER A 532 12.89 -14.27 3.89
N VAL A 533 12.16 -13.54 3.05
CA VAL A 533 11.31 -12.45 3.46
C VAL A 533 10.10 -12.99 4.21
N ARG A 534 9.50 -14.07 3.70
CA ARG A 534 8.36 -14.65 4.42
C ARG A 534 8.78 -15.19 5.78
N PHE A 535 10.00 -15.73 5.88
CA PHE A 535 10.50 -16.19 7.18
C PHE A 535 10.60 -15.02 8.15
N LEU A 536 11.20 -13.91 7.71
CA LEU A 536 11.34 -12.74 8.56
C LEU A 536 9.99 -12.22 9.02
N MET A 537 9.02 -12.12 8.11
CA MET A 537 7.69 -11.66 8.49
C MET A 537 7.06 -12.61 9.51
N SER A 538 7.29 -13.91 9.33
CA SER A 538 6.71 -14.88 10.27
C SER A 538 7.31 -14.74 11.66
N VAL A 539 8.62 -14.48 11.76
CA VAL A 539 9.23 -14.26 13.06
C VAL A 539 8.63 -13.02 13.71
N GLY A 540 8.40 -11.96 12.92
CA GLY A 540 7.76 -10.78 13.46
C GLY A 540 6.41 -11.08 14.06
N ASP A 541 5.59 -11.85 13.36
CA ASP A 541 4.27 -12.20 13.88
C ASP A 541 4.40 -13.05 15.14
N LEU A 542 5.35 -13.98 15.17
CA LEU A 542 5.57 -14.77 16.38
C LEU A 542 5.90 -13.86 17.56
N ILE A 543 6.83 -12.92 17.36
CA ILE A 543 7.29 -12.09 18.47
C ILE A 543 6.23 -11.08 18.85
N ILE A 544 5.49 -10.55 17.86
CA ILE A 544 4.34 -9.73 18.17
C ILE A 544 3.33 -10.51 19.00
N GLY A 545 2.92 -11.68 18.50
CA GLY A 545 2.00 -12.51 19.26
C GLY A 545 2.47 -12.74 20.68
N TRP A 546 3.75 -13.05 20.85
CA TRP A 546 4.29 -13.31 22.19
C TRP A 546 4.17 -12.08 23.07
N LEU A 547 4.66 -10.93 22.58
CA LEU A 547 4.65 -9.72 23.39
C LEU A 547 3.24 -9.29 23.74
N LEU A 548 2.30 -9.42 22.80
CA LEU A 548 0.92 -9.04 23.11
C LEU A 548 0.33 -9.93 24.20
N GLN A 549 0.68 -11.21 24.22
CA GLN A 549 0.19 -12.09 25.28
C GLN A 549 0.86 -11.77 26.60
N ARG A 550 2.14 -11.39 26.58
CA ARG A 550 2.75 -10.86 27.79
C ARG A 550 2.00 -9.64 28.29
N GLN A 551 1.61 -8.75 27.37
CA GLN A 551 0.81 -7.59 27.77
C GLN A 551 -0.54 -8.03 28.32
N ALA A 552 -1.17 -9.02 27.69
CA ALA A 552 -2.47 -9.49 28.14
C ALA A 552 -2.39 -10.09 29.54
N ALA A 553 -1.32 -10.84 29.83
CA ALA A 553 -1.15 -11.39 31.17
C ALA A 553 -1.06 -10.27 32.20
N VAL A 554 -0.26 -9.23 31.91
CA VAL A 554 -0.16 -8.09 32.82
C VAL A 554 -1.51 -7.40 32.94
N ALA A 555 -2.27 -7.33 31.85
CA ALA A 555 -3.55 -6.65 31.88
C ALA A 555 -4.57 -7.44 32.69
N VAL A 556 -4.59 -8.77 32.53
CA VAL A 556 -5.49 -9.59 33.32
C VAL A 556 -5.24 -9.36 34.81
N ALA A 557 -3.97 -9.38 35.22
CA ALA A 557 -3.62 -9.11 36.60
C ALA A 557 -4.19 -7.78 37.06
N ALA A 558 -3.99 -6.72 36.29
CA ALA A 558 -4.47 -5.40 36.67
C ALA A 558 -5.99 -5.38 36.77
N LEU A 559 -6.67 -6.06 35.84
CA LEU A 559 -8.12 -6.13 35.89
C LEU A 559 -8.60 -6.77 37.20
N ASP A 560 -8.09 -7.96 37.50
CA ASP A 560 -8.48 -8.64 38.74
C ASP A 560 -8.01 -7.89 39.98
N ALA A 561 -6.99 -7.03 39.86
CA ALA A 561 -6.60 -6.18 40.98
C ALA A 561 -7.50 -4.97 41.15
N GLY A 562 -8.54 -4.82 40.34
CA GLY A 562 -9.54 -3.81 40.55
C GLY A 562 -9.45 -2.58 39.69
N ALA A 563 -8.85 -2.68 38.50
CA ALA A 563 -8.81 -1.53 37.60
C ALA A 563 -10.23 -1.13 37.20
N THR A 564 -10.42 0.17 36.96
CA THR A 564 -11.73 0.71 36.66
C THR A 564 -11.59 1.85 35.66
N GLY A 565 -12.73 2.30 35.15
CA GLY A 565 -12.76 3.47 34.28
C GLY A 565 -11.90 3.29 33.05
N ASP A 566 -11.24 4.38 32.65
CA ASP A 566 -10.43 4.36 31.44
C ASP A 566 -9.28 3.36 31.53
N GLU A 567 -8.73 3.16 32.73
CA GLU A 567 -7.70 2.15 32.89
C GLU A 567 -8.27 0.76 32.64
N ARG A 568 -9.50 0.49 33.08
CA ARG A 568 -10.12 -0.79 32.77
C ARG A 568 -10.30 -0.96 31.27
N SER A 569 -10.72 0.11 30.58
CA SER A 569 -10.90 0.03 29.13
C SER A 569 -9.57 -0.24 28.43
N PHE A 570 -8.50 0.38 28.92
CA PHE A 570 -7.17 0.13 28.37
C PHE A 570 -6.81 -1.34 28.51
N TYR A 571 -6.92 -1.88 29.73
CA TYR A 571 -6.50 -3.26 29.98
C TYR A 571 -7.39 -4.24 29.24
N GLU A 572 -8.70 -3.97 29.16
CA GLU A 572 -9.59 -4.83 28.38
C GLU A 572 -9.18 -4.85 26.91
N GLY A 573 -8.74 -3.71 26.38
CA GLY A 573 -8.30 -3.68 25.00
C GLY A 573 -7.06 -4.54 24.76
N LYS A 574 -6.18 -4.64 25.75
CA LYS A 574 -4.98 -5.46 25.59
C LYS A 574 -5.33 -6.95 25.59
N VAL A 575 -6.25 -7.36 26.45
CA VAL A 575 -6.72 -8.73 26.43
C VAL A 575 -7.33 -9.06 25.07
N ALA A 576 -8.21 -8.19 24.58
CA ALA A 576 -8.92 -8.47 23.34
C ALA A 576 -7.98 -8.47 22.14
N VAL A 577 -7.02 -7.53 22.09
CA VAL A 577 -6.15 -7.43 20.93
C VAL A 577 -5.16 -8.59 20.90
N ALA A 578 -4.69 -9.01 22.08
CA ALA A 578 -3.80 -10.17 22.13
C ALA A 578 -4.52 -11.45 21.69
N SER A 579 -5.79 -11.58 22.06
CA SER A 579 -6.56 -12.76 21.66
C SER A 579 -6.90 -12.70 20.18
N PHE A 580 -7.30 -11.52 19.69
CA PHE A 580 -7.62 -11.36 18.28
C PHE A 580 -6.41 -11.72 17.41
N PHE A 581 -5.24 -11.21 17.76
CA PHE A 581 -4.04 -11.49 16.98
C PHE A 581 -3.72 -12.98 17.01
N ALA A 582 -3.84 -13.61 18.18
CA ALA A 582 -3.56 -15.03 18.31
C ALA A 582 -4.46 -15.85 17.38
N LYS A 583 -5.74 -15.49 17.30
CA LYS A 583 -6.71 -16.31 16.59
C LYS A 583 -6.77 -16.02 15.10
N ASN A 584 -6.38 -14.82 14.67
CA ASN A 584 -6.54 -14.43 13.28
C ASN A 584 -5.25 -14.36 12.50
N PHE A 585 -4.11 -14.22 13.17
CA PHE A 585 -2.84 -14.07 12.44
C PHE A 585 -1.83 -15.15 12.75
N LEU A 586 -1.74 -15.61 14.00
CA LEU A 586 -0.81 -16.70 14.31
C LEU A 586 -1.11 -17.97 13.51
N PRO A 587 -2.36 -18.40 13.34
CA PRO A 587 -2.61 -19.64 12.60
C PRO A 587 -2.19 -19.57 11.14
N LEU A 588 -2.13 -18.37 10.55
CA LEU A 588 -1.72 -18.24 9.16
C LEU A 588 -0.28 -18.70 8.96
N LEU A 589 0.53 -18.73 10.04
CA LEU A 589 1.93 -19.15 9.90
C LEU A 589 2.03 -20.61 9.51
N THR A 590 1.01 -21.41 9.82
CA THR A 590 1.07 -22.83 9.47
C THR A 590 1.13 -23.04 7.96
N SER A 591 0.31 -22.29 7.22
CA SER A 591 0.33 -22.41 5.77
C SER A 591 1.62 -21.83 5.19
N THR A 592 2.12 -20.75 5.79
CA THR A 592 3.39 -20.19 5.35
C THR A 592 4.52 -21.20 5.52
N ARG A 593 4.51 -21.94 6.63
CA ARG A 593 5.50 -22.99 6.83
C ARG A 593 5.41 -24.04 5.74
N GLU A 594 4.21 -24.48 5.40
CA GLU A 594 4.04 -25.47 4.36
C GLU A 594 4.60 -24.97 3.03
N VAL A 595 4.38 -23.68 2.72
CA VAL A 595 4.92 -23.12 1.49
C VAL A 595 6.45 -23.14 1.52
N ILE A 596 7.05 -22.72 2.63
CA ILE A 596 8.50 -22.68 2.72
C ILE A 596 9.09 -24.08 2.65
N GLU A 597 8.41 -25.06 3.24
CA GLU A 597 8.86 -26.44 3.17
C GLU A 597 8.76 -27.04 1.78
N THR A 598 8.01 -26.41 0.88
CA THR A 598 7.79 -26.94 -0.45
C THR A 598 8.44 -26.10 -1.55
N LEU A 599 9.36 -25.20 -1.17
CA LEU A 599 9.97 -24.33 -2.16
C LEU A 599 10.79 -25.14 -3.15
N ASP A 600 10.82 -24.67 -4.39
CA ASP A 600 11.61 -25.30 -5.45
C ASP A 600 12.17 -24.20 -6.34
N ASN A 601 13.06 -24.60 -7.26
CA ASN A 601 13.83 -23.65 -8.06
C ASN A 601 13.25 -23.45 -9.45
N ASP A 602 12.00 -23.87 -9.69
CA ASP A 602 11.42 -23.73 -11.02
C ASP A 602 11.50 -22.30 -11.53
N ILE A 603 11.21 -21.33 -10.67
CA ILE A 603 11.22 -19.94 -11.14
C ILE A 603 12.64 -19.41 -11.29
N MET A 604 13.63 -20.08 -10.71
CA MET A 604 15.02 -19.70 -10.95
C MET A 604 15.51 -20.25 -12.29
N GLU A 605 15.11 -21.46 -12.66
CA GLU A 605 15.50 -22.03 -13.94
C GLU A 605 14.81 -21.36 -15.11
N LEU A 606 13.65 -20.74 -14.88
CA LEU A 606 12.84 -20.24 -15.97
C LEU A 606 13.58 -19.14 -16.72
N ASP A 607 13.44 -19.17 -18.04
CA ASP A 607 14.03 -18.14 -18.89
C ASP A 607 13.54 -16.75 -18.48
N GLU A 608 14.49 -15.81 -18.38
CA GLU A 608 14.11 -14.43 -18.10
C GLU A 608 13.06 -13.93 -19.09
N ALA A 609 13.20 -14.30 -20.37
CA ALA A 609 12.27 -13.84 -21.38
C ALA A 609 10.85 -14.34 -21.14
N ALA A 610 10.68 -15.37 -20.30
CA ALA A 610 9.35 -15.92 -20.04
C ALA A 610 8.53 -15.06 -19.08
N PHE A 611 9.17 -14.21 -18.29
CA PHE A 611 8.43 -13.29 -17.42
C PHE A 611 7.58 -12.34 -18.24
N MET B 1 9.49 5.06 -25.23
CA MET B 1 8.00 5.17 -25.26
C MET B 1 7.51 5.86 -23.98
N SER B 2 6.27 5.60 -23.60
CA SER B 2 5.66 6.27 -22.45
C SER B 2 5.70 5.35 -21.23
N HIS B 3 5.07 5.80 -20.14
CA HIS B 3 5.00 4.98 -18.93
C HIS B 3 4.21 3.70 -19.16
N TYR B 4 3.23 3.72 -20.05
CA TYR B 4 2.28 2.62 -20.14
C TYR B 4 2.86 1.49 -20.99
N ARG B 5 2.89 0.30 -20.42
CA ARG B 5 3.33 -0.90 -21.12
C ARG B 5 2.15 -1.86 -21.20
N SER B 6 1.74 -2.19 -22.42
CA SER B 6 0.55 -2.99 -22.66
C SER B 6 0.90 -4.47 -22.77
N ASN B 7 -0.13 -5.30 -22.81
CA ASN B 7 0.06 -6.75 -22.99
C ASN B 7 -1.09 -7.29 -23.84
N VAL B 8 -1.14 -6.84 -25.10
CA VAL B 8 -2.15 -7.35 -26.02
C VAL B 8 -2.06 -8.86 -26.14
N ARG B 9 -0.83 -9.40 -26.13
CA ARG B 9 -0.65 -10.84 -26.32
C ARG B 9 -1.41 -11.63 -25.27
N ASP B 10 -1.40 -11.16 -24.02
CA ASP B 10 -2.11 -11.87 -22.96
C ASP B 10 -3.62 -11.74 -23.13
N GLN B 11 -4.10 -10.59 -23.61
CA GLN B 11 -5.53 -10.43 -23.83
C GLN B 11 -6.00 -11.36 -24.94
N VAL B 12 -5.25 -11.45 -26.03
CA VAL B 12 -5.60 -12.35 -27.13
C VAL B 12 -5.56 -13.79 -26.63
N PHE B 13 -4.51 -14.15 -25.90
CA PHE B 13 -4.41 -15.50 -25.33
C PHE B 13 -5.68 -15.86 -24.57
N ASN B 14 -6.13 -14.97 -23.67
CA ASN B 14 -7.32 -15.24 -22.90
C ASN B 14 -8.55 -15.33 -23.80
N LEU B 15 -8.78 -14.31 -24.62
CA LEU B 15 -10.04 -14.21 -25.34
C LEU B 15 -10.20 -15.36 -26.34
N PHE B 16 -9.12 -15.71 -27.03
CA PHE B 16 -9.23 -16.52 -28.24
C PHE B 16 -8.45 -17.83 -28.20
N GLU B 17 -7.70 -18.10 -27.14
CA GLU B 17 -7.12 -19.42 -26.94
C GLU B 17 -7.64 -20.13 -25.71
N VAL B 18 -8.11 -19.41 -24.70
CA VAL B 18 -8.49 -19.99 -23.41
C VAL B 18 -9.99 -19.95 -23.20
N LEU B 19 -10.62 -18.80 -23.42
CA LEU B 19 -12.02 -18.62 -23.00
C LEU B 19 -13.04 -18.90 -24.08
N GLY B 20 -12.65 -18.90 -25.35
CA GLY B 20 -13.54 -19.28 -26.42
C GLY B 20 -14.42 -18.17 -26.98
N VAL B 21 -14.12 -16.91 -26.67
CA VAL B 21 -14.88 -15.81 -27.22
C VAL B 21 -14.88 -15.85 -28.75
N ASP B 22 -13.87 -16.51 -29.35
CA ASP B 22 -13.80 -16.62 -30.80
C ASP B 22 -15.02 -17.35 -31.37
N LYS B 23 -15.63 -18.25 -30.60
CA LYS B 23 -16.75 -19.01 -31.11
C LYS B 23 -18.02 -18.19 -31.23
N ALA B 24 -18.10 -17.04 -30.54
CA ALA B 24 -19.24 -16.15 -30.66
C ALA B 24 -19.06 -15.14 -31.79
N LEU B 25 -17.82 -14.85 -32.19
CA LEU B 25 -17.56 -13.99 -33.32
C LEU B 25 -18.07 -14.66 -34.60
N GLY B 26 -18.44 -13.83 -35.57
CA GLY B 26 -19.05 -14.35 -36.77
C GLY B 26 -20.44 -14.90 -36.59
N HIS B 27 -21.04 -14.68 -35.44
CA HIS B 27 -22.37 -15.21 -35.15
C HIS B 27 -23.18 -14.18 -34.38
N GLY B 28 -24.50 -14.38 -34.38
CA GLY B 28 -25.38 -13.47 -33.68
C GLY B 28 -25.19 -12.04 -34.15
N GLU B 29 -25.19 -11.11 -33.18
CA GLU B 29 -25.00 -9.70 -33.51
C GLU B 29 -23.57 -9.38 -33.93
N PHE B 30 -22.67 -10.35 -33.86
CA PHE B 30 -21.28 -10.17 -34.28
C PHE B 30 -21.00 -10.80 -35.63
N SER B 31 -22.00 -10.77 -36.53
CA SER B 31 -21.86 -11.35 -37.86
C SER B 31 -20.58 -10.87 -38.55
N ASP B 32 -20.33 -9.55 -38.49
CA ASP B 32 -19.28 -8.92 -39.28
C ASP B 32 -18.01 -8.65 -38.48
N VAL B 33 -17.84 -9.36 -37.35
CA VAL B 33 -16.66 -9.22 -36.51
C VAL B 33 -16.02 -10.59 -36.38
N ASP B 34 -14.78 -10.71 -36.82
CA ASP B 34 -14.03 -11.96 -36.70
C ASP B 34 -12.82 -11.74 -35.80
N VAL B 35 -12.06 -12.81 -35.58
CA VAL B 35 -10.93 -12.76 -34.66
C VAL B 35 -9.88 -11.76 -35.14
N ASP B 36 -9.67 -11.68 -36.46
CA ASP B 36 -8.68 -10.74 -36.97
C ASP B 36 -9.11 -9.31 -36.73
N THR B 37 -10.39 -9.01 -36.93
CA THR B 37 -10.91 -7.68 -36.63
C THR B 37 -10.65 -7.30 -35.17
N ALA B 38 -10.91 -8.23 -34.25
CA ALA B 38 -10.73 -7.92 -32.83
C ALA B 38 -9.25 -7.78 -32.49
N ARG B 39 -8.38 -8.62 -33.06
CA ARG B 39 -6.96 -8.50 -32.81
C ARG B 39 -6.44 -7.14 -33.28
N ASP B 40 -6.84 -6.72 -34.47
CA ASP B 40 -6.37 -5.45 -35.02
C ASP B 40 -6.82 -4.28 -34.17
N MET B 41 -8.08 -4.30 -33.71
CA MET B 41 -8.56 -3.21 -32.86
C MET B 41 -7.78 -3.14 -31.55
N LEU B 42 -7.46 -4.30 -30.96
CA LEU B 42 -6.70 -4.32 -29.72
C LEU B 42 -5.32 -3.72 -29.92
N ALA B 43 -4.63 -4.12 -30.98
CA ALA B 43 -3.32 -3.54 -31.27
C ALA B 43 -3.45 -2.04 -31.54
N GLU B 44 -4.51 -1.65 -32.24
CA GLU B 44 -4.71 -0.24 -32.60
C GLU B 44 -4.91 0.62 -31.36
N VAL B 45 -5.77 0.17 -30.44
CA VAL B 45 -6.05 0.97 -29.26
C VAL B 45 -4.88 0.94 -28.28
N SER B 46 -4.15 -0.18 -28.22
CA SER B 46 -2.97 -0.24 -27.36
C SER B 46 -1.92 0.77 -27.81
N ARG B 47 -1.80 1.00 -29.13
CA ARG B 47 -0.89 2.02 -29.63
C ARG B 47 -1.40 3.41 -29.25
N LEU B 48 -2.71 3.65 -29.38
CA LEU B 48 -3.27 4.92 -28.94
C LEU B 48 -3.03 5.12 -27.45
N ALA B 49 -3.24 4.07 -26.65
CA ALA B 49 -3.00 4.18 -25.21
C ALA B 49 -1.54 4.55 -24.93
N GLU B 50 -0.61 3.87 -25.60
CA GLU B 50 0.80 4.07 -25.33
C GLU B 50 1.30 5.43 -25.81
N GLY B 51 0.64 6.02 -26.79
CA GLY B 51 1.05 7.30 -27.33
C GLY B 51 0.24 8.46 -26.80
N PRO B 52 -0.76 8.91 -27.56
CA PRO B 52 -1.45 10.17 -27.21
C PRO B 52 -2.17 10.13 -25.86
N VAL B 53 -2.70 8.98 -25.46
CA VAL B 53 -3.43 8.92 -24.19
C VAL B 53 -2.46 9.03 -23.01
N ALA B 54 -1.43 8.18 -23.00
CA ALA B 54 -0.45 8.18 -21.92
C ALA B 54 0.33 9.47 -21.85
N GLU B 55 0.36 10.25 -22.94
CA GLU B 55 1.21 11.44 -23.01
C GLU B 55 0.95 12.40 -21.87
N SER B 56 -0.30 12.54 -21.42
CA SER B 56 -0.67 13.50 -20.39
C SER B 56 -0.81 12.89 -19.01
N PHE B 57 -0.44 11.62 -18.84
CA PHE B 57 -0.59 10.94 -17.55
C PHE B 57 0.15 11.68 -16.45
N VAL B 58 1.42 12.02 -16.68
CA VAL B 58 2.22 12.67 -15.65
C VAL B 58 1.69 14.08 -15.39
N GLU B 59 1.44 14.86 -16.46
CA GLU B 59 1.03 16.24 -16.27
C GLU B 59 -0.31 16.33 -15.55
N GLY B 60 -1.21 15.38 -15.81
CA GLY B 60 -2.49 15.37 -15.10
C GLY B 60 -2.31 15.34 -13.59
N ASP B 61 -1.28 14.67 -13.11
CA ASP B 61 -1.03 14.56 -11.68
C ASP B 61 -0.21 15.74 -11.15
N ARG B 62 0.78 16.19 -11.91
CA ARG B 62 1.68 17.23 -11.42
C ARG B 62 1.08 18.62 -11.47
N ASN B 63 0.10 18.84 -12.35
CA ASN B 63 -0.52 20.15 -12.54
C ASN B 63 -2.03 19.94 -12.58
N PRO B 64 -2.66 19.77 -11.44
CA PRO B 64 -4.04 19.27 -11.40
C PRO B 64 -5.00 20.29 -12.00
N PRO B 65 -6.26 19.90 -12.22
CA PRO B 65 -7.26 20.84 -12.71
C PRO B 65 -7.41 22.02 -11.77
N VAL B 66 -7.65 23.20 -12.35
CA VAL B 66 -7.86 24.42 -11.58
C VAL B 66 -9.35 24.72 -11.53
N PHE B 67 -9.85 25.00 -10.33
CA PHE B 67 -11.25 25.28 -10.08
C PHE B 67 -11.43 26.77 -9.83
N ASP B 68 -12.36 27.39 -10.56
CA ASP B 68 -12.73 28.78 -10.31
C ASP B 68 -14.10 28.82 -9.65
N PRO B 69 -14.21 29.24 -8.38
CA PRO B 69 -15.49 29.08 -7.68
C PRO B 69 -16.62 29.89 -8.27
N LYS B 70 -16.35 31.14 -8.69
CA LYS B 70 -17.44 32.05 -9.03
C LYS B 70 -18.07 31.74 -10.38
N THR B 71 -17.35 31.08 -11.28
CA THR B 71 -17.94 30.57 -12.51
C THR B 71 -18.22 29.07 -12.43
N HIS B 72 -17.98 28.44 -11.28
CA HIS B 72 -18.32 27.04 -11.06
C HIS B 72 -17.76 26.16 -12.17
N SER B 73 -16.51 26.41 -12.53
CA SER B 73 -15.91 25.78 -13.69
C SER B 73 -14.58 25.15 -13.32
N VAL B 74 -14.31 24.00 -13.96
CA VAL B 74 -13.05 23.28 -13.81
C VAL B 74 -12.29 23.38 -15.13
N MET B 75 -11.03 23.76 -15.06
CA MET B 75 -10.18 23.85 -16.25
C MET B 75 -9.17 22.71 -16.21
N LEU B 76 -9.19 21.88 -17.22
CA LEU B 76 -8.29 20.74 -17.32
C LEU B 76 -7.03 21.10 -18.08
N PRO B 77 -5.90 20.46 -17.78
CA PRO B 77 -4.69 20.70 -18.58
C PRO B 77 -4.96 20.47 -20.05
N GLU B 78 -4.38 21.32 -20.89
CA GLU B 78 -4.60 21.20 -22.33
C GLU B 78 -4.11 19.86 -22.86
N SER B 79 -2.97 19.37 -22.34
CA SER B 79 -2.46 18.08 -22.80
C SER B 79 -3.40 16.95 -22.46
N PHE B 80 -4.15 17.07 -21.35
CA PHE B 80 -5.14 16.06 -21.02
C PHE B 80 -6.34 16.14 -21.96
N LYS B 81 -6.77 17.36 -22.29
CA LYS B 81 -7.87 17.53 -23.24
C LYS B 81 -7.58 16.81 -24.54
N LYS B 82 -6.35 16.96 -25.07
CA LYS B 82 -5.99 16.29 -26.31
C LYS B 82 -6.03 14.78 -26.14
N SER B 83 -5.55 14.28 -24.99
CA SER B 83 -5.63 12.84 -24.73
C SER B 83 -7.08 12.35 -24.79
N VAL B 84 -8.01 13.07 -24.15
CA VAL B 84 -9.42 12.68 -24.19
C VAL B 84 -9.93 12.74 -25.62
N ASN B 85 -9.66 13.84 -26.31
CA ASN B 85 -10.19 14.01 -27.66
C ASN B 85 -9.53 13.06 -28.66
N ALA B 86 -8.30 12.62 -28.40
CA ALA B 86 -7.70 11.59 -29.24
C ALA B 86 -8.47 10.29 -29.13
N MET B 87 -8.90 9.94 -27.91
CA MET B 87 -9.70 8.74 -27.72
C MET B 87 -11.05 8.88 -28.41
N LEU B 88 -11.73 10.01 -28.25
CA LEU B 88 -13.08 10.21 -28.75
C LEU B 88 -13.06 10.29 -30.27
N GLU B 89 -12.09 11.01 -30.84
CA GLU B 89 -12.03 11.14 -32.29
C GLU B 89 -11.79 9.81 -32.98
N ALA B 90 -11.26 8.82 -32.26
CA ALA B 90 -11.10 7.47 -32.80
C ALA B 90 -12.30 6.58 -32.54
N GLY B 91 -13.21 6.98 -31.65
CA GLY B 91 -14.43 6.23 -31.45
C GLY B 91 -14.34 5.02 -30.55
N TRP B 92 -13.29 4.95 -29.72
CA TRP B 92 -13.15 3.82 -28.80
C TRP B 92 -14.21 3.83 -27.71
N ASP B 93 -14.84 4.98 -27.47
CA ASP B 93 -15.90 5.06 -26.48
C ASP B 93 -17.20 4.44 -26.96
N LYS B 94 -17.29 4.06 -28.24
CA LYS B 94 -18.54 3.63 -28.83
C LYS B 94 -18.56 2.17 -29.23
N VAL B 95 -17.48 1.43 -29.02
CA VAL B 95 -17.47 0.02 -29.39
C VAL B 95 -18.36 -0.73 -28.41
N GLY B 96 -19.21 -1.61 -28.93
CA GLY B 96 -20.12 -2.38 -28.13
C GLY B 96 -21.42 -1.69 -27.81
N ILE B 97 -21.62 -0.47 -28.27
CA ILE B 97 -22.79 0.34 -27.96
C ILE B 97 -23.76 0.27 -29.13
N ASP B 98 -25.04 0.44 -28.82
CA ASP B 98 -26.09 0.31 -29.82
C ASP B 98 -25.78 1.14 -31.05
N GLU B 99 -26.14 0.62 -32.23
CA GLU B 99 -25.87 1.35 -33.46
C GLU B 99 -26.66 2.64 -33.53
N ALA B 100 -27.83 2.69 -32.88
CA ALA B 100 -28.58 3.95 -32.83
C ALA B 100 -27.75 5.07 -32.22
N LEU B 101 -26.81 4.72 -31.34
CA LEU B 101 -25.96 5.69 -30.66
C LEU B 101 -24.62 5.87 -31.34
N GLY B 102 -24.43 5.29 -32.51
CA GLY B 102 -23.18 5.41 -33.24
C GLY B 102 -22.19 4.29 -33.06
N GLY B 103 -22.57 3.22 -32.36
CA GLY B 103 -21.67 2.12 -32.09
C GLY B 103 -21.83 0.98 -33.09
N MET B 104 -20.96 -0.02 -32.94
CA MET B 104 -21.09 -1.27 -33.66
C MET B 104 -20.93 -2.42 -32.67
N PRO B 105 -21.58 -3.55 -32.91
CA PRO B 105 -21.61 -4.61 -31.89
C PRO B 105 -20.22 -5.17 -31.64
N MET B 106 -19.99 -5.58 -30.39
CA MET B 106 -18.71 -6.18 -29.99
C MET B 106 -18.94 -6.85 -28.65
N PRO B 107 -18.43 -8.07 -28.45
CA PRO B 107 -18.63 -8.73 -27.13
C PRO B 107 -17.98 -7.90 -26.03
N LYS B 108 -18.67 -7.83 -24.88
CA LYS B 108 -18.16 -7.02 -23.77
C LYS B 108 -16.76 -7.47 -23.35
N ALA B 109 -16.47 -8.77 -23.45
CA ALA B 109 -15.14 -9.26 -23.11
C ALA B 109 -14.07 -8.57 -23.95
N VAL B 110 -14.34 -8.38 -25.24
CA VAL B 110 -13.41 -7.63 -26.08
C VAL B 110 -13.45 -6.15 -25.72
N VAL B 111 -14.64 -5.62 -25.45
CA VAL B 111 -14.75 -4.20 -25.12
C VAL B 111 -13.90 -3.87 -23.89
N TRP B 112 -13.99 -4.71 -22.86
CA TRP B 112 -13.23 -4.43 -21.64
C TRP B 112 -11.75 -4.62 -21.86
N ALA B 113 -11.36 -5.54 -22.75
CA ALA B 113 -9.95 -5.66 -23.12
C ALA B 113 -9.47 -4.42 -23.83
N LEU B 114 -10.30 -3.85 -24.72
CA LEU B 114 -9.95 -2.60 -25.37
C LEU B 114 -9.78 -1.48 -24.34
N HIS B 115 -10.76 -1.35 -23.44
CA HIS B 115 -10.73 -0.27 -22.47
C HIS B 115 -9.66 -0.47 -21.41
N GLU B 116 -9.16 -1.69 -21.22
CA GLU B 116 -8.05 -1.90 -20.31
C GLU B 116 -6.87 -0.99 -20.66
N HIS B 117 -6.59 -0.83 -21.95
CA HIS B 117 -5.42 -0.06 -22.36
C HIS B 117 -5.60 1.41 -22.00
N ILE B 118 -6.81 1.95 -22.16
CA ILE B 118 -7.08 3.32 -21.74
C ILE B 118 -6.98 3.44 -20.24
N LEU B 119 -7.51 2.47 -19.50
CA LEU B 119 -7.48 2.53 -18.05
C LEU B 119 -6.06 2.42 -17.51
N GLY B 120 -5.18 1.72 -18.22
CA GLY B 120 -3.80 1.61 -17.79
C GLY B 120 -2.99 2.83 -18.12
N ALA B 121 -3.29 3.48 -19.26
CA ALA B 121 -2.47 4.60 -19.73
C ALA B 121 -2.85 5.91 -19.08
N ASN B 122 -4.13 6.13 -18.78
CA ASN B 122 -4.62 7.41 -18.27
C ASN B 122 -6.08 7.23 -17.84
N PRO B 123 -6.33 6.59 -16.71
CA PRO B 123 -7.71 6.13 -16.42
C PRO B 123 -8.75 7.23 -16.43
N ALA B 124 -8.40 8.45 -16.01
CA ALA B 124 -9.38 9.52 -15.99
C ALA B 124 -9.93 9.81 -17.37
N VAL B 125 -9.16 9.55 -18.42
CA VAL B 125 -9.65 9.74 -19.78
C VAL B 125 -10.92 8.91 -19.99
N TRP B 126 -10.86 7.64 -19.61
CA TRP B 126 -12.04 6.78 -19.71
C TRP B 126 -13.21 7.38 -18.94
N MET B 127 -12.94 8.00 -17.80
CA MET B 127 -14.01 8.51 -16.96
C MET B 127 -14.66 9.74 -17.59
N TYR B 128 -13.84 10.73 -17.98
CA TYR B 128 -14.41 11.91 -18.63
C TYR B 128 -15.16 11.55 -19.90
N ALA B 129 -14.72 10.52 -20.61
CA ALA B 129 -15.24 10.20 -21.92
C ALA B 129 -16.26 9.06 -21.91
N GLY B 130 -16.83 8.75 -20.75
CA GLY B 130 -17.86 7.74 -20.67
C GLY B 130 -19.24 8.17 -21.13
N GLY B 131 -19.35 9.34 -21.75
CA GLY B 131 -20.65 9.87 -22.12
C GLY B 131 -21.51 8.88 -22.89
N ALA B 132 -20.94 8.27 -23.93
CA ALA B 132 -21.74 7.42 -24.80
C ALA B 132 -22.20 6.16 -24.08
N GLY B 133 -21.41 5.67 -23.14
CA GLY B 133 -21.77 4.49 -22.36
C GLY B 133 -22.91 4.81 -21.42
N PHE B 134 -22.90 6.02 -20.87
CA PHE B 134 -23.99 6.55 -20.04
C PHE B 134 -25.21 6.69 -20.95
N ALA B 135 -25.02 7.17 -22.17
CA ALA B 135 -26.16 7.34 -23.07
C ALA B 135 -26.80 6.00 -23.40
N GLN B 136 -25.98 4.95 -23.51
CA GLN B 136 -26.50 3.60 -23.72
C GLN B 136 -27.51 3.24 -22.64
N ILE B 137 -27.15 3.45 -21.37
CA ILE B 137 -28.05 3.11 -20.28
C ILE B 137 -29.30 3.98 -20.32
N LEU B 138 -29.14 5.28 -20.58
CA LEU B 138 -30.28 6.17 -20.70
C LEU B 138 -31.18 5.74 -21.85
N TYR B 139 -30.57 5.31 -22.97
CA TYR B 139 -31.35 4.80 -24.09
C TYR B 139 -32.10 3.55 -23.69
N HIS B 140 -31.46 2.64 -22.96
CA HIS B 140 -32.14 1.43 -22.52
C HIS B 140 -33.35 1.75 -21.63
N LEU B 141 -33.19 2.69 -20.71
CA LEU B 141 -34.17 2.89 -19.65
C LEU B 141 -35.16 4.01 -19.92
N GLY B 142 -34.97 4.81 -20.95
CA GLY B 142 -35.75 6.01 -21.10
C GLY B 142 -37.01 5.82 -21.95
N THR B 143 -37.91 6.79 -21.82
CA THR B 143 -39.03 6.90 -22.75
C THR B 143 -38.50 7.14 -24.15
N GLU B 144 -39.41 7.12 -25.14
CA GLU B 144 -38.99 7.37 -26.51
C GLU B 144 -38.46 8.79 -26.69
N GLU B 145 -39.07 9.76 -26.00
CA GLU B 145 -38.56 11.12 -26.02
C GLU B 145 -37.13 11.16 -25.48
N GLN B 146 -36.89 10.48 -24.36
CA GLN B 146 -35.56 10.47 -23.75
C GLN B 146 -34.55 9.66 -24.57
N LYS B 147 -35.03 8.75 -25.41
CA LYS B 147 -34.12 8.05 -26.31
C LYS B 147 -33.52 9.01 -27.32
N LYS B 148 -34.33 9.93 -27.85
CA LYS B 148 -33.78 10.94 -28.76
C LYS B 148 -32.73 11.78 -28.07
N TRP B 149 -32.95 12.09 -26.78
CA TRP B 149 -31.93 12.82 -26.02
C TRP B 149 -30.64 12.00 -25.93
N ALA B 150 -30.78 10.70 -25.63
CA ALA B 150 -29.60 9.84 -25.57
C ALA B 150 -28.90 9.81 -26.92
N VAL B 151 -29.65 9.68 -28.01
CA VAL B 151 -29.05 9.72 -29.34
C VAL B 151 -28.31 11.04 -29.54
N LEU B 152 -28.94 12.16 -29.17
CA LEU B 152 -28.27 13.45 -29.28
C LEU B 152 -27.02 13.48 -28.41
N ALA B 153 -27.13 13.02 -27.17
CA ALA B 153 -25.98 13.04 -26.27
C ALA B 153 -24.79 12.28 -26.86
N ALA B 154 -25.07 11.14 -27.49
CA ALA B 154 -23.99 10.33 -28.04
C ALA B 154 -23.30 11.01 -29.21
N GLU B 155 -24.07 11.75 -30.03
CA GLU B 155 -23.53 12.30 -31.26
C GLU B 155 -22.92 13.69 -31.10
N ARG B 156 -23.40 14.46 -30.12
CA ARG B 156 -22.86 15.80 -29.82
C ARG B 156 -21.73 15.60 -28.83
N GLY B 157 -21.61 14.41 -28.25
CA GLY B 157 -20.48 13.96 -27.48
C GLY B 157 -20.68 14.49 -26.10
N TRP B 158 -21.87 14.36 -25.48
CA TRP B 158 -21.83 14.98 -24.17
C TRP B 158 -21.05 14.18 -23.14
N GLY B 159 -20.52 14.91 -22.15
CA GLY B 159 -20.02 14.28 -20.94
C GLY B 159 -21.16 13.80 -20.06
N SER B 160 -20.80 13.05 -19.03
CA SER B 160 -21.82 12.45 -18.19
C SER B 160 -21.26 12.15 -16.80
N THR B 161 -22.16 12.07 -15.82
CA THR B 161 -21.81 11.77 -14.45
C THR B 161 -22.87 10.86 -13.84
N MET B 162 -22.49 10.21 -12.74
CA MET B 162 -23.42 9.43 -11.89
C MET B 162 -23.42 10.11 -10.52
N VAL B 163 -24.61 10.52 -10.09
CA VAL B 163 -24.70 11.45 -8.94
C VAL B 163 -25.56 10.83 -7.86
N LEU B 164 -24.91 10.21 -6.87
CA LEU B 164 -25.56 9.59 -5.74
C LEU B 164 -25.14 10.21 -4.42
N THR B 165 -23.84 10.35 -4.20
CA THR B 165 -23.29 10.55 -2.86
C THR B 165 -23.58 11.93 -2.31
N GLU B 166 -23.83 11.97 -1.01
CA GLU B 166 -23.96 13.19 -0.22
C GLU B 166 -23.11 13.02 1.03
N PRO B 167 -22.74 14.12 1.68
CA PRO B 167 -21.85 13.99 2.85
C PRO B 167 -22.32 12.95 3.85
N ASP B 168 -23.63 12.78 4.01
CA ASP B 168 -24.19 11.83 4.96
C ASP B 168 -24.70 10.56 4.30
N ALA B 169 -24.48 10.40 2.99
CA ALA B 169 -24.99 9.24 2.25
C ALA B 169 -23.91 8.81 1.24
N GLY B 170 -23.02 7.94 1.68
CA GLY B 170 -22.03 7.34 0.79
C GLY B 170 -22.27 5.86 0.62
N SER B 171 -21.84 5.05 1.59
CA SER B 171 -22.21 3.64 1.59
C SER B 171 -23.71 3.48 1.74
N ASP B 172 -24.33 4.33 2.55
CA ASP B 172 -25.77 4.26 2.80
C ASP B 172 -26.47 5.26 1.87
N VAL B 173 -26.55 4.87 0.58
CA VAL B 173 -27.15 5.72 -0.43
C VAL B 173 -28.57 6.13 -0.05
N GLY B 174 -29.27 5.27 0.68
CA GLY B 174 -30.67 5.54 1.04
C GLY B 174 -30.88 6.72 1.95
N ALA B 175 -29.82 7.22 2.58
CA ALA B 175 -29.94 8.37 3.46
C ALA B 175 -29.89 9.71 2.71
N ALA B 176 -29.79 9.69 1.38
CA ALA B 176 -29.68 10.94 0.63
C ALA B 176 -30.92 11.79 0.83
N ARG B 177 -30.72 13.10 0.86
CA ARG B 177 -31.81 14.05 1.10
C ARG B 177 -32.05 15.01 -0.06
N THR B 178 -31.20 15.00 -1.08
CA THR B 178 -31.49 15.76 -2.30
C THR B 178 -32.91 15.47 -2.76
N LYS B 179 -33.70 16.52 -2.93
CA LYS B 179 -35.12 16.36 -3.20
C LYS B 179 -35.48 16.75 -4.63
N ALA B 180 -36.67 16.33 -5.05
CA ALA B 180 -37.17 16.58 -6.39
C ALA B 180 -38.64 16.98 -6.30
N VAL B 181 -38.99 18.10 -6.93
CA VAL B 181 -40.35 18.63 -6.91
C VAL B 181 -40.84 18.70 -8.36
N GLN B 182 -41.99 18.09 -8.63
CA GLN B 182 -42.50 18.02 -9.98
C GLN B 182 -43.12 19.37 -10.38
N GLN B 183 -42.92 19.74 -11.64
CA GLN B 183 -43.43 20.99 -12.17
C GLN B 183 -44.69 20.74 -13.00
N ALA B 184 -45.39 21.84 -13.33
CA ALA B 184 -46.61 21.74 -14.10
C ALA B 184 -46.38 21.10 -15.46
N ASP B 185 -45.22 21.33 -16.07
CA ASP B 185 -44.93 20.80 -17.38
C ASP B 185 -44.40 19.36 -17.34
N GLY B 186 -44.34 18.74 -16.16
CA GLY B 186 -43.85 17.39 -16.02
C GLY B 186 -42.37 17.29 -15.73
N SER B 187 -41.63 18.37 -16.04
CA SER B 187 -40.27 18.56 -15.53
C SER B 187 -40.23 18.38 -14.01
N TRP B 188 -39.02 18.36 -13.47
CA TRP B 188 -38.81 18.40 -12.03
C TRP B 188 -37.74 19.44 -11.71
N HIS B 189 -37.78 19.94 -10.49
CA HIS B 189 -36.75 20.83 -9.98
C HIS B 189 -36.00 20.09 -8.88
N ILE B 190 -34.70 19.89 -9.08
CA ILE B 190 -33.84 19.18 -8.15
C ILE B 190 -33.24 20.18 -7.18
N ASP B 191 -33.15 19.81 -5.90
CA ASP B 191 -32.70 20.72 -4.85
C ASP B 191 -31.89 19.94 -3.84
N GLY B 192 -30.57 20.16 -3.83
CA GLY B 192 -29.71 19.54 -2.84
C GLY B 192 -28.26 19.76 -3.17
N VAL B 193 -27.41 19.14 -2.36
CA VAL B 193 -25.97 19.21 -2.53
C VAL B 193 -25.41 17.79 -2.55
N LYS B 194 -24.70 17.43 -3.63
CA LYS B 194 -24.08 16.13 -3.78
C LYS B 194 -22.57 16.27 -3.63
N ARG B 195 -21.93 15.20 -3.16
CA ARG B 195 -20.50 15.22 -2.82
C ARG B 195 -19.75 14.15 -3.61
N PHE B 196 -18.49 14.46 -3.94
CA PHE B 196 -17.55 13.50 -4.50
C PHE B 196 -17.92 13.11 -5.94
N ILE B 197 -18.43 14.03 -6.74
CA ILE B 197 -18.94 13.68 -8.06
C ILE B 197 -17.82 13.73 -9.08
N THR B 198 -17.47 12.57 -9.65
CA THR B 198 -16.43 12.48 -10.66
C THR B 198 -16.88 13.16 -11.94
N SER B 199 -16.00 14.01 -12.49
CA SER B 199 -16.29 14.70 -13.74
C SER B 199 -17.47 15.65 -13.62
N GLY B 200 -17.72 16.15 -12.41
CA GLY B 200 -18.86 17.03 -12.20
C GLY B 200 -18.84 18.27 -13.05
N ASP B 201 -17.64 18.79 -13.32
CA ASP B 201 -17.44 19.75 -14.39
C ASP B 201 -16.13 19.42 -15.09
N SER B 202 -16.02 19.83 -16.34
CA SER B 202 -14.84 19.60 -17.15
C SER B 202 -14.57 20.78 -18.10
N GLY B 203 -15.09 21.96 -17.79
CA GLY B 203 -14.77 23.14 -18.56
C GLY B 203 -15.36 23.08 -19.95
N ASP B 204 -14.55 23.50 -20.92
CA ASP B 204 -14.96 23.49 -22.33
C ASP B 204 -14.61 22.18 -23.03
N LEU B 205 -14.29 21.12 -22.27
CA LEU B 205 -13.97 19.83 -22.88
C LEU B 205 -15.15 19.29 -23.68
N PHE B 206 -16.37 19.47 -23.16
CA PHE B 206 -17.57 19.02 -23.84
C PHE B 206 -18.55 20.17 -24.00
N GLU B 207 -19.40 20.03 -25.03
CA GLU B 207 -20.51 20.94 -25.25
C GLU B 207 -21.50 20.92 -24.11
N ASN B 208 -21.67 19.79 -23.44
CA ASN B 208 -22.68 19.63 -22.42
C ASN B 208 -22.32 18.43 -21.55
N ILE B 209 -22.94 18.39 -20.39
CA ILE B 209 -22.86 17.26 -19.47
C ILE B 209 -24.28 16.91 -19.05
N PHE B 210 -24.63 15.64 -19.10
CA PHE B 210 -25.92 15.18 -18.58
C PHE B 210 -25.65 14.35 -17.33
N HIS B 211 -26.04 14.90 -16.17
CA HIS B 211 -25.93 14.20 -14.91
C HIS B 211 -27.10 13.24 -14.73
N LEU B 212 -26.81 12.04 -14.25
CA LEU B 212 -27.84 11.08 -13.81
C LEU B 212 -27.86 11.13 -12.28
N VAL B 213 -28.95 11.64 -11.73
CA VAL B 213 -29.00 12.08 -10.34
C VAL B 213 -30.05 11.28 -9.59
N LEU B 214 -29.67 10.77 -8.42
CA LEU B 214 -30.62 10.16 -7.50
C LEU B 214 -31.15 11.24 -6.56
N ALA B 215 -32.48 11.31 -6.44
CA ALA B 215 -33.12 12.33 -5.63
C ALA B 215 -34.47 11.80 -5.16
N ARG B 216 -34.93 12.32 -4.02
CA ARG B 216 -36.14 11.82 -3.40
C ARG B 216 -37.31 12.70 -3.76
N PRO B 217 -38.27 12.23 -4.55
CA PRO B 217 -39.47 13.04 -4.82
C PRO B 217 -40.13 13.47 -3.53
N GLU B 218 -40.63 14.71 -3.51
CA GLU B 218 -41.40 15.19 -2.37
C GLU B 218 -42.44 14.17 -1.97
N GLY B 219 -42.49 13.86 -0.67
CA GLY B 219 -43.42 12.88 -0.16
C GLY B 219 -43.08 11.43 -0.45
N ALA B 220 -41.93 11.16 -1.05
CA ALA B 220 -41.55 9.79 -1.34
C ALA B 220 -41.15 9.07 -0.06
N GLY B 221 -41.16 7.72 -0.12
CA GLY B 221 -40.81 6.92 1.00
C GLY B 221 -39.32 7.06 1.34
N PRO B 222 -38.92 6.40 2.43
CA PRO B 222 -37.52 6.52 2.87
C PRO B 222 -36.61 5.52 2.18
N GLY B 223 -35.31 5.59 2.49
CA GLY B 223 -34.37 4.61 1.99
C GLY B 223 -34.09 4.72 0.51
N THR B 224 -33.41 3.69 0.00
CA THR B 224 -33.07 3.67 -1.42
C THR B 224 -34.31 3.45 -2.29
N LYS B 225 -35.32 2.74 -1.78
CA LYS B 225 -36.50 2.47 -2.57
C LYS B 225 -37.33 3.71 -2.83
N GLY B 226 -37.15 4.76 -2.02
CA GLY B 226 -37.81 6.02 -2.24
C GLY B 226 -37.12 6.98 -3.20
N LEU B 227 -35.95 6.60 -3.72
CA LEU B 227 -35.21 7.47 -4.61
C LEU B 227 -35.61 7.24 -6.07
N SER B 228 -35.64 8.32 -6.83
CA SER B 228 -35.88 8.29 -8.26
C SER B 228 -34.66 8.81 -9.02
N LEU B 229 -34.55 8.45 -10.28
CA LEU B 229 -33.40 8.78 -11.11
C LEU B 229 -33.78 9.85 -12.12
N TYR B 230 -32.96 10.90 -12.21
CA TYR B 230 -33.29 12.07 -13.01
C TYR B 230 -32.17 12.42 -13.98
N PHE B 231 -32.56 12.84 -15.17
CA PHE B 231 -31.67 13.34 -16.21
C PHE B 231 -31.58 14.85 -16.07
N VAL B 232 -30.43 15.34 -15.61
CA VAL B 232 -30.26 16.77 -15.37
C VAL B 232 -29.06 17.30 -16.14
N PRO B 233 -29.27 18.11 -17.18
CA PRO B 233 -28.14 18.61 -17.98
C PRO B 233 -27.53 19.89 -17.45
N LYS B 234 -26.23 20.04 -17.74
CA LYS B 234 -25.54 21.27 -17.41
C LYS B 234 -26.15 22.46 -18.15
N PHE B 235 -26.39 22.31 -19.44
CA PHE B 235 -27.10 23.29 -20.26
C PHE B 235 -28.45 22.74 -20.65
N LEU B 236 -29.50 23.56 -20.55
CA LEU B 236 -30.73 23.25 -21.26
C LEU B 236 -30.41 23.24 -22.75
N PHE B 237 -31.17 22.45 -23.51
CA PHE B 237 -30.84 22.24 -24.90
C PHE B 237 -32.10 22.12 -25.76
N ASP B 238 -31.93 22.38 -27.04
CA ASP B 238 -33.01 22.21 -28.02
C ASP B 238 -33.31 20.72 -28.17
N VAL B 239 -34.55 20.33 -27.83
CA VAL B 239 -34.90 18.93 -27.78
C VAL B 239 -34.85 18.27 -29.16
N GLU B 240 -34.84 19.06 -30.23
CA GLU B 240 -34.76 18.51 -31.57
C GLU B 240 -33.31 18.36 -32.05
N THR B 241 -32.53 19.43 -31.95
CA THR B 241 -31.20 19.48 -32.53
C THR B 241 -30.08 19.20 -31.53
N GLY B 242 -30.31 19.46 -30.25
CA GLY B 242 -29.28 19.29 -29.25
C GLY B 242 -28.48 20.53 -28.94
N GLU B 243 -28.72 21.63 -29.63
CA GLU B 243 -27.93 22.83 -29.43
C GLU B 243 -28.07 23.33 -28.00
N PRO B 244 -26.97 23.58 -27.29
CA PRO B 244 -27.08 24.01 -25.90
C PRO B 244 -27.67 25.40 -25.79
N GLY B 245 -28.49 25.60 -24.75
CA GLY B 245 -29.11 26.89 -24.50
C GLY B 245 -28.79 27.45 -23.13
N GLU B 246 -29.83 27.76 -22.36
CA GLU B 246 -29.66 28.40 -21.07
C GLU B 246 -28.94 27.48 -20.10
N ARG B 247 -28.07 28.05 -19.28
CA ARG B 247 -27.34 27.27 -18.28
C ARG B 247 -28.30 26.80 -17.19
N ASN B 248 -28.35 25.48 -16.97
CA ASN B 248 -29.19 24.88 -15.96
C ASN B 248 -28.54 25.00 -14.58
N GLY B 249 -29.38 24.98 -13.55
CA GLY B 249 -28.94 25.29 -12.20
C GLY B 249 -28.19 24.18 -11.48
N VAL B 250 -27.16 23.65 -12.14
CA VAL B 250 -26.31 22.60 -11.57
C VAL B 250 -24.88 23.13 -11.59
N PHE B 251 -24.30 23.34 -10.40
CA PHE B 251 -23.03 24.03 -10.29
C PHE B 251 -22.08 23.33 -9.34
N VAL B 252 -20.82 23.18 -9.78
CA VAL B 252 -19.73 22.74 -8.92
C VAL B 252 -19.39 23.86 -7.95
N THR B 253 -19.36 23.53 -6.64
CA THR B 253 -18.99 24.49 -5.62
C THR B 253 -17.67 24.17 -4.92
N ASN B 254 -17.04 23.04 -5.24
CA ASN B 254 -15.75 22.70 -4.66
C ASN B 254 -15.17 21.52 -5.41
N VAL B 255 -13.84 21.41 -5.37
CA VAL B 255 -13.10 20.32 -5.99
C VAL B 255 -12.10 19.78 -4.98
N GLU B 256 -12.13 18.46 -4.76
CA GLU B 256 -11.30 17.86 -3.73
C GLU B 256 -9.84 17.82 -4.16
N HIS B 257 -8.95 17.90 -3.17
CA HIS B 257 -7.52 17.67 -3.36
C HIS B 257 -7.22 16.26 -2.85
N LYS B 258 -6.80 15.39 -3.75
CA LYS B 258 -6.77 13.96 -3.50
C LYS B 258 -5.35 13.39 -3.46
N MET B 259 -5.26 12.16 -2.95
CA MET B 259 -4.00 11.41 -2.96
C MET B 259 -3.48 11.22 -4.38
N GLY B 260 -4.38 10.85 -5.28
CA GLY B 260 -4.03 10.56 -6.65
C GLY B 260 -5.25 10.77 -7.50
N LEU B 261 -5.22 10.23 -8.72
CA LEU B 261 -6.29 10.48 -9.70
C LEU B 261 -6.61 11.96 -9.77
N LYS B 262 -5.56 12.79 -9.62
CA LYS B 262 -5.77 14.21 -9.43
C LYS B 262 -6.43 14.86 -10.63
N VAL B 263 -6.23 14.32 -11.83
CA VAL B 263 -6.80 14.94 -13.02
C VAL B 263 -8.31 14.69 -13.13
N SER B 264 -8.85 13.73 -12.37
CA SER B 264 -10.29 13.52 -12.29
C SER B 264 -10.87 14.50 -11.27
N ALA B 265 -11.61 15.49 -11.75
CA ALA B 265 -12.21 16.49 -10.86
C ALA B 265 -13.30 15.83 -10.04
N THR B 266 -13.09 15.75 -8.73
CA THR B 266 -14.03 15.14 -7.79
C THR B 266 -14.73 16.29 -7.08
N CYS B 267 -16.02 16.49 -7.39
CA CYS B 267 -16.68 17.78 -7.17
C CYS B 267 -17.80 17.71 -6.15
N GLU B 268 -17.95 18.80 -5.42
CA GLU B 268 -19.19 19.12 -4.74
C GLU B 268 -20.13 19.76 -5.77
N LEU B 269 -21.31 19.19 -5.94
CA LEU B 269 -22.22 19.59 -7.02
C LEU B 269 -23.55 20.00 -6.41
N ALA B 270 -23.94 21.25 -6.65
CA ALA B 270 -25.10 21.86 -6.03
C ALA B 270 -26.23 21.99 -7.04
N PHE B 271 -27.45 21.66 -6.61
CA PHE B 271 -28.62 21.67 -7.47
C PHE B 271 -29.61 22.70 -6.93
N GLY B 272 -29.83 23.77 -7.69
CA GLY B 272 -30.84 24.76 -7.34
C GLY B 272 -30.51 25.62 -6.14
N GLN B 273 -29.23 25.81 -5.84
CA GLN B 273 -28.82 26.59 -4.68
C GLN B 273 -28.32 27.97 -5.05
N HIS B 274 -28.31 28.32 -6.33
CA HIS B 274 -27.69 29.56 -6.79
C HIS B 274 -28.66 30.34 -7.66
N GLY B 275 -29.91 30.43 -7.24
CA GLY B 275 -30.90 31.25 -7.89
C GLY B 275 -31.44 30.74 -9.20
N VAL B 276 -30.92 29.62 -9.72
CA VAL B 276 -31.36 29.05 -10.98
C VAL B 276 -31.87 27.63 -10.72
N PRO B 277 -33.08 27.29 -11.10
CA PRO B 277 -33.56 25.92 -10.89
C PRO B 277 -32.68 24.91 -11.59
N ALA B 278 -32.58 23.71 -11.00
CA ALA B 278 -31.93 22.56 -11.62
C ALA B 278 -33.05 21.72 -12.24
N LYS B 279 -33.35 21.98 -13.51
CA LYS B 279 -34.44 21.31 -14.19
C LYS B 279 -34.00 19.92 -14.61
N GLY B 280 -34.85 18.92 -14.33
CA GLY B 280 -34.54 17.55 -14.65
C GLY B 280 -35.79 16.78 -15.03
N TRP B 281 -35.56 15.58 -15.55
CA TRP B 281 -36.63 14.71 -16.04
C TRP B 281 -36.50 13.32 -15.46
N LEU B 282 -37.63 12.73 -15.09
CA LEU B 282 -37.66 11.40 -14.51
C LEU B 282 -37.32 10.34 -15.55
N VAL B 283 -36.19 9.65 -15.36
CA VAL B 283 -35.75 8.67 -16.34
C VAL B 283 -36.80 7.59 -16.48
N GLY B 284 -37.21 7.33 -17.73
CA GLY B 284 -38.28 6.41 -18.00
C GLY B 284 -39.65 6.84 -17.50
N GLU B 285 -39.77 8.04 -16.94
CA GLU B 285 -41.02 8.51 -16.33
C GLU B 285 -41.62 7.45 -15.42
N VAL B 286 -40.76 6.75 -14.69
CA VAL B 286 -41.19 5.83 -13.63
C VAL B 286 -40.31 6.09 -12.41
N HIS B 287 -40.84 5.71 -11.25
CA HIS B 287 -40.12 5.85 -9.99
C HIS B 287 -39.47 4.50 -9.69
N ASN B 288 -38.20 4.38 -10.08
CA ASN B 288 -37.47 3.12 -9.99
C ASN B 288 -35.98 3.45 -9.90
N GLY B 289 -35.63 4.32 -8.95
CA GLY B 289 -34.34 5.00 -9.01
C GLY B 289 -33.16 4.08 -8.74
N ILE B 290 -33.23 3.31 -7.65
CA ILE B 290 -32.06 2.54 -7.24
C ILE B 290 -31.82 1.41 -8.24
N ALA B 291 -32.87 0.79 -8.77
CA ALA B 291 -32.70 -0.23 -9.80
C ALA B 291 -32.10 0.39 -11.05
N GLN B 292 -32.65 1.52 -11.51
CA GLN B 292 -32.13 2.19 -12.69
C GLN B 292 -30.65 2.54 -12.50
N MET B 293 -30.32 3.16 -11.36
CA MET B 293 -28.94 3.59 -11.12
C MET B 293 -27.98 2.41 -11.06
N PHE B 294 -28.46 1.24 -10.60
CA PHE B 294 -27.55 0.11 -10.44
C PHE B 294 -27.10 -0.45 -11.78
N GLU B 295 -27.82 -0.16 -12.87
CA GLU B 295 -27.28 -0.45 -14.18
C GLU B 295 -26.01 0.34 -14.43
N VAL B 296 -25.94 1.57 -13.90
CA VAL B 296 -24.72 2.36 -13.98
C VAL B 296 -23.68 1.82 -13.01
N ILE B 297 -24.09 1.50 -11.78
CA ILE B 297 -23.15 1.04 -10.76
C ILE B 297 -22.48 -0.25 -11.21
N GLU B 298 -23.25 -1.15 -11.82
CA GLU B 298 -22.68 -2.42 -12.27
C GLU B 298 -21.54 -2.18 -13.27
N GLN B 299 -21.71 -1.21 -14.16
CA GLN B 299 -20.62 -0.86 -15.07
C GLN B 299 -19.49 -0.17 -14.31
N ALA B 300 -19.84 0.70 -13.34
CA ALA B 300 -18.80 1.36 -12.56
C ALA B 300 -17.94 0.35 -11.81
N ARG B 301 -18.57 -0.67 -11.21
CA ARG B 301 -17.80 -1.65 -10.46
C ARG B 301 -16.94 -2.50 -11.37
N MET B 302 -17.40 -2.78 -12.58
CA MET B 302 -16.58 -3.51 -13.53
C MET B 302 -15.39 -2.66 -13.98
N MET B 303 -15.63 -1.38 -14.30
CA MET B 303 -14.55 -0.49 -14.71
C MET B 303 -13.51 -0.37 -13.62
N VAL B 304 -13.94 -0.15 -12.38
CA VAL B 304 -13.01 0.12 -11.30
C VAL B 304 -12.09 -1.08 -11.07
N GLY B 305 -12.64 -2.29 -11.13
CA GLY B 305 -11.80 -3.46 -10.99
C GLY B 305 -10.86 -3.64 -12.17
N THR B 306 -11.35 -3.42 -13.39
CA THR B 306 -10.52 -3.51 -14.58
C THR B 306 -9.45 -2.42 -14.58
N LYS B 307 -9.77 -1.23 -14.08
CA LYS B 307 -8.76 -0.19 -13.93
C LYS B 307 -7.66 -0.62 -12.98
N ALA B 308 -8.05 -1.13 -11.80
CA ALA B 308 -7.07 -1.58 -10.83
C ALA B 308 -6.13 -2.62 -11.44
N ILE B 309 -6.67 -3.49 -12.28
CA ILE B 309 -5.88 -4.56 -12.88
C ILE B 309 -5.01 -4.01 -14.00
N ALA B 310 -5.56 -3.15 -14.85
CA ALA B 310 -4.75 -2.49 -15.87
C ALA B 310 -3.53 -1.81 -15.25
N THR B 311 -3.73 -1.17 -14.09
CA THR B 311 -2.64 -0.44 -13.44
C THR B 311 -1.57 -1.39 -12.92
N LEU B 312 -1.98 -2.47 -12.25
CA LEU B 312 -1.01 -3.46 -11.80
C LEU B 312 -0.19 -3.99 -12.96
N SER B 313 -0.86 -4.32 -14.08
CA SER B 313 -0.17 -4.91 -15.21
C SER B 313 0.95 -4.00 -15.72
N THR B 314 0.65 -2.72 -15.96
CA THR B 314 1.70 -1.82 -16.43
C THR B 314 2.70 -1.50 -15.30
N GLY B 315 2.26 -1.56 -14.06
CA GLY B 315 3.20 -1.49 -12.96
C GLY B 315 4.17 -2.66 -12.97
N TYR B 316 3.66 -3.86 -13.21
CA TYR B 316 4.53 -5.03 -13.25
C TYR B 316 5.51 -4.95 -14.41
N LEU B 317 5.01 -4.58 -15.60
CA LEU B 317 5.87 -4.56 -16.78
C LEU B 317 6.95 -3.50 -16.68
N ASN B 318 6.65 -2.35 -16.06
CA ASN B 318 7.67 -1.36 -15.81
C ASN B 318 8.73 -1.88 -14.84
N ALA B 319 8.30 -2.60 -13.80
CA ALA B 319 9.25 -3.17 -12.85
C ALA B 319 10.09 -4.25 -13.51
N LEU B 320 9.49 -5.10 -14.33
CA LEU B 320 10.24 -6.13 -15.02
C LEU B 320 11.28 -5.51 -15.95
N GLN B 321 10.87 -4.50 -16.74
CA GLN B 321 11.81 -3.79 -17.60
C GLN B 321 12.99 -3.26 -16.82
N TYR B 322 12.72 -2.58 -15.70
CA TYR B 322 13.80 -2.05 -14.86
C TYR B 322 14.71 -3.16 -14.36
N ALA B 323 14.10 -4.27 -13.91
CA ALA B 323 14.89 -5.32 -13.27
C ALA B 323 15.85 -5.99 -14.26
N LYS B 324 15.40 -6.21 -15.50
CA LYS B 324 16.28 -6.81 -16.49
C LYS B 324 17.56 -5.99 -16.70
N SER B 325 17.48 -4.68 -16.49
CA SER B 325 18.58 -3.80 -16.82
C SER B 325 19.39 -3.32 -15.62
N ARG B 326 18.90 -3.54 -14.40
CA ARG B 326 19.53 -3.00 -13.20
C ARG B 326 20.56 -4.00 -12.69
N VAL B 327 21.83 -3.61 -12.74
CA VAL B 327 22.91 -4.42 -12.19
C VAL B 327 23.12 -4.03 -10.74
N GLN B 328 23.10 -5.02 -9.84
CA GLN B 328 23.36 -4.76 -8.44
C GLN B 328 23.57 -6.07 -7.68
N GLY B 329 24.72 -6.18 -7.00
CA GLY B 329 25.01 -7.33 -6.20
C GLY B 329 25.57 -8.49 -7.00
N ALA B 330 25.94 -9.54 -6.27
CA ALA B 330 26.43 -10.77 -6.86
C ALA B 330 25.39 -11.87 -6.69
N ASP B 331 25.49 -12.89 -7.54
CA ASP B 331 24.61 -14.03 -7.43
C ASP B 331 24.76 -14.67 -6.05
N LEU B 332 23.62 -15.04 -5.45
CA LEU B 332 23.62 -15.63 -4.12
C LEU B 332 24.52 -16.84 -4.02
N THR B 333 24.68 -17.59 -5.12
CA THR B 333 25.54 -18.77 -5.10
C THR B 333 27.01 -18.43 -4.93
N GLN B 334 27.42 -17.22 -5.29
CA GLN B 334 28.79 -16.76 -5.17
C GLN B 334 28.96 -15.72 -4.07
N MET B 335 28.10 -15.81 -3.04
CA MET B 335 28.03 -14.76 -2.04
C MET B 335 29.36 -14.59 -1.30
N THR B 336 30.02 -15.69 -0.95
CA THR B 336 31.27 -15.58 -0.19
C THR B 336 32.35 -14.88 -1.00
N ASP B 337 32.38 -15.11 -2.31
CA ASP B 337 33.39 -14.51 -3.19
C ASP B 337 32.98 -13.06 -3.47
N LYS B 338 33.67 -12.12 -2.82
CA LYS B 338 33.32 -10.72 -2.93
C LYS B 338 33.85 -10.06 -4.19
N THR B 339 34.63 -10.77 -5.00
CA THR B 339 35.06 -10.28 -6.31
C THR B 339 34.24 -10.87 -7.45
N ALA B 340 33.27 -11.72 -7.16
CA ALA B 340 32.43 -12.32 -8.18
C ALA B 340 31.81 -11.22 -9.04
N PRO B 341 31.46 -11.52 -10.29
CA PRO B 341 30.88 -10.48 -11.15
C PRO B 341 29.52 -10.04 -10.64
N ARG B 342 29.21 -8.77 -10.87
CA ARG B 342 27.89 -8.25 -10.55
C ARG B 342 26.87 -8.76 -11.57
N VAL B 343 25.63 -8.92 -11.12
CA VAL B 343 24.58 -9.50 -11.93
C VAL B 343 23.36 -8.58 -11.95
N THR B 344 22.56 -8.71 -12.99
CA THR B 344 21.25 -8.07 -13.01
C THR B 344 20.40 -8.65 -11.90
N ILE B 345 19.46 -7.84 -11.39
CA ILE B 345 18.75 -8.23 -10.17
C ILE B 345 17.70 -9.30 -10.42
N THR B 346 17.31 -9.54 -11.67
CA THR B 346 16.48 -10.71 -11.97
C THR B 346 17.19 -12.01 -11.61
N HIS B 347 18.49 -11.97 -11.31
CA HIS B 347 19.19 -13.14 -10.81
C HIS B 347 18.94 -13.41 -9.34
N HIS B 348 18.36 -12.44 -8.60
CA HIS B 348 18.18 -12.61 -7.16
C HIS B 348 16.83 -13.27 -6.87
N PRO B 349 16.79 -14.30 -6.02
CA PRO B 349 15.53 -15.02 -5.81
C PRO B 349 14.39 -14.15 -5.34
N ASP B 350 14.63 -13.21 -4.43
CA ASP B 350 13.52 -12.41 -3.94
C ASP B 350 12.95 -11.52 -5.04
N VAL B 351 13.79 -11.03 -5.94
CA VAL B 351 13.32 -10.22 -7.05
C VAL B 351 12.47 -11.05 -8.00
N ARG B 352 12.86 -12.31 -8.22
CA ARG B 352 12.07 -13.19 -9.07
C ARG B 352 10.77 -13.61 -8.38
N ARG B 353 10.82 -13.87 -7.06
CA ARG B 353 9.60 -14.09 -6.32
C ARG B 353 8.66 -12.90 -6.46
N SER B 354 9.18 -11.69 -6.24
CA SER B 354 8.36 -10.50 -6.37
C SER B 354 7.76 -10.39 -7.76
N LEU B 355 8.59 -10.57 -8.80
CA LEU B 355 8.10 -10.40 -10.17
C LEU B 355 7.08 -11.47 -10.53
N MET B 356 7.29 -12.72 -10.09
CA MET B 356 6.31 -13.77 -10.36
C MET B 356 5.01 -13.54 -9.62
N THR B 357 5.09 -12.95 -8.41
CA THR B 357 3.89 -12.59 -7.69
C THR B 357 3.10 -11.50 -8.42
N GLN B 358 3.80 -10.44 -8.83
CA GLN B 358 3.18 -9.43 -9.67
C GLN B 358 2.60 -10.04 -10.93
N LYS B 359 3.39 -10.88 -11.63
CA LYS B 359 2.92 -11.53 -12.84
C LYS B 359 1.64 -12.32 -12.59
N ALA B 360 1.63 -13.13 -11.52
CA ALA B 360 0.50 -13.99 -11.27
C ALA B 360 -0.78 -13.19 -11.05
N TYR B 361 -0.69 -12.07 -10.33
CA TYR B 361 -1.90 -11.31 -10.03
C TYR B 361 -2.29 -10.38 -11.17
N ALA B 362 -1.32 -9.85 -11.92
CA ALA B 362 -1.67 -9.09 -13.12
C ALA B 362 -2.39 -9.99 -14.14
N GLU B 363 -1.74 -11.09 -14.52
CA GLU B 363 -2.35 -11.98 -15.49
C GLU B 363 -3.53 -12.73 -14.89
N GLY B 364 -3.40 -13.17 -13.63
CA GLY B 364 -4.51 -13.84 -12.98
C GLY B 364 -5.76 -12.97 -12.93
N LEU B 365 -5.61 -11.70 -12.59
CA LEU B 365 -6.76 -10.82 -12.52
C LEU B 365 -7.23 -10.42 -13.92
N ARG B 366 -6.32 -10.32 -14.89
CA ARG B 366 -6.77 -10.06 -16.25
C ARG B 366 -7.70 -11.18 -16.72
N ALA B 367 -7.28 -12.43 -16.53
CA ALA B 367 -8.14 -13.56 -16.85
C ALA B 367 -9.48 -13.45 -16.13
N LEU B 368 -9.46 -12.97 -14.89
CA LEU B 368 -10.68 -12.98 -14.08
C LEU B 368 -11.72 -12.00 -14.60
N TYR B 369 -11.30 -10.79 -15.00
CA TYR B 369 -12.27 -9.82 -15.51
C TYR B 369 -12.72 -10.19 -16.91
N LEU B 370 -11.84 -10.80 -17.71
CA LEU B 370 -12.24 -11.25 -19.03
C LEU B 370 -13.22 -12.42 -18.93
N TYR B 371 -12.91 -13.39 -18.05
CA TYR B 371 -13.85 -14.47 -17.77
C TYR B 371 -15.18 -13.92 -17.30
N THR B 372 -15.16 -12.95 -16.39
CA THR B 372 -16.39 -12.33 -15.92
C THR B 372 -17.15 -11.72 -17.10
N ALA B 373 -16.43 -11.07 -18.02
CA ALA B 373 -17.08 -10.40 -19.12
C ALA B 373 -17.75 -11.36 -20.11
N THR B 374 -17.36 -12.62 -20.12
CA THR B 374 -18.01 -13.58 -21.00
C THR B 374 -19.43 -13.92 -20.53
N PHE B 375 -19.80 -13.50 -19.32
CA PHE B 375 -21.18 -13.67 -18.84
C PHE B 375 -22.04 -12.44 -19.09
N GLN B 376 -21.46 -11.35 -19.60
CA GLN B 376 -22.19 -10.10 -19.76
C GLN B 376 -22.88 -9.99 -21.12
N ASP B 377 -22.70 -10.96 -22.00
CA ASP B 377 -23.53 -11.11 -23.20
C ASP B 377 -24.16 -12.50 -23.14
N ALA B 378 -25.49 -12.56 -23.18
CA ALA B 378 -26.17 -13.86 -23.09
C ALA B 378 -25.69 -14.82 -24.18
N ALA B 379 -25.42 -14.30 -25.38
CA ALA B 379 -25.00 -15.16 -26.47
C ALA B 379 -23.60 -15.70 -26.25
N VAL B 380 -22.69 -14.86 -25.75
CA VAL B 380 -21.35 -15.34 -25.44
C VAL B 380 -21.40 -16.35 -24.31
N ALA B 381 -22.17 -16.05 -23.25
CA ALA B 381 -22.30 -16.98 -22.14
C ALA B 381 -22.83 -18.32 -22.61
N GLU B 382 -23.78 -18.30 -23.53
CA GLU B 382 -24.35 -19.54 -24.02
C GLU B 382 -23.28 -20.40 -24.70
N VAL B 383 -22.50 -19.81 -25.59
CA VAL B 383 -21.58 -20.60 -26.40
C VAL B 383 -20.34 -21.00 -25.59
N VAL B 384 -19.87 -20.14 -24.69
CA VAL B 384 -18.67 -20.46 -23.93
C VAL B 384 -18.98 -21.39 -22.77
N HIS B 385 -20.07 -21.15 -22.04
CA HIS B 385 -20.35 -21.88 -20.81
C HIS B 385 -21.54 -22.81 -20.91
N GLY B 386 -22.37 -22.71 -21.95
CA GLY B 386 -23.56 -23.53 -22.03
C GLY B 386 -24.60 -23.22 -20.97
N VAL B 387 -24.73 -21.95 -20.59
CA VAL B 387 -25.71 -21.53 -19.61
C VAL B 387 -26.72 -20.62 -20.29
N ASP B 388 -27.95 -20.64 -19.78
CA ASP B 388 -28.98 -19.79 -20.34
C ASP B 388 -28.85 -18.37 -19.81
N ALA B 389 -29.68 -17.46 -20.33
CA ALA B 389 -29.48 -16.04 -20.06
C ALA B 389 -29.61 -15.73 -18.57
N LYS B 390 -30.61 -16.30 -17.91
CA LYS B 390 -30.83 -15.99 -16.49
C LYS B 390 -29.62 -16.36 -15.65
N LEU B 391 -29.05 -17.54 -15.89
CA LEU B 391 -27.90 -17.96 -15.09
C LEU B 391 -26.68 -17.11 -15.39
N ALA B 392 -26.49 -16.70 -16.65
CA ALA B 392 -25.39 -15.81 -16.98
C ALA B 392 -25.49 -14.50 -16.20
N VAL B 393 -26.70 -13.94 -16.09
CA VAL B 393 -26.89 -12.75 -15.29
C VAL B 393 -26.52 -13.00 -13.84
N LYS B 394 -26.88 -14.18 -13.32
CA LYS B 394 -26.56 -14.52 -11.94
C LYS B 394 -25.06 -14.67 -11.74
N VAL B 395 -24.36 -15.27 -12.71
CA VAL B 395 -22.93 -15.45 -12.57
C VAL B 395 -22.21 -14.11 -12.69
N ASN B 396 -22.63 -13.27 -13.64
CA ASN B 396 -22.00 -11.96 -13.74
C ASN B 396 -22.20 -11.18 -12.44
N ASP B 397 -23.40 -11.22 -11.88
CA ASP B 397 -23.66 -10.57 -10.61
C ASP B 397 -22.76 -11.14 -9.53
N LEU B 398 -22.60 -12.47 -9.50
CA LEU B 398 -21.68 -13.07 -8.53
C LEU B 398 -20.26 -12.54 -8.72
N MET B 399 -19.81 -12.40 -9.96
CA MET B 399 -18.40 -12.10 -10.19
C MET B 399 -18.07 -10.62 -10.06
N LEU B 400 -19.05 -9.72 -10.15
CA LEU B 400 -18.74 -8.30 -10.10
C LEU B 400 -18.06 -7.91 -8.80
N PRO B 401 -18.57 -8.26 -7.61
CA PRO B 401 -17.82 -7.94 -6.38
C PRO B 401 -16.44 -8.56 -6.33
N VAL B 402 -16.23 -9.70 -6.98
CA VAL B 402 -14.89 -10.28 -7.02
C VAL B 402 -13.97 -9.43 -7.89
N VAL B 403 -14.39 -9.12 -9.11
CA VAL B 403 -13.59 -8.24 -9.98
C VAL B 403 -13.26 -6.95 -9.24
N LYS B 404 -14.27 -6.31 -8.66
CA LYS B 404 -14.08 -5.00 -8.06
C LYS B 404 -13.34 -5.11 -6.74
N GLY B 405 -13.80 -5.99 -5.85
CA GLY B 405 -13.21 -6.06 -4.51
C GLY B 405 -11.83 -6.66 -4.52
N VAL B 406 -11.66 -7.81 -5.19
CA VAL B 406 -10.35 -8.44 -5.23
C VAL B 406 -9.41 -7.66 -6.14
N GLY B 407 -9.90 -7.21 -7.28
CA GLY B 407 -9.05 -6.43 -8.18
C GLY B 407 -8.49 -5.20 -7.51
N SER B 408 -9.35 -4.40 -6.87
CA SER B 408 -8.90 -3.16 -6.24
C SER B 408 -7.86 -3.43 -5.18
N GLU B 409 -8.12 -4.40 -4.30
CA GLU B 409 -7.25 -4.61 -3.14
C GLU B 409 -5.96 -5.33 -3.53
N GLN B 410 -6.04 -6.36 -4.38
CA GLN B 410 -4.85 -7.09 -4.75
C GLN B 410 -3.96 -6.29 -5.69
N ALA B 411 -4.54 -5.46 -6.56
CA ALA B 411 -3.74 -4.62 -7.43
C ALA B 411 -2.89 -3.64 -6.60
N TYR B 412 -3.52 -2.96 -5.64
CA TYR B 412 -2.78 -2.02 -4.81
C TYR B 412 -1.72 -2.73 -3.98
N ALA B 413 -2.06 -3.90 -3.42
CA ALA B 413 -1.12 -4.62 -2.57
C ALA B 413 0.10 -5.07 -3.38
N LYS B 414 -0.11 -5.50 -4.62
CA LYS B 414 0.98 -6.02 -5.42
C LYS B 414 1.75 -4.93 -6.15
N LEU B 415 1.17 -3.74 -6.31
CA LEU B 415 1.97 -2.61 -6.78
C LEU B 415 3.07 -2.26 -5.78
N THR B 416 2.88 -2.62 -4.51
CA THR B 416 3.94 -2.50 -3.53
C THR B 416 5.17 -3.29 -3.98
N GLU B 417 4.97 -4.50 -4.49
CA GLU B 417 6.07 -5.30 -4.98
C GLU B 417 6.70 -4.67 -6.21
N SER B 418 5.89 -4.15 -7.12
CA SER B 418 6.40 -3.43 -8.29
C SER B 418 7.37 -2.34 -7.86
N LEU B 419 6.94 -1.47 -6.94
CA LEU B 419 7.78 -0.38 -6.49
C LEU B 419 9.03 -0.90 -5.78
N GLN B 420 8.87 -1.93 -4.94
CA GLN B 420 9.99 -2.53 -4.25
C GLN B 420 11.06 -3.00 -5.22
N THR B 421 10.66 -3.43 -6.42
CA THR B 421 11.60 -3.97 -7.39
C THR B 421 12.57 -2.91 -7.91
N LEU B 422 12.16 -1.64 -7.89
CA LEU B 422 13.04 -0.56 -8.33
C LEU B 422 13.98 -0.07 -7.23
N GLY B 423 13.86 -0.60 -6.01
CA GLY B 423 14.66 -0.06 -4.92
C GLY B 423 14.30 1.40 -4.67
N GLY B 424 15.29 2.16 -4.21
CA GLY B 424 15.05 3.55 -3.87
C GLY B 424 14.46 4.36 -5.02
N SER B 425 14.82 4.03 -6.26
CA SER B 425 14.28 4.76 -7.40
C SER B 425 12.77 4.60 -7.52
N GLY B 426 12.19 3.57 -6.91
CA GLY B 426 10.75 3.42 -6.93
C GLY B 426 10.01 4.49 -6.17
N PHE B 427 10.68 5.13 -5.22
CA PHE B 427 10.12 6.23 -4.44
C PHE B 427 10.17 7.56 -5.19
N LEU B 428 10.77 7.59 -6.39
CA LEU B 428 10.93 8.83 -7.14
C LEU B 428 9.79 9.01 -8.13
N GLN B 429 9.42 10.27 -8.34
CA GLN B 429 8.45 10.60 -9.38
C GLN B 429 9.01 10.37 -10.78
N ASP B 430 10.33 10.17 -10.90
CA ASP B 430 10.92 9.84 -12.20
C ASP B 430 10.30 8.59 -12.81
N TYR B 431 9.84 7.66 -11.97
CA TYR B 431 9.21 6.43 -12.42
C TYR B 431 7.72 6.44 -12.08
N PRO B 432 6.90 5.75 -12.87
CA PRO B 432 5.45 5.90 -12.73
C PRO B 432 4.80 5.08 -11.63
N ILE B 433 5.52 4.16 -10.99
CA ILE B 433 4.87 3.27 -10.03
C ILE B 433 4.35 4.06 -8.84
N GLU B 434 5.12 5.05 -8.39
CA GLU B 434 4.67 5.96 -7.36
C GLU B 434 3.26 6.47 -7.66
N GLN B 435 3.04 6.97 -8.87
CA GLN B 435 1.72 7.49 -9.24
C GLN B 435 0.71 6.36 -9.39
N TYR B 436 1.11 5.22 -9.95
CA TYR B 436 0.20 4.08 -10.02
C TYR B 436 -0.43 3.78 -8.67
N ILE B 437 0.40 3.79 -7.61
CA ILE B 437 -0.07 3.43 -6.28
C ILE B 437 -1.06 4.46 -5.76
N ARG B 438 -0.78 5.75 -5.99
CA ARG B 438 -1.68 6.80 -5.53
C ARG B 438 -2.97 6.80 -6.32
N ASP B 439 -2.90 6.49 -7.62
CA ASP B 439 -4.11 6.44 -8.43
C ASP B 439 -4.94 5.20 -8.14
N ALA B 440 -4.30 4.13 -7.66
CA ALA B 440 -4.99 2.86 -7.41
C ALA B 440 -5.65 2.80 -6.04
N LYS B 441 -5.15 3.56 -5.06
CA LYS B 441 -5.71 3.50 -3.71
C LYS B 441 -7.21 3.71 -3.74
N ILE B 442 -7.70 4.59 -4.62
CA ILE B 442 -9.11 4.94 -4.68
C ILE B 442 -9.99 3.77 -5.05
N ASP B 443 -9.43 2.74 -5.71
CA ASP B 443 -10.24 1.68 -6.27
C ASP B 443 -10.92 0.82 -5.20
N SER B 444 -10.38 0.80 -3.98
CA SER B 444 -11.03 0.05 -2.89
C SER B 444 -12.12 0.87 -2.20
N LEU B 445 -12.33 2.11 -2.62
CA LEU B 445 -13.25 3.00 -1.91
C LEU B 445 -14.46 3.36 -2.75
N TYR B 446 -14.26 3.97 -3.93
CA TYR B 446 -15.42 4.39 -4.71
C TYR B 446 -15.98 3.20 -5.49
N ALA B 447 -17.19 3.40 -6.02
CA ALA B 447 -18.01 2.33 -6.56
C ALA B 447 -18.37 1.31 -5.49
N GLY B 448 -18.30 1.70 -4.22
CA GLY B 448 -18.61 0.81 -3.12
C GLY B 448 -17.37 0.23 -2.48
N THR B 449 -17.18 0.47 -1.18
CA THR B 449 -16.00 0.01 -0.50
C THR B 449 -15.96 -1.51 -0.46
N THR B 450 -14.77 -2.04 -0.18
CA THR B 450 -14.57 -3.48 -0.16
C THR B 450 -15.53 -4.18 0.79
N ALA B 451 -15.80 -3.58 1.95
CA ALA B 451 -16.74 -4.17 2.89
C ALA B 451 -18.14 -4.25 2.27
N ILE B 452 -18.52 -3.23 1.50
CA ILE B 452 -19.82 -3.27 0.81
C ILE B 452 -19.80 -4.31 -0.29
N GLN B 453 -18.65 -4.48 -0.98
CA GLN B 453 -18.55 -5.53 -1.99
C GLN B 453 -18.71 -6.90 -1.35
N ALA B 454 -18.04 -7.14 -0.22
CA ALA B 454 -18.08 -8.45 0.42
C ALA B 454 -19.45 -8.74 1.02
N GLN B 455 -20.12 -7.72 1.53
CA GLN B 455 -21.49 -7.90 2.03
C GLN B 455 -22.43 -8.24 0.89
N ASP B 456 -22.36 -7.50 -0.21
CA ASP B 456 -23.13 -7.82 -1.40
C ASP B 456 -22.84 -9.23 -1.89
N PHE B 457 -21.57 -9.62 -1.91
CA PHE B 457 -21.16 -10.91 -2.46
C PHE B 457 -21.84 -12.05 -1.70
N PHE B 458 -21.75 -12.03 -0.37
CA PHE B 458 -22.32 -13.13 0.40
C PHE B 458 -23.85 -13.02 0.51
N PHE B 459 -24.35 -11.90 1.02
CA PHE B 459 -25.77 -11.82 1.33
C PHE B 459 -26.62 -11.79 0.07
N ARG B 460 -26.22 -11.01 -0.93
CA ARG B 460 -27.04 -10.84 -2.12
C ARG B 460 -26.70 -11.84 -3.22
N LYS B 461 -25.42 -12.11 -3.46
CA LYS B 461 -25.05 -12.93 -4.61
C LYS B 461 -24.91 -14.42 -4.27
N ILE B 462 -25.00 -14.81 -3.00
CA ILE B 462 -24.93 -16.22 -2.64
C ILE B 462 -26.19 -16.62 -1.87
N VAL B 463 -26.48 -15.92 -0.77
CA VAL B 463 -27.60 -16.30 0.08
C VAL B 463 -28.92 -16.05 -0.63
N ARG B 464 -29.10 -14.83 -1.15
CA ARG B 464 -30.32 -14.52 -1.88
C ARG B 464 -30.40 -15.29 -3.18
N ASP B 465 -29.24 -15.61 -3.77
CA ASP B 465 -29.14 -16.41 -4.98
C ASP B 465 -29.33 -17.89 -4.72
N LYS B 466 -29.49 -18.31 -3.47
CA LYS B 466 -29.55 -19.71 -3.08
C LYS B 466 -28.30 -20.48 -3.51
N GLY B 467 -27.19 -19.79 -3.72
CA GLY B 467 -25.94 -20.43 -4.06
C GLY B 467 -25.86 -21.00 -5.44
N VAL B 468 -26.84 -20.73 -6.30
CA VAL B 468 -26.88 -21.32 -7.63
C VAL B 468 -25.66 -20.91 -8.43
N ALA B 469 -25.43 -19.60 -8.57
CA ALA B 469 -24.31 -19.14 -9.38
C ALA B 469 -22.98 -19.65 -8.83
N LEU B 470 -22.81 -19.61 -7.50
CA LEU B 470 -21.56 -20.09 -6.90
C LEU B 470 -21.39 -21.59 -7.14
N ALA B 471 -22.48 -22.35 -7.02
CA ALA B 471 -22.41 -23.78 -7.27
C ALA B 471 -22.04 -24.07 -8.72
N HIS B 472 -22.46 -23.21 -9.65
CA HIS B 472 -22.09 -23.42 -11.04
C HIS B 472 -20.59 -23.23 -11.24
N VAL B 473 -20.05 -22.11 -10.76
CA VAL B 473 -18.61 -21.88 -10.89
C VAL B 473 -17.84 -22.96 -10.13
N SER B 474 -18.28 -23.26 -8.90
CA SER B 474 -17.64 -24.34 -8.14
C SER B 474 -17.67 -25.64 -8.90
N GLY B 475 -18.79 -25.94 -9.57
CA GLY B 475 -18.88 -27.17 -10.32
C GLY B 475 -17.94 -27.23 -11.50
N GLN B 476 -17.73 -26.08 -12.17
CA GLN B 476 -16.77 -26.05 -13.27
C GLN B 476 -15.35 -26.28 -12.77
N ILE B 477 -15.03 -25.74 -11.59
CA ILE B 477 -13.71 -26.00 -11.01
C ILE B 477 -13.59 -27.46 -10.60
N GLN B 478 -14.67 -28.01 -10.02
CA GLN B 478 -14.64 -29.42 -9.64
C GLN B 478 -14.35 -30.31 -10.85
N GLU B 479 -15.05 -30.09 -11.96
CA GLU B 479 -14.80 -30.87 -13.16
C GLU B 479 -13.35 -30.72 -13.64
N PHE B 480 -12.85 -29.48 -13.65
CA PHE B 480 -11.47 -29.27 -14.07
C PHE B 480 -10.51 -30.03 -13.18
N VAL B 481 -10.77 -30.04 -11.88
CA VAL B 481 -9.86 -30.65 -10.92
C VAL B 481 -9.93 -32.17 -10.98
N ASP B 482 -11.08 -32.72 -11.38
CA ASP B 482 -11.25 -34.16 -11.47
C ASP B 482 -10.77 -34.75 -12.79
N SER B 483 -10.46 -33.92 -13.78
CA SER B 483 -9.93 -34.41 -15.05
C SER B 483 -8.42 -34.61 -14.95
N GLY B 488 -0.72 -34.62 -16.89
CA GLY B 488 0.49 -35.23 -16.37
C GLY B 488 1.42 -34.24 -15.70
N ARG B 489 1.89 -33.25 -16.47
CA ARG B 489 2.77 -32.23 -15.94
C ARG B 489 2.06 -31.25 -15.01
N LEU B 490 0.74 -31.23 -15.02
CA LEU B 490 -0.05 -30.30 -14.22
C LEU B 490 -0.83 -30.99 -13.12
N LYS B 491 -0.46 -32.23 -12.78
CA LYS B 491 -1.22 -33.00 -11.80
C LYS B 491 -1.07 -32.41 -10.40
N THR B 492 0.15 -32.06 -10.00
CA THR B 492 0.36 -31.49 -8.68
C THR B 492 -0.39 -30.17 -8.53
N GLU B 493 -0.37 -29.34 -9.58
CA GLU B 493 -1.07 -28.07 -9.53
C GLU B 493 -2.58 -28.28 -9.37
N ARG B 494 -3.13 -29.29 -10.04
CA ARG B 494 -4.56 -29.55 -9.95
C ARG B 494 -4.95 -30.05 -8.56
N ALA B 495 -4.03 -30.77 -7.89
CA ALA B 495 -4.34 -31.24 -6.54
C ALA B 495 -4.34 -30.08 -5.55
N LEU B 496 -3.44 -29.11 -5.75
CA LEU B 496 -3.48 -27.91 -4.91
C LEU B 496 -4.74 -27.10 -5.14
N LEU B 497 -5.24 -27.08 -6.38
CA LEU B 497 -6.50 -26.41 -6.67
C LEU B 497 -7.68 -27.17 -6.05
N ALA B 498 -7.64 -28.50 -6.10
CA ALA B 498 -8.67 -29.29 -5.42
C ALA B 498 -8.74 -28.92 -3.94
N LYS B 499 -7.57 -28.79 -3.30
CA LYS B 499 -7.54 -28.40 -1.90
C LYS B 499 -8.12 -27.00 -1.72
N ALA B 500 -7.76 -26.06 -2.61
CA ALA B 500 -8.26 -24.69 -2.48
C ALA B 500 -9.75 -24.63 -2.68
N LEU B 501 -10.29 -25.41 -3.62
CA LEU B 501 -11.75 -25.46 -3.79
C LEU B 501 -12.42 -25.96 -2.51
N THR B 502 -11.89 -27.04 -1.93
CA THR B 502 -12.42 -27.55 -0.69
C THR B 502 -12.32 -26.53 0.44
N ASP B 503 -11.21 -25.78 0.49
CA ASP B 503 -11.05 -24.78 1.53
C ASP B 503 -12.11 -23.68 1.41
N VAL B 504 -12.37 -23.23 0.18
CA VAL B 504 -13.34 -22.16 -0.01
C VAL B 504 -14.75 -22.66 0.25
N GLN B 505 -15.06 -23.90 -0.14
CA GLN B 505 -16.37 -24.45 0.16
C GLN B 505 -16.58 -24.58 1.67
N GLY B 506 -15.52 -24.88 2.41
CA GLY B 506 -15.62 -24.91 3.86
C GLY B 506 -15.80 -23.54 4.46
N MET B 507 -15.20 -22.51 3.84
CA MET B 507 -15.46 -21.14 4.25
C MET B 507 -16.93 -20.79 4.08
N ALA B 508 -17.48 -21.07 2.90
CA ALA B 508 -18.89 -20.75 2.64
C ALA B 508 -19.82 -21.49 3.60
N ALA B 509 -19.50 -22.75 3.90
CA ALA B 509 -20.34 -23.51 4.83
C ALA B 509 -20.30 -22.90 6.23
N ALA B 510 -19.12 -22.50 6.69
CA ALA B 510 -19.01 -21.87 7.99
C ALA B 510 -19.84 -20.59 8.05
N LEU B 511 -19.74 -19.75 7.03
CA LEU B 511 -20.47 -18.50 7.02
C LEU B 511 -21.97 -18.75 6.94
N THR B 512 -22.40 -19.72 6.13
CA THR B 512 -23.82 -20.07 6.11
C THR B 512 -24.27 -20.59 7.47
N GLY B 513 -23.39 -21.29 8.19
CA GLY B 513 -23.74 -21.73 9.53
C GLY B 513 -23.96 -20.58 10.48
N TYR B 514 -23.05 -19.59 10.45
CA TYR B 514 -23.25 -18.38 11.23
C TYR B 514 -24.57 -17.71 10.87
N LEU B 515 -24.90 -17.69 9.58
CA LEU B 515 -26.16 -17.10 9.14
C LEU B 515 -27.34 -17.85 9.74
N MET B 516 -27.38 -19.18 9.59
CA MET B 516 -28.45 -19.99 10.14
C MET B 516 -28.59 -19.77 11.64
N ALA B 517 -27.46 -19.79 12.35
CA ALA B 517 -27.48 -19.63 13.79
C ALA B 517 -28.10 -18.30 14.21
N ALA B 518 -28.09 -17.30 13.34
CA ALA B 518 -28.63 -16.00 13.71
C ALA B 518 -30.12 -16.03 13.98
N GLN B 519 -30.81 -17.12 13.61
CA GLN B 519 -32.23 -17.23 13.93
C GLN B 519 -32.47 -17.33 15.43
N GLN B 520 -31.52 -17.90 16.16
CA GLN B 520 -31.63 -17.97 17.62
C GLN B 520 -30.99 -16.74 18.28
N ASP B 521 -29.76 -16.40 17.87
CA ASP B 521 -29.06 -15.23 18.38
C ASP B 521 -28.67 -14.36 17.18
N VAL B 522 -29.36 -13.23 17.00
CA VAL B 522 -29.17 -12.43 15.81
C VAL B 522 -27.75 -11.89 15.70
N THR B 523 -27.01 -11.81 16.81
CA THR B 523 -25.63 -11.34 16.76
C THR B 523 -24.71 -12.33 16.06
N SER B 524 -25.15 -13.56 15.79
CA SER B 524 -24.36 -14.47 14.97
C SER B 524 -24.06 -13.88 13.60
N LEU B 525 -24.88 -12.95 13.14
CA LEU B 525 -24.63 -12.30 11.86
C LEU B 525 -23.30 -11.57 11.85
N TYR B 526 -22.87 -11.02 13.01
CA TYR B 526 -21.60 -10.30 13.05
C TYR B 526 -20.46 -11.17 12.55
N LYS B 527 -20.50 -12.47 12.86
CA LYS B 527 -19.47 -13.39 12.39
C LYS B 527 -19.38 -13.38 10.87
N VAL B 528 -20.51 -13.39 10.19
CA VAL B 528 -20.49 -13.31 8.74
C VAL B 528 -19.75 -12.06 8.29
N GLY B 529 -20.06 -10.92 8.91
CA GLY B 529 -19.39 -9.68 8.55
C GLY B 529 -17.91 -9.72 8.84
N LEU B 530 -17.52 -10.33 9.96
CA LEU B 530 -16.11 -10.42 10.29
C LEU B 530 -15.33 -11.22 9.26
N GLY B 531 -15.93 -12.24 8.67
CA GLY B 531 -15.27 -13.08 7.70
C GLY B 531 -15.50 -12.71 6.26
N SER B 532 -16.35 -11.74 5.97
CA SER B 532 -16.84 -11.55 4.61
C SER B 532 -15.70 -11.18 3.65
N VAL B 533 -14.82 -10.27 4.06
CA VAL B 533 -13.81 -9.78 3.13
C VAL B 533 -12.76 -10.86 2.87
N ARG B 534 -12.33 -11.57 3.93
CA ARG B 534 -11.39 -12.68 3.73
C ARG B 534 -12.00 -13.76 2.86
N PHE B 535 -13.32 -14.00 3.00
CA PHE B 535 -13.99 -14.93 2.12
C PHE B 535 -14.00 -14.42 0.68
N LEU B 536 -14.37 -13.16 0.48
CA LEU B 536 -14.31 -12.58 -0.86
C LEU B 536 -12.92 -12.75 -1.47
N MET B 537 -11.88 -12.42 -0.72
CA MET B 537 -10.52 -12.53 -1.25
C MET B 537 -10.12 -13.97 -1.53
N SER B 538 -10.61 -14.91 -0.71
CA SER B 538 -10.30 -16.32 -0.93
C SER B 538 -10.93 -16.84 -2.23
N VAL B 539 -12.18 -16.44 -2.49
CA VAL B 539 -12.80 -16.84 -3.75
C VAL B 539 -12.00 -16.31 -4.93
N GLY B 540 -11.50 -15.07 -4.83
CA GLY B 540 -10.69 -14.54 -5.90
C GLY B 540 -9.43 -15.35 -6.15
N ASP B 541 -8.71 -15.69 -5.07
CA ASP B 541 -7.52 -16.53 -5.23
C ASP B 541 -7.89 -17.88 -5.85
N LEU B 542 -9.04 -18.43 -5.47
CA LEU B 542 -9.46 -19.71 -6.03
C LEU B 542 -9.68 -19.60 -7.54
N ILE B 543 -10.41 -18.58 -7.97
CA ILE B 543 -10.73 -18.45 -9.39
C ILE B 543 -9.50 -18.02 -10.18
N ILE B 544 -8.63 -17.22 -9.58
CA ILE B 544 -7.33 -16.94 -10.22
C ILE B 544 -6.56 -18.23 -10.44
N GLY B 545 -6.48 -19.06 -9.39
CA GLY B 545 -5.75 -20.30 -9.51
C GLY B 545 -6.27 -21.17 -10.64
N TRP B 546 -7.59 -21.31 -10.72
CA TRP B 546 -8.22 -22.13 -11.75
C TRP B 546 -7.93 -21.58 -13.14
N LEU B 547 -8.22 -20.29 -13.36
CA LEU B 547 -8.00 -19.70 -14.68
C LEU B 547 -6.55 -19.83 -15.10
N LEU B 548 -5.60 -19.63 -14.18
CA LEU B 548 -4.19 -19.77 -14.54
C LEU B 548 -3.87 -21.20 -14.95
N GLN B 549 -4.47 -22.19 -14.28
CA GLN B 549 -4.22 -23.59 -14.65
C GLN B 549 -4.88 -23.94 -15.97
N ARG B 550 -6.05 -23.37 -16.27
CA ARG B 550 -6.59 -23.50 -17.61
C ARG B 550 -5.64 -22.93 -18.64
N GLN B 551 -5.00 -21.80 -18.32
CA GLN B 551 -4.01 -21.23 -19.21
C GLN B 551 -2.81 -22.16 -19.37
N ALA B 552 -2.35 -22.74 -18.26
CA ALA B 552 -1.17 -23.59 -18.31
C ALA B 552 -1.39 -24.80 -19.20
N ALA B 553 -2.62 -25.34 -19.21
CA ALA B 553 -2.94 -26.47 -20.07
C ALA B 553 -2.86 -26.08 -21.54
N VAL B 554 -3.41 -24.93 -21.90
CA VAL B 554 -3.30 -24.44 -23.27
C VAL B 554 -1.84 -24.20 -23.62
N ALA B 555 -1.04 -23.74 -22.66
CA ALA B 555 0.37 -23.48 -22.93
C ALA B 555 1.15 -24.78 -23.12
N VAL B 556 0.87 -25.79 -22.29
CA VAL B 556 1.55 -27.08 -22.44
C VAL B 556 1.28 -27.65 -23.84
N ALA B 557 0.03 -27.61 -24.29
CA ALA B 557 -0.31 -28.09 -25.62
C ALA B 557 0.45 -27.30 -26.69
N ALA B 558 0.58 -25.99 -26.51
CA ALA B 558 1.28 -25.17 -27.50
C ALA B 558 2.77 -25.51 -27.53
N LEU B 559 3.37 -25.76 -26.37
CA LEU B 559 4.78 -26.13 -26.35
C LEU B 559 5.00 -27.49 -27.01
N ASP B 560 4.15 -28.47 -26.70
CA ASP B 560 4.28 -29.79 -27.31
C ASP B 560 4.17 -29.72 -28.83
N ALA B 561 3.29 -28.86 -29.33
CA ALA B 561 3.12 -28.70 -30.77
C ALA B 561 4.27 -27.96 -31.43
N GLY B 562 5.30 -27.59 -30.68
CA GLY B 562 6.51 -27.04 -31.26
C GLY B 562 6.69 -25.55 -31.18
N ALA B 563 6.14 -24.89 -30.16
CA ALA B 563 6.29 -23.45 -30.03
C ALA B 563 7.77 -23.08 -29.98
N THR B 564 8.11 -21.97 -30.61
CA THR B 564 9.49 -21.50 -30.69
C THR B 564 9.53 -20.01 -30.41
N GLY B 565 10.75 -19.52 -30.13
CA GLY B 565 10.99 -18.09 -30.04
C GLY B 565 10.17 -17.42 -28.95
N ASP B 566 9.64 -16.24 -29.27
CA ASP B 566 8.89 -15.46 -28.29
C ASP B 566 7.63 -16.19 -27.84
N GLU B 567 6.97 -16.89 -28.75
CA GLU B 567 5.77 -17.64 -28.39
C GLU B 567 6.09 -18.70 -27.36
N ARG B 568 7.25 -19.37 -27.51
CA ARG B 568 7.64 -20.39 -26.54
C ARG B 568 7.92 -19.77 -25.18
N SER B 569 8.52 -18.57 -25.16
CA SER B 569 8.75 -17.89 -23.89
C SER B 569 7.44 -17.45 -23.25
N PHE B 570 6.48 -17.01 -24.07
CA PHE B 570 5.16 -16.66 -23.55
C PHE B 570 4.51 -17.86 -22.88
N TYR B 571 4.47 -18.99 -23.58
CA TYR B 571 3.82 -20.18 -23.05
C TYR B 571 4.58 -20.75 -21.87
N GLU B 572 5.93 -20.70 -21.92
CA GLU B 572 6.71 -21.14 -20.77
C GLU B 572 6.36 -20.33 -19.53
N GLY B 573 6.14 -19.03 -19.69
CA GLY B 573 5.79 -18.20 -18.55
C GLY B 573 4.44 -18.54 -17.96
N LYS B 574 3.50 -19.03 -18.78
CA LYS B 574 2.21 -19.40 -18.27
C LYS B 574 2.27 -20.68 -17.43
N VAL B 575 3.03 -21.68 -17.88
CA VAL B 575 3.20 -22.88 -17.09
C VAL B 575 3.79 -22.52 -15.73
N ALA B 576 4.81 -21.67 -15.73
CA ALA B 576 5.52 -21.35 -14.50
C ALA B 576 4.64 -20.54 -13.55
N VAL B 577 3.89 -19.57 -14.08
CA VAL B 577 3.14 -18.69 -13.20
C VAL B 577 1.94 -19.40 -12.61
N ALA B 578 1.33 -20.32 -13.37
CA ALA B 578 0.22 -21.10 -12.81
C ALA B 578 0.71 -22.01 -11.70
N SER B 579 1.89 -22.62 -11.88
CA SER B 579 2.46 -23.49 -10.85
C SER B 579 2.93 -22.69 -9.65
N PHE B 580 3.59 -21.56 -9.89
CA PHE B 580 4.00 -20.70 -8.78
C PHE B 580 2.83 -20.28 -7.92
N PHE B 581 1.74 -19.82 -8.55
CA PHE B 581 0.58 -19.38 -7.78
C PHE B 581 0.00 -20.53 -6.99
N ALA B 582 -0.11 -21.70 -7.60
CA ALA B 582 -0.69 -22.86 -6.93
C ALA B 582 0.10 -23.24 -5.69
N LYS B 583 1.42 -23.18 -5.76
CA LYS B 583 2.25 -23.65 -4.65
C LYS B 583 2.46 -22.59 -3.57
N ASN B 584 2.33 -21.30 -3.91
CA ASN B 584 2.68 -20.24 -2.98
C ASN B 584 1.48 -19.48 -2.42
N PHE B 585 0.35 -19.50 -3.10
CA PHE B 585 -0.80 -18.72 -2.64
C PHE B 585 -2.05 -19.55 -2.36
N LEU B 586 -2.22 -20.68 -3.05
CA LEU B 586 -3.42 -21.48 -2.81
C LEU B 586 -3.39 -22.11 -1.42
N PRO B 587 -2.23 -22.59 -0.94
CA PRO B 587 -2.23 -23.22 0.39
C PRO B 587 -2.55 -22.26 1.52
N LEU B 588 -2.36 -20.96 1.34
CA LEU B 588 -2.70 -20.00 2.38
C LEU B 588 -4.20 -20.03 2.67
N LEU B 589 -5.02 -20.46 1.71
CA LEU B 589 -6.46 -20.52 1.93
C LEU B 589 -6.83 -21.52 3.01
N THR B 590 -5.97 -22.50 3.28
CA THR B 590 -6.27 -23.48 4.33
C THR B 590 -6.32 -22.80 5.70
N SER B 591 -5.30 -22.01 6.03
CA SER B 591 -5.30 -21.32 7.32
C SER B 591 -6.47 -20.34 7.40
N THR B 592 -6.78 -19.66 6.29
CA THR B 592 -7.89 -18.73 6.30
C THR B 592 -9.21 -19.42 6.60
N ARG B 593 -9.42 -20.62 6.04
CA ARG B 593 -10.61 -21.39 6.38
C ARG B 593 -10.66 -21.67 7.88
N GLU B 594 -9.55 -22.12 8.45
CA GLU B 594 -9.54 -22.43 9.88
C GLU B 594 -9.89 -21.19 10.71
N VAL B 595 -9.38 -20.02 10.30
CA VAL B 595 -9.71 -18.80 11.02
C VAL B 595 -11.19 -18.48 10.89
N ILE B 596 -11.75 -18.59 9.68
CA ILE B 596 -13.16 -18.30 9.48
C ILE B 596 -14.03 -19.28 10.24
N GLU B 597 -13.64 -20.55 10.27
CA GLU B 597 -14.41 -21.55 11.02
C GLU B 597 -14.42 -21.25 12.51
N THR B 598 -13.51 -20.41 12.99
CA THR B 598 -13.28 -20.18 14.42
C THR B 598 -13.69 -18.79 14.87
N LEU B 599 -14.25 -17.96 13.98
CA LEU B 599 -14.63 -16.61 14.33
C LEU B 599 -15.52 -16.60 15.57
N ASP B 600 -15.34 -15.55 16.39
CA ASP B 600 -16.19 -15.30 17.55
C ASP B 600 -16.55 -13.82 17.58
N ASN B 601 -17.41 -13.43 18.52
CA ASN B 601 -17.86 -12.05 18.63
C ASN B 601 -17.18 -11.31 19.77
N ASP B 602 -16.00 -11.76 20.21
CA ASP B 602 -15.30 -11.07 21.29
C ASP B 602 -15.13 -9.59 20.97
N ILE B 603 -14.69 -9.27 19.74
CA ILE B 603 -14.44 -7.88 19.41
C ILE B 603 -15.72 -7.09 19.15
N MET B 604 -16.86 -7.77 18.99
CA MET B 604 -18.13 -7.05 18.87
C MET B 604 -18.61 -6.58 20.25
N GLU B 605 -18.48 -7.44 21.26
CA GLU B 605 -18.94 -7.12 22.61
C GLU B 605 -17.98 -6.21 23.35
N LEU B 606 -16.74 -6.10 22.87
CA LEU B 606 -15.76 -5.24 23.51
C LEU B 606 -16.27 -3.81 23.57
N ASP B 607 -16.01 -3.15 24.69
CA ASP B 607 -16.40 -1.76 24.83
C ASP B 607 -15.62 -0.92 23.83
N GLU B 608 -16.33 -0.02 23.14
CA GLU B 608 -15.69 0.84 22.15
C GLU B 608 -14.49 1.57 22.73
N ALA B 609 -14.53 1.95 24.01
CA ALA B 609 -13.44 2.71 24.61
C ALA B 609 -12.18 1.87 24.76
N ALA B 610 -12.28 0.54 24.68
CA ALA B 610 -11.10 -0.30 24.80
C ALA B 610 -10.21 -0.25 23.57
N PHE B 611 -10.71 0.27 22.45
CA PHE B 611 -9.91 0.39 21.24
C PHE B 611 -8.86 1.48 21.40
PA FAD C . 18.90 -1.58 -5.58
O1A FAD C . 20.08 -1.91 -4.75
O2A FAD C . 19.19 -1.41 -7.08
O5B FAD C . 17.74 -2.67 -5.40
C5B FAD C . 16.78 -2.93 -6.45
C4B FAD C . 16.02 -4.19 -6.12
O4B FAD C . 16.94 -5.31 -6.10
C3B FAD C . 15.33 -4.18 -4.75
O3B FAD C . 14.09 -4.87 -4.80
C2B FAD C . 16.32 -4.91 -3.87
O2B FAD C . 15.71 -5.56 -2.76
C1B FAD C . 16.87 -5.96 -4.85
N9A FAD C . 18.19 -6.47 -4.51
C8A FAD C . 19.39 -5.81 -4.62
N7A FAD C . 20.41 -6.53 -4.23
C5A FAD C . 19.86 -7.73 -3.82
C6A FAD C . 20.42 -8.91 -3.30
N6A FAD C . 21.73 -9.08 -3.08
N1A FAD C . 19.57 -9.91 -2.99
C2A FAD C . 18.26 -9.76 -3.20
N3A FAD C . 17.63 -8.69 -3.68
C4A FAD C . 18.48 -7.71 -3.99
N1 FAD C . 21.81 6.22 1.12
C2 FAD C . 22.78 6.75 1.92
O2 FAD C . 23.92 6.29 1.94
N3 FAD C . 22.49 7.83 2.73
C4 FAD C . 21.26 8.47 2.81
O4 FAD C . 21.12 9.44 3.56
C4X FAD C . 20.24 7.90 1.97
N5 FAD C . 19.06 8.45 1.97
C5X FAD C . 18.08 7.92 1.16
C6 FAD C . 16.82 8.50 1.16
C7 FAD C . 15.81 8.00 0.35
C7M FAD C . 14.44 8.65 0.38
C8 FAD C . 16.06 6.88 -0.49
C8M FAD C . 15.00 6.31 -1.37
C9 FAD C . 17.33 6.31 -0.49
C9A FAD C . 18.33 6.81 0.33
N10 FAD C . 19.62 6.24 0.34
C10 FAD C . 20.61 6.78 1.15
C1' FAD C . 19.95 5.11 -0.50
C2' FAD C . 19.19 3.86 -0.16
O2' FAD C . 19.79 3.25 0.99
C3' FAD C . 19.21 2.88 -1.33
O3' FAD C . 18.27 3.32 -2.30
C4' FAD C . 18.87 1.45 -0.94
O4' FAD C . 19.99 0.84 -0.29
C5' FAD C . 18.46 0.62 -2.14
O5' FAD C . 19.46 0.77 -3.17
P FAD C . 19.04 1.06 -4.66
O1P FAD C . 18.07 2.25 -4.71
O2P FAD C . 20.23 1.20 -5.54
O3P FAD C . 18.23 -0.24 -5.06
H51A FAD C . 17.24 -3.04 -7.27
H52A FAD C . 16.19 -2.21 -6.52
H4B FAD C . 15.37 -4.35 -6.77
H3B FAD C . 15.22 -3.29 -4.47
HO3A FAD C . 14.17 -5.61 -4.43
H2B FAD C . 16.99 -4.34 -3.57
HO2A FAD C . 14.97 -5.21 -2.61
H1B FAD C . 16.26 -6.68 -4.91
H8A FAD C . 19.47 -4.95 -4.96
H61A FAD C . 22.19 -8.45 -2.69
H62A FAD C . 22.11 -9.82 -3.33
H2A FAD C . 17.73 -10.48 -2.97
HN3 FAD C . 23.13 8.14 3.23
H6 FAD C . 16.79 9.21 1.76
HM71 FAD C . 14.54 9.56 0.59
HM72 FAD C . 14.05 8.57 -0.47
HM73 FAD C . 13.91 8.24 1.02
HM81 FAD C . 14.19 6.77 -1.23
HM82 FAD C . 15.24 6.41 -2.27
HM83 FAD C . 14.88 5.40 -1.18
H9 FAD C . 17.18 5.46 -0.84
H1'1 FAD C . 19.76 5.33 -1.40
H1'2 FAD C . 20.87 4.92 -0.41
H2' FAD C . 18.29 4.06 0.03
HO2' FAD C . 20.56 3.00 0.80
H3' FAD C . 20.07 2.90 -1.71
HO3' FAD C . 17.50 3.18 -2.02
H4' FAD C . 18.16 1.48 -0.33
HO4' FAD C . 19.81 0.06 -0.09
H5'1 FAD C . 17.63 0.90 -2.46
H5'2 FAD C . 18.42 -0.29 -1.89
C1 ST9 D . 20.19 5.32 4.54
C2 ST9 D . 19.45 5.92 5.77
O2 ST9 D . 19.58 5.00 3.57
C3 ST9 D . 18.98 7.38 5.49
C4 ST9 D . 18.23 7.91 6.79
C5 ST9 D . 19.27 8.71 7.62
C6 ST9 D . 18.72 8.98 9.07
C7 ST9 D . 19.91 9.21 10.05
C8 ST9 D . 20.39 7.88 10.69
C9 ST9 D . 20.57 8.00 12.25
C10 ST9 D . 21.92 8.69 12.63
C11 ST9 D . 22.43 8.33 14.06
C12 ST9 D . 21.42 8.60 15.21
C13 ST9 D . 20.96 10.09 15.33
C14 ST9 D . 20.10 10.17 16.62
C15 ST9 D . 19.64 11.62 16.96
C16 ST9 D . 19.01 11.72 18.36
C17 ST9 D . 19.74 10.87 19.42
C18 ST9 D . 19.32 11.23 20.84
N1A ST9 D . 25.43 -5.19 11.15
O1A ST9 D . 30.33 -9.43 3.53
P1A ST9 D . 29.15 -8.74 4.17
C1B ST9 D . 29.71 -5.48 8.37
S1P ST9 D . 22.02 5.12 4.58
C2A ST9 D . 26.65 -4.75 11.47
O2A ST9 D . 28.14 -9.76 4.65
P2A ST9 D . 28.97 -7.19 1.68
C2B ST9 D . 30.51 -6.33 8.90
O2B ST9 D . 31.69 -5.58 9.43
C2P ST9 D . 22.46 3.32 4.61
N3A ST9 D . 27.68 -4.93 10.60
O3A ST9 D . 28.44 -7.68 3.15
C3B ST9 D . 30.98 -7.21 7.76
O3B ST9 D . 32.21 -7.73 8.03
P3B ST9 D . 32.29 -9.23 8.70
C3P ST9 D . 21.84 2.69 3.33
C4A ST9 D . 27.47 -5.52 9.41
O4A ST9 D . 30.41 -6.73 1.70
C4B ST9 D . 31.06 -6.21 6.57
O4B ST9 D . 30.14 -5.35 6.78
N4P ST9 D . 22.63 1.55 2.79
C5A ST9 D . 26.24 -5.95 9.09
O5A ST9 D . 28.79 -8.31 0.69
C5B ST9 D . 30.79 -6.96 5.22
O5B ST9 D . 29.69 -7.84 5.46
C5P ST9 D . 22.56 0.21 3.40
O5P ST9 D . 21.90 0.00 4.37
C6A ST9 D . 25.21 -5.78 9.98
N6A ST9 D . 23.81 -6.13 9.85
O6A ST9 D . 27.97 -5.92 1.31
C6P ST9 D . 23.38 -0.94 2.77
N7A ST9 D . 26.30 -6.49 7.87
O7A ST9 D . 31.88 -9.15 10.15
C7P ST9 D . 22.41 -2.06 2.38
C8A ST9 D . 27.57 -6.41 7.44
O8A ST9 D . 31.35 -10.17 7.98
N8P ST9 D . 23.15 -3.20 1.88
N9A ST9 D . 28.29 -5.81 8.40
O9A ST9 D . 33.71 -9.73 8.57
C9P ST9 D . 23.62 -4.23 2.80
O9P ST9 D . 23.38 -4.14 3.96
CAP ST9 D . 24.41 -5.41 2.24
OAP ST9 D . 23.92 -6.59 2.84
CBP ST9 D . 25.92 -5.29 2.50
CCP ST9 D . 26.59 -6.20 1.48
CDP ST9 D . 26.24 -5.73 3.91
CEP ST9 D . 26.40 -3.85 2.31
H2 ST9 D . 20.06 5.93 6.53
H2A ST9 D . 18.68 5.38 5.98
H3 ST9 D . 19.74 7.94 5.30
H3A ST9 D . 18.37 7.38 4.74
H4 ST9 D . 17.50 8.48 6.52
H4A ST9 D . 17.90 7.17 7.31
H5 ST9 D . 19.44 9.56 7.18
H5A ST9 D . 20.10 8.21 7.67
H6 ST9 D . 18.21 8.20 9.36
H6A ST9 D . 18.15 9.76 9.06
H7 ST9 D . 20.64 9.61 9.57
H7A ST9 D . 19.62 9.81 10.76
H8 ST9 D . 21.25 7.64 10.30
H8A ST9 D . 19.74 7.18 10.51
H9 ST9 D . 19.84 8.52 12.61
H9A ST9 D . 20.56 7.11 12.64
H10 ST9 D . 21.79 9.66 12.58
H10A ST9 D . 22.59 8.43 11.98
H11 ST9 D . 22.66 7.38 14.07
H11A ST9 D . 23.23 8.85 14.24
H12 ST9 D . 21.84 8.33 16.04
H12A ST9 D . 20.64 8.04 15.06
H13 ST9 D . 20.43 10.34 14.56
H13A ST9 D . 21.72 10.68 15.40
H14 ST9 D . 19.31 9.62 16.51
H14A ST9 D . 20.62 9.84 17.37
H15 ST9 D . 20.41 12.21 16.91
H15A ST9 D . 18.99 11.90 16.29
H16 ST9 D . 19.02 12.64 18.65
H16A ST9 D . 18.08 11.42 18.31
H17 ST9 D . 19.54 9.93 19.26
H17A ST9 D . 20.70 11.02 19.33
H18 ST9 D . 19.00 10.43 21.30
H18A ST9 D . 20.08 11.59 21.33
H18B ST9 D . 18.61 11.89 20.82
H1B ST9 D . 29.85 -4.67 8.89
H2AA ST9 D . 26.81 -4.33 12.29
H2B ST9 D . 30.04 -6.87 9.56
HO2B ST9 D . 31.62 -5.49 10.28
H2P ST9 D . 23.42 3.21 4.60
H2PA ST9 D . 22.09 2.89 5.40
H3B ST9 D . 30.37 -7.95 7.60
H3P ST9 D . 20.95 2.37 3.55
H3PA ST9 D . 21.78 3.37 2.65
H4B ST9 D . 31.94 -5.78 6.54
HN4P ST9 D . 23.13 1.68 2.11
H5B ST9 D . 31.58 -7.46 4.96
H5BA ST9 D . 30.56 -6.32 4.53
HN6A ST9 D . 23.23 -5.75 10.34
HN6B ST9 D . 23.57 -6.74 9.28
H6P ST9 D . 24.03 -1.27 3.41
H6PA ST9 D . 23.85 -0.62 1.99
H7P ST9 D . 21.89 -2.33 3.16
H7PA ST9 D . 21.80 -1.74 1.69
H8AA ST9 D . 27.89 -6.70 6.62
HN8P ST9 D . 23.33 -3.27 1.05
HAP ST9 D . 24.30 -5.42 1.27
HOAP ST9 D . 23.25 -6.87 2.39
HCP ST9 D . 26.50 -7.12 1.79
HCPA ST9 D . 26.14 -6.10 0.63
HDP ST9 D . 27.15 -5.49 4.12
HDPA ST9 D . 25.63 -5.29 4.53
HDPB ST9 D . 26.13 -6.69 3.97
HEP ST9 D . 26.03 -3.29 3.01
HEPA ST9 D . 27.37 -3.82 2.36
HEPB ST9 D . 26.12 -3.52 1.44
PA FAD E . -18.51 5.60 4.39
O1A FAD E . -19.70 5.03 3.74
O2A FAD E . -18.79 6.56 5.55
O5B FAD E . -17.54 4.42 4.85
C5B FAD E . -16.57 4.61 5.90
C4B FAD E . -16.10 3.26 6.40
O4B FAD E . -17.22 2.54 7.00
C3B FAD E . -15.55 2.34 5.31
O3B FAD E . -14.47 1.56 5.80
C2B FAD E . -16.75 1.49 4.95
O2B FAD E . -16.40 0.23 4.40
C1B FAD E . -17.41 1.32 6.32
N9A FAD E . -18.84 1.04 6.27
C8A FAD E . -19.85 1.91 5.96
N7A FAD E . -21.05 1.37 5.98
C5A FAD E . -20.80 0.05 6.32
C6A FAD E . -21.65 -1.07 6.51
N6A FAD E . -22.98 -1.02 6.38
N1A FAD E . -21.08 -2.24 6.85
C2A FAD E . -19.75 -2.31 6.99
N3A FAD E . -18.85 -1.33 6.83
C4A FAD E . -19.45 -0.17 6.50
N1 FAD E . -20.04 8.80 -5.62
C2 FAD E . -20.94 9.00 -6.62
O2 FAD E . -22.15 8.76 -6.47
N3 FAD E . -20.51 9.45 -7.85
C4 FAD E . -19.22 9.75 -8.20
O4 FAD E . -18.96 10.17 -9.33
C4X FAD E . -18.26 9.54 -7.13
N5 FAD E . -16.99 9.82 -7.37
C5X FAD E . -16.07 9.64 -6.34
C6 FAD E . -14.73 9.93 -6.56
C7 FAD E . -13.78 9.75 -5.56
C7M FAD E . -12.34 10.09 -5.85
C8 FAD E . -14.18 9.28 -4.30
C8M FAD E . -13.19 9.09 -3.19
C9 FAD E . -15.52 8.99 -4.07
C9A FAD E . -16.47 9.17 -5.07
N10 FAD E . -17.84 8.93 -4.85
C10 FAD E . -18.76 9.06 -5.87
C1' FAD E . -18.27 8.34 -3.58
C2' FAD E . -18.16 6.85 -3.64
O2' FAD E . -19.28 6.28 -4.30
C3' FAD E . -18.01 6.23 -2.26
O3' FAD E . -19.03 5.22 -2.15
C4' FAD E . -18.05 7.04 -0.98
O4' FAD E . -16.89 7.85 -0.91
C5' FAD E . -18.09 6.07 0.18
O5' FAD E . -18.86 6.64 1.25
P FAD E . -18.15 7.49 2.34
O1P FAD E . -16.94 8.15 1.69
O2P FAD E . -19.22 8.33 3.03
O3P FAD E . -17.62 6.38 3.33
H51A FAD E . -16.97 5.08 6.62
H52A FAD E . -15.84 5.10 5.58
H4B FAD E . -15.45 3.37 7.07
H3B FAD E . -15.28 2.85 4.56
HO3A FAD E . -14.48 1.58 6.64
H2B FAD E . -17.33 1.94 4.35
HO2A FAD E . -16.31 -0.33 5.01
H1B FAD E . -16.98 0.63 6.79
H8A FAD E . -19.70 2.80 5.76
H61A FAD E . -23.36 -0.29 6.09
H62A FAD E . -23.45 -1.71 6.59
H2A FAD E . -19.41 -3.14 7.22
HN3 FAD E . -21.12 9.55 -8.47
H6 FAD E . -14.61 10.23 -7.43
HM71 FAD E . -12.28 10.47 -6.70
HM72 FAD E . -12.03 10.70 -5.21
HM73 FAD E . -11.83 9.30 -5.81
HM81 FAD E . -12.39 9.51 -3.41
HM82 FAD E . -13.54 9.45 -2.39
HM83 FAD E . -13.04 8.17 -3.08
H9 FAD E . -15.50 8.42 -3.34
H1'1 FAD E . -17.74 8.66 -2.88
H1'2 FAD E . -19.17 8.57 -3.42
H2' FAD E . -17.37 6.65 -4.11
HO2' FAD E . -19.92 6.24 -3.77
H3' FAD E . -17.13 5.92 -2.26
HO3' FAD E . -18.73 4.51 -2.45
H4' FAD E . -18.79 7.63 -0.96
HO4' FAD E . -16.21 7.38 -0.99
H5'1 FAD E . -17.21 5.89 0.48
H5'2 FAD E . -18.49 5.26 -0.10
C1 ST9 F . -18.91 5.96 -8.11
C2 ST9 F . -18.36 5.54 -9.46
O2 ST9 F . -18.27 6.14 -7.11
C3 ST9 F . -17.38 6.41 -10.20
C4 ST9 F . -17.87 6.97 -11.53
C5 ST9 F . -17.18 6.42 -12.74
C6 ST9 F . -18.08 6.32 -13.94
C7 ST9 F . -18.45 4.93 -14.42
C8 ST9 F . -19.45 4.99 -15.55
C9 ST9 F . -19.81 3.76 -16.31
C10 ST9 F . -20.16 4.05 -17.76
C11 ST9 F . -21.10 3.08 -18.40
C12 ST9 F . -20.45 2.17 -19.39
C13 ST9 F . -21.14 0.82 -19.60
C14 ST9 F . -22.41 0.85 -20.48
C15 ST9 F . -22.17 0.59 -21.95
C16 ST9 F . -22.46 -0.85 -22.42
C17 ST9 F . -22.49 -0.84 -23.91
C18 ST9 F . -23.46 -1.66 -24.73
N1A ST9 F . -26.81 -5.15 -8.22
O1A ST9 F . -32.05 -3.22 0.04
P1A ST9 F . -30.79 -3.27 -0.70
C1B ST9 F . -30.66 -2.75 -5.90
S1P ST9 F . -20.65 6.03 -8.20
C2A ST9 F . -27.97 -4.68 -8.68
O2A ST9 F . -29.87 -4.35 -0.37
P2A ST9 F . -30.02 -0.87 0.59
C2B ST9 F . -31.84 -3.65 -6.17
O2B ST9 F . -32.67 -3.06 -7.13
C2P ST9 F . -21.34 5.57 -6.59
N3A ST9 F . -28.93 -4.07 -8.01
O3A ST9 F . -30.05 -1.90 -0.57
C3B ST9 F . -32.39 -3.81 -4.76
O3B ST9 F . -33.75 -4.13 -4.72
P3B ST9 F . -34.10 -5.64 -4.59
C3P ST9 F . -21.10 4.24 -6.02
C4A ST9 F . -28.67 -4.01 -6.71
O4A ST9 F . -31.24 -0.08 0.49
C4B ST9 F . -32.16 -2.44 -4.17
O4B ST9 F . -30.91 -2.01 -4.73
N4P ST9 F . -21.89 3.99 -4.84
C5A ST9 F . -27.58 -4.55 -6.07
O5A ST9 F . -29.83 -1.62 1.81
C5B ST9 F . -32.08 -2.37 -2.67
O5B ST9 F . -31.10 -3.28 -2.21
C5P ST9 F . -22.10 2.73 -4.44
O5P ST9 F . -21.51 1.83 -4.99
C6A ST9 F . -26.62 -5.14 -6.89
N6A ST9 F . -25.46 -5.45 -6.43
O6A ST9 F . -28.78 0.03 0.24
C6P ST9 F . -23.08 2.46 -3.33
N7A ST9 F . -27.60 -4.30 -4.73
O7A ST9 F . -33.71 -6.15 -5.86
C7P ST9 F . -22.49 1.68 -2.20
C8A ST9 F . -28.73 -3.67 -4.56
O8A ST9 F . -33.46 -6.21 -3.48
N8P ST9 F . -23.48 1.14 -1.28
N9A ST9 F . -29.42 -3.48 -5.72
O9A ST9 F . -35.49 -5.56 -4.43
C9P ST9 F . -24.15 0.01 -1.49
O9P ST9 F . -24.00 -0.65 -2.47
CAP ST9 F . -25.14 -0.42 -0.43
OAP ST9 F . -24.98 -1.77 -0.15
CBP ST9 F . -26.59 -0.13 -0.79
CCP ST9 F . -27.45 -0.44 0.43
CDP ST9 F . -27.04 -0.99 -1.97
CEP ST9 F . -26.73 1.34 -1.17
H2 ST9 F . -17.95 4.69 -9.34
H2A ST9 F . -19.11 5.41 -10.02
H3 ST9 F . -16.62 5.86 -10.39
H3A ST9 F . -17.11 7.14 -9.63
H4 ST9 F . -18.84 6.79 -11.61
H4A ST9 F . -17.75 7.94 -11.52
H5 ST9 F . -16.42 7.00 -12.97
H5A ST9 F . -16.83 5.53 -12.53
H6 ST9 F . -18.91 6.80 -13.74
H6A ST9 F . -17.65 6.79 -14.68
H7 ST9 F . -17.64 4.46 -14.72
H7A ST9 F . -18.84 4.42 -13.67
H8 ST9 F . -20.27 5.37 -15.18
H8A ST9 F . -19.10 5.64 -16.20
H9 ST9 F . -20.59 3.35 -15.87
H9A ST9 F . -19.08 3.12 -16.26
H10 ST9 F . -20.57 4.95 -17.80
H10A ST9 F . -19.34 4.08 -18.28
H11 ST9 F . -21.53 2.54 -17.70
H11A ST9 F . -21.81 3.59 -18.86
H12 ST9 F . -19.53 1.99 -19.09
H12A ST9 F . -20.39 2.62 -20.26
H13 ST9 F . -21.39 0.47 -18.73
H13A ST9 F . -20.50 0.20 -20.01
H14 ST9 F . -23.04 0.18 -20.15
H14A ST9 F . -22.84 1.73 -20.39
H15 ST9 F . -21.24 0.79 -22.16
H15A ST9 F . -22.73 1.20 -22.47
H16 ST9 F . -21.76 -1.45 -22.10
H16A ST9 F . -23.33 -1.14 -22.07
H17 ST9 F . -21.57 -1.02 -24.24
H17A ST9 F . -22.67 0.05 -24.11
H18 ST9 F . -22.97 -2.20 -25.37
H18A ST9 F . -24.07 -1.09 -25.21
H18B ST9 F . -23.97 -2.24 -24.14
H1B ST9 F . -30.55 -2.14 -6.65
H2AA ST9 F . -28.09 -4.73 -9.61
H2B ST9 F . -31.53 -4.53 -6.51
HO2B ST9 F . -32.60 -3.49 -7.86
H2P ST9 F . -21.04 6.21 -5.93
H2PA ST9 F . -22.30 5.66 -6.63
H3B ST9 F . -31.87 -4.50 -4.26
H3P ST9 F . -20.14 4.16 -5.79
H3PA ST9 F . -21.30 3.57 -6.70
H4B ST9 F . -32.87 -1.84 -4.47
HN4P ST9 F . -22.23 4.65 -4.38
H5B ST9 F . -31.83 -1.45 -2.40
H5BA ST9 F . -32.96 -2.58 -2.28
HN6A ST9 F . -25.36 -5.64 -5.57
HN6B ST9 F . -24.75 -5.40 -6.94
H6P ST9 F . -23.42 3.31 -2.99
H6PA ST9 F . -23.85 1.97 -3.69
H7P ST9 F . -21.89 2.25 -1.69
H7PA ST9 F . -21.97 0.93 -2.57
H8AA ST9 F . -29.04 -3.37 -3.72
HN8P ST9 F . -23.66 1.59 -0.55
HAP ST9 F . -24.94 0.08 0.40
HOAP ST9 F . -24.35 -1.87 0.42
HCP ST9 F . -27.06 -0.01 1.22
HCPA ST9 F . -27.46 -1.41 0.58
HDP ST9 F . -27.67 -0.51 -2.52
HDPA ST9 F . -27.47 -1.80 -1.63
HDPB ST9 F . -26.27 -1.23 -2.51
HEP ST9 F . -26.28 1.49 -2.03
HEPA ST9 F . -27.66 1.57 -1.25
HEPB ST9 F . -26.31 1.90 -0.49
#